data_6N0Z
#
_entry.id   6N0Z
#
_cell.length_a   80.800
_cell.length_b   138.090
_cell.length_c   105.130
_cell.angle_alpha   90.00
_cell.angle_beta   96.12
_cell.angle_gamma   90.00
#
_symmetry.space_group_name_H-M   'P 1 21 1'
#
loop_
_entity.id
_entity.type
_entity.pdbx_description
1 polymer 'Diphosphomevalonate decarboxylase'
2 non-polymer '(3R)-3-HYDROXY-5-{[(R)-HYDROXY(PHOSPHONOOXY)PHOSPHORYL]OXY}-3-METHYLPENTANOIC ACID'
3 water water
#
_entity_poly.entity_id   1
_entity_poly.type   'polypeptide(L)'
_entity_poly.pdbx_seq_one_letter_code
;GSHGMGQATAIAHPNIAFIKYWGKRDAVLRIPENGSISMNLAELTVKTTVIFEKHSREDTLILNGALADEPALKRVSHFL
DRVREFAGISWHAHVISENNFPTGAGIASSAAAFAALALAATSAIGLHLSERDLSRLARKGSGSACRSIPGGFVEWIPGE
TDEDSYAVSIAPPEHWALTDCIAILSTQHKPIGSTQGMALASTSPLQPARVADTPRRLEIVRRAILERDFLSLAEMIEHD
SNLMHAVMMTSTPPLFYWEPVSLVIMKSVREWRESGLPCAYTLDAGPNVHVICPSEYAEEVIFRLTSIPGVQTVLKASAG
DSAKLIEQSL
;
_entity_poly.pdbx_strand_id   A,B,C,D,E,F
#
loop_
_chem_comp.id
_chem_comp.type
_chem_comp.name
_chem_comp.formula
DP6 non-polymer '(3R)-3-HYDROXY-5-{[(R)-HYDROXY(PHOSPHONOOXY)PHOSPHORYL]OXY}-3-METHYLPENTANOIC ACID' 'C6 H14 O10 P2'
#
# COMPACT_ATOMS: atom_id res chain seq x y z
N GLY A 4 -53.20 -3.77 -22.45
CA GLY A 4 -53.07 -2.45 -21.84
C GLY A 4 -53.07 -2.55 -20.33
N MET A 5 -51.99 -3.10 -19.77
CA MET A 5 -51.94 -3.51 -18.38
C MET A 5 -51.46 -2.41 -17.43
N GLY A 6 -51.02 -1.27 -17.95
CA GLY A 6 -50.55 -0.18 -17.11
C GLY A 6 -49.69 0.78 -17.88
N GLN A 7 -49.68 2.04 -17.47
CA GLN A 7 -49.09 3.09 -18.28
C GLN A 7 -48.59 4.20 -17.37
N ALA A 8 -47.43 4.77 -17.69
CA ALA A 8 -47.01 5.95 -16.96
C ALA A 8 -45.98 6.73 -17.78
N THR A 9 -45.86 8.01 -17.47
CA THR A 9 -44.93 8.91 -18.15
C THR A 9 -44.09 9.61 -17.09
N ALA A 10 -42.78 9.63 -17.29
CA ALA A 10 -41.87 10.35 -16.41
C ALA A 10 -40.90 11.19 -17.22
N ILE A 11 -40.39 12.26 -16.61
CA ILE A 11 -39.31 13.05 -17.20
C ILE A 11 -38.12 13.05 -16.25
N ALA A 12 -36.93 13.10 -16.82
CA ALA A 12 -35.72 13.23 -16.02
C ALA A 12 -34.75 14.13 -16.76
N HIS A 13 -33.76 14.65 -16.03
CA HIS A 13 -32.74 15.51 -16.59
C HIS A 13 -31.39 14.83 -16.60
N PRO A 14 -30.52 15.16 -17.54
CA PRO A 14 -29.13 14.74 -17.44
C PRO A 14 -28.47 15.52 -16.32
N ASN A 15 -27.26 15.11 -15.95
CA ASN A 15 -26.55 15.76 -14.87
C ASN A 15 -25.08 15.92 -15.25
N ILE A 16 -24.43 16.90 -14.63
CA ILE A 16 -23.01 17.15 -14.82
C ILE A 16 -22.31 16.84 -13.50
N ALA A 17 -21.34 15.94 -13.54
CA ALA A 17 -20.65 15.50 -12.33
C ALA A 17 -19.53 16.47 -11.94
N PHE A 18 -19.57 16.94 -10.70
CA PHE A 18 -18.47 17.71 -10.15
C PHE A 18 -17.33 16.81 -9.69
N ILE A 19 -17.68 15.69 -9.07
CA ILE A 19 -16.75 14.61 -8.73
C ILE A 19 -17.16 13.41 -9.59
N LYS A 20 -16.21 12.86 -10.35
CA LYS A 20 -16.55 11.96 -11.44
C LYS A 20 -16.75 10.50 -11.01
N TYR A 21 -17.70 9.83 -11.66
CA TYR A 21 -17.80 8.38 -11.69
C TYR A 21 -16.91 7.85 -12.83
N TRP A 22 -15.91 7.04 -12.50
CA TRP A 22 -15.07 6.39 -13.51
C TRP A 22 -14.51 5.09 -12.96
N GLY A 23 -15.00 3.96 -13.44
CA GLY A 23 -14.56 2.66 -12.96
C GLY A 23 -15.63 1.95 -12.14
N LYS A 24 -15.96 0.73 -12.54
CA LYS A 24 -16.96 -0.06 -11.83
C LYS A 24 -16.29 -1.07 -10.93
N ARG A 25 -16.83 -1.22 -9.73
CA ARG A 25 -16.47 -2.36 -8.89
C ARG A 25 -17.19 -3.64 -9.34
N ASP A 26 -18.44 -3.53 -9.79
CA ASP A 26 -19.25 -4.67 -10.24
C ASP A 26 -19.91 -4.29 -11.56
N ALA A 27 -19.58 -5.02 -12.62
CA ALA A 27 -20.00 -4.61 -13.96
C ALA A 27 -21.52 -4.71 -14.14
N VAL A 28 -22.12 -5.80 -13.68
CA VAL A 28 -23.53 -6.04 -13.95
C VAL A 28 -24.41 -5.13 -13.10
N LEU A 29 -24.11 -5.03 -11.80
CA LEU A 29 -24.86 -4.14 -10.91
C LEU A 29 -24.48 -2.68 -11.09
N ARG A 30 -23.37 -2.39 -11.77
CA ARG A 30 -22.85 -1.03 -11.89
C ARG A 30 -22.65 -0.39 -10.52
N ILE A 31 -21.93 -1.09 -9.65
CA ILE A 31 -21.47 -0.47 -8.40
C ILE A 31 -20.15 0.22 -8.72
N PRO A 32 -19.98 1.48 -8.35
CA PRO A 32 -18.80 2.22 -8.78
C PRO A 32 -17.64 2.03 -7.81
N GLU A 33 -16.44 2.27 -8.33
CA GLU A 33 -15.28 2.24 -7.46
C GLU A 33 -15.27 3.41 -6.48
N ASN A 34 -15.87 4.55 -6.85
CA ASN A 34 -15.81 5.72 -5.99
C ASN A 34 -17.13 6.49 -6.07
N GLY A 35 -17.37 7.33 -5.07
CA GLY A 35 -18.56 8.18 -5.05
C GLY A 35 -18.47 9.34 -6.02
N SER A 36 -19.59 10.04 -6.21
CA SER A 36 -19.61 11.15 -7.15
C SER A 36 -20.67 12.15 -6.74
N ILE A 37 -20.54 13.39 -7.24
CA ILE A 37 -21.50 14.47 -6.95
C ILE A 37 -21.80 15.20 -8.26
N SER A 38 -23.09 15.46 -8.51
CA SER A 38 -23.52 16.01 -9.79
C SER A 38 -24.62 17.03 -9.57
N MET A 39 -24.88 17.84 -10.61
CA MET A 39 -25.99 18.78 -10.63
C MET A 39 -26.88 18.44 -11.82
N ASN A 40 -28.18 18.32 -11.60
CA ASN A 40 -29.09 18.10 -12.71
C ASN A 40 -29.17 19.36 -13.58
N LEU A 41 -29.41 19.15 -14.88
CA LEU A 41 -29.47 20.23 -15.85
C LEU A 41 -30.93 20.49 -16.24
N ALA A 42 -31.44 21.67 -15.90
CA ALA A 42 -32.88 21.94 -15.98
C ALA A 42 -33.39 21.97 -17.42
N GLU A 43 -32.61 22.53 -18.34
CA GLU A 43 -33.12 22.84 -19.68
C GLU A 43 -33.06 21.65 -20.64
N LEU A 44 -32.62 20.48 -20.16
CA LEU A 44 -32.51 19.28 -20.98
C LEU A 44 -33.37 18.22 -20.32
N THR A 45 -34.22 17.55 -21.11
CA THR A 45 -35.20 16.63 -20.56
C THR A 45 -35.35 15.40 -21.45
N VAL A 46 -35.50 14.25 -20.81
CA VAL A 46 -35.97 13.03 -21.47
C VAL A 46 -37.36 12.74 -20.93
N LYS A 47 -38.33 12.59 -21.83
CA LYS A 47 -39.69 12.22 -21.46
C LYS A 47 -39.92 10.80 -21.97
N THR A 48 -40.31 9.91 -21.07
CA THR A 48 -40.48 8.51 -21.43
C THR A 48 -41.84 8.04 -20.93
N THR A 49 -42.61 7.45 -21.83
CA THR A 49 -43.85 6.76 -21.50
C THR A 49 -43.64 5.26 -21.64
N VAL A 50 -44.14 4.50 -20.68
CA VAL A 50 -44.06 3.04 -20.67
C VAL A 50 -45.49 2.50 -20.65
N ILE A 51 -45.80 1.60 -21.57
CA ILE A 51 -47.14 1.02 -21.66
C ILE A 51 -46.96 -0.49 -21.68
N PHE A 52 -47.32 -1.14 -20.58
CA PHE A 52 -47.30 -2.59 -20.52
C PHE A 52 -48.52 -3.12 -21.26
N GLU A 53 -48.29 -4.05 -22.19
CA GLU A 53 -49.33 -4.60 -23.05
C GLU A 53 -49.46 -6.10 -22.79
N LYS A 54 -50.69 -6.61 -22.91
CA LYS A 54 -50.87 -8.05 -22.75
C LYS A 54 -50.38 -8.83 -23.97
N HIS A 55 -50.41 -8.21 -25.16
CA HIS A 55 -50.13 -8.90 -26.40
C HIS A 55 -48.69 -8.74 -26.88
N SER A 56 -47.87 -7.94 -26.19
CA SER A 56 -46.46 -7.85 -26.56
C SER A 56 -45.73 -9.10 -26.09
N ARG A 57 -44.94 -9.70 -27.00
CA ARG A 57 -44.04 -10.78 -26.63
C ARG A 57 -42.60 -10.30 -26.52
N GLU A 58 -42.29 -9.10 -27.02
CA GLU A 58 -41.00 -8.45 -26.80
C GLU A 58 -41.25 -6.95 -26.61
N ASP A 59 -40.23 -6.27 -26.10
CA ASP A 59 -40.37 -4.84 -25.88
C ASP A 59 -40.18 -4.07 -27.18
N THR A 60 -40.75 -2.88 -27.24
CA THR A 60 -40.55 -1.97 -28.36
C THR A 60 -40.13 -0.60 -27.84
N LEU A 61 -39.11 -0.02 -28.47
CA LEU A 61 -38.55 1.26 -28.05
C LEU A 61 -38.60 2.24 -29.23
N ILE A 62 -39.29 3.35 -29.02
CA ILE A 62 -39.37 4.46 -29.98
C ILE A 62 -38.66 5.67 -29.39
N LEU A 63 -37.73 6.25 -30.15
CA LEU A 63 -36.93 7.40 -29.73
C LEU A 63 -37.22 8.56 -30.67
N ASN A 64 -37.74 9.65 -30.14
CA ASN A 64 -38.10 10.81 -30.95
C ASN A 64 -38.89 10.39 -32.18
N GLY A 65 -39.85 9.49 -31.99
CA GLY A 65 -40.73 9.06 -33.05
C GLY A 65 -40.17 8.00 -34.00
N ALA A 66 -38.93 7.57 -33.82
CA ALA A 66 -38.34 6.54 -34.67
C ALA A 66 -37.98 5.29 -33.88
N LEU A 67 -38.12 4.14 -34.51
CA LEU A 67 -37.70 2.89 -33.89
C LEU A 67 -36.23 2.97 -33.47
N ALA A 68 -35.95 2.50 -32.26
CA ALA A 68 -34.60 2.55 -31.71
C ALA A 68 -33.70 1.53 -32.41
N ASP A 69 -32.40 1.84 -32.46
CA ASP A 69 -31.43 0.88 -32.95
C ASP A 69 -31.46 -0.37 -32.08
N GLU A 70 -30.85 -1.44 -32.59
CA GLU A 70 -30.84 -2.70 -31.85
C GLU A 70 -30.14 -2.58 -30.49
N PRO A 71 -28.91 -2.06 -30.40
CA PRO A 71 -28.26 -1.97 -29.09
C PRO A 71 -29.07 -1.20 -28.06
N ALA A 72 -29.76 -0.13 -28.47
CA ALA A 72 -30.54 0.63 -27.51
C ALA A 72 -31.71 -0.20 -26.98
N LEU A 73 -32.38 -0.94 -27.86
CA LEU A 73 -33.49 -1.77 -27.41
C LEU A 73 -33.00 -2.85 -26.45
N LYS A 74 -31.84 -3.43 -26.73
CA LYS A 74 -31.28 -4.43 -25.83
C LYS A 74 -31.07 -3.83 -24.44
N ARG A 75 -30.41 -2.66 -24.36
CA ARG A 75 -30.25 -1.99 -23.08
C ARG A 75 -31.59 -1.81 -22.39
N VAL A 76 -32.59 -1.31 -23.12
CA VAL A 76 -33.84 -1.00 -22.47
C VAL A 76 -34.59 -2.27 -22.11
N SER A 77 -34.43 -3.33 -22.90
CA SER A 77 -35.14 -4.57 -22.64
C SER A 77 -34.55 -5.32 -21.45
N HIS A 78 -33.21 -5.30 -21.32
CA HIS A 78 -32.57 -5.93 -20.16
C HIS A 78 -33.00 -5.22 -18.87
N PHE A 79 -33.02 -3.90 -18.88
CA PHE A 79 -33.47 -3.12 -17.74
C PHE A 79 -34.92 -3.45 -17.39
N LEU A 80 -35.77 -3.60 -18.41
CA LEU A 80 -37.15 -3.94 -18.12
C LEU A 80 -37.26 -5.36 -17.56
N ASP A 81 -36.30 -6.23 -17.86
CA ASP A 81 -36.25 -7.52 -17.19
C ASP A 81 -36.04 -7.37 -15.70
N ARG A 82 -35.17 -6.44 -15.29
CA ARG A 82 -35.02 -6.16 -13.87
C ARG A 82 -36.36 -5.74 -13.27
N VAL A 83 -37.05 -4.80 -13.91
CA VAL A 83 -38.35 -4.33 -13.44
C VAL A 83 -39.36 -5.47 -13.40
N ARG A 84 -39.37 -6.31 -14.45
CA ARG A 84 -40.23 -7.49 -14.43
C ARG A 84 -39.97 -8.32 -13.19
N GLU A 85 -38.70 -8.61 -12.92
CA GLU A 85 -38.35 -9.46 -11.78
C GLU A 85 -38.75 -8.82 -10.46
N PHE A 86 -38.45 -7.52 -10.31
CA PHE A 86 -38.76 -6.85 -9.04
C PHE A 86 -40.26 -6.68 -8.84
N ALA A 87 -41.07 -6.80 -9.88
CA ALA A 87 -42.52 -6.70 -9.74
C ALA A 87 -43.20 -8.07 -9.73
N GLY A 88 -42.48 -9.14 -10.04
CA GLY A 88 -43.15 -10.42 -10.22
C GLY A 88 -44.18 -10.42 -11.32
N ILE A 89 -43.89 -9.77 -12.44
CA ILE A 89 -44.83 -9.65 -13.55
C ILE A 89 -44.05 -9.79 -14.85
N SER A 90 -44.71 -10.36 -15.87
CA SER A 90 -44.01 -10.77 -17.08
C SER A 90 -44.36 -9.95 -18.31
N TRP A 91 -45.21 -8.95 -18.19
CA TRP A 91 -45.60 -8.15 -19.35
C TRP A 91 -44.39 -7.53 -20.04
N HIS A 92 -44.42 -7.49 -21.37
CA HIS A 92 -43.53 -6.63 -22.13
C HIS A 92 -44.19 -5.28 -22.38
N ALA A 93 -43.40 -4.32 -22.85
CA ALA A 93 -43.86 -2.94 -22.89
C ALA A 93 -43.54 -2.24 -24.21
N HIS A 94 -44.38 -1.26 -24.54
CA HIS A 94 -44.05 -0.22 -25.51
C HIS A 94 -43.41 0.95 -24.76
N VAL A 95 -42.21 1.33 -25.17
CA VAL A 95 -41.49 2.44 -24.54
C VAL A 95 -41.36 3.55 -25.56
N ILE A 96 -42.00 4.67 -25.30
CA ILE A 96 -42.00 5.82 -26.19
C ILE A 96 -41.29 6.94 -25.45
N SER A 97 -40.22 7.44 -26.05
CA SER A 97 -39.34 8.38 -25.39
C SER A 97 -39.00 9.52 -26.33
N GLU A 98 -38.90 10.72 -25.78
CA GLU A 98 -38.50 11.87 -26.56
C GLU A 98 -37.67 12.78 -25.69
N ASN A 99 -36.82 13.57 -26.32
CA ASN A 99 -35.95 14.47 -25.59
C ASN A 99 -35.83 15.75 -26.38
N ASN A 100 -35.43 16.82 -25.69
CA ASN A 100 -35.25 18.12 -26.33
C ASN A 100 -33.77 18.45 -26.52
N PHE A 101 -32.90 17.44 -26.52
CA PHE A 101 -31.48 17.68 -26.69
C PHE A 101 -31.24 18.32 -28.05
N PRO A 102 -30.18 19.12 -28.19
CA PRO A 102 -29.70 19.48 -29.54
C PRO A 102 -29.10 18.27 -30.21
N THR A 103 -29.46 18.07 -31.48
CA THR A 103 -29.08 16.85 -32.19
C THR A 103 -27.64 16.92 -32.69
N GLY A 104 -26.91 15.83 -32.51
CA GLY A 104 -25.51 15.77 -32.90
C GLY A 104 -24.56 16.53 -32.00
N ALA A 105 -25.01 16.99 -30.83
CA ALA A 105 -24.12 17.74 -29.95
C ALA A 105 -23.24 16.85 -29.09
N GLY A 106 -23.51 15.54 -29.03
CA GLY A 106 -22.67 14.66 -28.24
C GLY A 106 -22.94 14.69 -26.75
N ILE A 107 -24.10 15.19 -26.34
CA ILE A 107 -24.48 15.21 -24.93
C ILE A 107 -25.08 13.87 -24.56
N ALA A 108 -24.47 13.22 -23.56
CA ALA A 108 -24.95 11.92 -23.11
C ALA A 108 -26.37 12.03 -22.57
N SER A 109 -27.24 11.12 -23.01
CA SER A 109 -28.59 11.08 -22.47
C SER A 109 -28.85 9.84 -21.63
N SER A 110 -27.83 9.05 -21.28
CA SER A 110 -28.10 7.77 -20.64
C SER A 110 -28.60 7.93 -19.20
N ALA A 111 -28.07 8.93 -18.47
CA ALA A 111 -28.54 9.16 -17.12
C ALA A 111 -30.00 9.59 -17.11
N ALA A 112 -30.35 10.58 -17.93
CA ALA A 112 -31.75 11.00 -18.01
C ALA A 112 -32.63 9.87 -18.54
N ALA A 113 -32.15 9.17 -19.56
CA ALA A 113 -32.92 8.07 -20.16
C ALA A 113 -33.34 7.06 -19.11
N PHE A 114 -32.37 6.53 -18.36
CA PHE A 114 -32.72 5.45 -17.43
C PHE A 114 -33.34 5.92 -16.13
N ALA A 115 -33.10 7.18 -15.74
CA ALA A 115 -33.87 7.76 -14.63
C ALA A 115 -35.34 7.83 -14.99
N ALA A 116 -35.66 8.39 -16.16
CA ALA A 116 -37.05 8.50 -16.57
C ALA A 116 -37.68 7.12 -16.72
N LEU A 117 -36.95 6.19 -17.34
CA LEU A 117 -37.47 4.84 -17.53
C LEU A 117 -37.72 4.12 -16.21
N ALA A 118 -36.78 4.21 -15.27
CA ALA A 118 -36.99 3.60 -13.96
C ALA A 118 -38.29 4.09 -13.32
N LEU A 119 -38.50 5.40 -13.34
CA LEU A 119 -39.70 5.96 -12.72
C LEU A 119 -40.95 5.57 -13.51
N ALA A 120 -40.93 5.72 -14.83
CA ALA A 120 -42.13 5.42 -15.62
C ALA A 120 -42.43 3.93 -15.64
N ALA A 121 -41.42 3.07 -15.75
CA ALA A 121 -41.68 1.64 -15.82
C ALA A 121 -42.23 1.13 -14.49
N THR A 122 -41.63 1.51 -13.37
CA THR A 122 -42.15 1.02 -12.10
C THR A 122 -43.53 1.58 -11.82
N SER A 123 -43.78 2.83 -12.17
CA SER A 123 -45.11 3.39 -11.98
C SER A 123 -46.13 2.68 -12.85
N ALA A 124 -45.79 2.43 -14.12
CA ALA A 124 -46.71 1.72 -14.98
C ALA A 124 -47.04 0.34 -14.43
N ILE A 125 -46.02 -0.40 -13.99
CA ILE A 125 -46.24 -1.77 -13.54
C ILE A 125 -46.89 -1.83 -12.17
N GLY A 126 -47.22 -0.69 -11.57
CA GLY A 126 -47.98 -0.63 -10.35
C GLY A 126 -47.18 -0.53 -9.06
N LEU A 127 -45.87 -0.34 -9.13
CA LEU A 127 -45.05 -0.24 -7.94
C LEU A 127 -45.01 1.20 -7.43
N HIS A 128 -44.60 1.35 -6.17
CA HIS A 128 -44.49 2.66 -5.52
C HIS A 128 -43.14 2.69 -4.82
N LEU A 129 -42.10 3.04 -5.55
CA LEU A 129 -40.75 2.96 -5.04
C LEU A 129 -40.37 4.27 -4.33
N SER A 130 -39.66 4.14 -3.22
CA SER A 130 -39.05 5.29 -2.60
C SER A 130 -37.92 5.83 -3.48
N GLU A 131 -37.60 7.12 -3.30
CA GLU A 131 -36.55 7.72 -4.09
C GLU A 131 -35.26 6.90 -4.03
N ARG A 132 -34.90 6.42 -2.84
CA ARG A 132 -33.65 5.67 -2.72
C ARG A 132 -33.72 4.39 -3.54
N ASP A 133 -34.84 3.67 -3.47
CA ASP A 133 -34.95 2.44 -4.25
C ASP A 133 -35.02 2.73 -5.75
N LEU A 134 -35.70 3.81 -6.15
CA LEU A 134 -35.68 4.19 -7.55
C LEU A 134 -34.25 4.46 -8.01
N SER A 135 -33.46 5.12 -7.16
CA SER A 135 -32.07 5.40 -7.47
C SER A 135 -31.31 4.12 -7.78
N ARG A 136 -31.48 3.10 -6.94
CA ARG A 136 -30.75 1.86 -7.11
C ARG A 136 -31.14 1.16 -8.40
N LEU A 137 -32.43 1.26 -8.76
CA LEU A 137 -32.92 0.64 -9.99
C LEU A 137 -32.34 1.33 -11.21
N ALA A 138 -32.44 2.66 -11.27
CA ALA A 138 -31.87 3.38 -12.40
C ALA A 138 -30.39 3.11 -12.54
N ARG A 139 -29.68 2.97 -11.41
CA ARG A 139 -28.25 2.65 -11.41
C ARG A 139 -27.93 1.45 -12.29
N LYS A 140 -28.83 0.45 -12.32
CA LYS A 140 -28.59 -0.79 -13.04
C LYS A 140 -28.77 -0.63 -14.55
N GLY A 141 -29.38 0.46 -15.00
CA GLY A 141 -29.41 0.76 -16.41
C GLY A 141 -28.16 1.52 -16.78
N SER A 142 -27.85 2.53 -15.98
CA SER A 142 -26.68 3.35 -16.20
C SER A 142 -26.31 3.98 -14.86
N GLY A 143 -25.04 3.82 -14.47
CA GLY A 143 -24.64 4.29 -13.15
C GLY A 143 -25.03 5.72 -12.89
N SER A 144 -24.69 6.62 -13.82
CA SER A 144 -24.96 8.03 -13.58
C SER A 144 -26.45 8.33 -13.57
N ALA A 145 -27.27 7.41 -14.08
CA ALA A 145 -28.71 7.57 -13.99
C ALA A 145 -29.20 7.60 -12.55
N CYS A 146 -28.47 6.99 -11.62
CA CYS A 146 -28.95 7.03 -10.25
C CYS A 146 -28.87 8.44 -9.66
N ARG A 147 -28.02 9.31 -10.21
CA ARG A 147 -27.92 10.69 -9.75
C ARG A 147 -28.96 11.61 -10.39
N SER A 148 -29.66 11.17 -11.43
CA SER A 148 -30.73 11.96 -12.00
C SER A 148 -32.08 11.63 -11.39
N ILE A 149 -32.14 10.71 -10.43
CA ILE A 149 -33.42 10.40 -9.77
C ILE A 149 -33.71 11.48 -8.73
N PRO A 150 -32.81 11.76 -7.78
CA PRO A 150 -33.00 12.90 -6.89
C PRO A 150 -32.82 14.21 -7.64
N GLY A 151 -33.25 15.31 -7.01
CA GLY A 151 -33.19 16.61 -7.63
C GLY A 151 -31.99 17.46 -7.21
N GLY A 152 -31.68 18.43 -8.05
CA GLY A 152 -30.72 19.46 -7.69
C GLY A 152 -29.29 18.98 -7.72
N PHE A 153 -28.61 19.13 -6.59
CA PHE A 153 -27.25 18.65 -6.39
C PHE A 153 -27.35 17.32 -5.66
N VAL A 154 -26.66 16.31 -6.18
CA VAL A 154 -26.91 14.91 -5.85
C VAL A 154 -25.60 14.21 -5.56
N GLU A 155 -25.57 13.42 -4.50
CA GLU A 155 -24.42 12.59 -4.18
C GLU A 155 -24.77 11.13 -4.39
N TRP A 156 -23.92 10.43 -5.12
CA TRP A 156 -24.01 8.99 -5.28
C TRP A 156 -23.08 8.36 -4.24
N ILE A 157 -23.68 7.66 -3.28
CA ILE A 157 -22.95 6.93 -2.26
C ILE A 157 -22.51 5.61 -2.88
N PRO A 158 -21.22 5.34 -2.99
CA PRO A 158 -20.76 4.28 -3.89
C PRO A 158 -21.08 2.89 -3.38
N GLY A 159 -20.73 2.62 -2.12
CA GLY A 159 -20.97 1.32 -1.53
C GLY A 159 -20.21 0.17 -2.19
N GLU A 160 -20.42 -1.04 -1.69
CA GLU A 160 -19.82 -2.24 -2.24
C GLU A 160 -20.84 -3.31 -2.57
N THR A 161 -22.12 -3.05 -2.38
CA THR A 161 -23.19 -4.00 -2.63
C THR A 161 -24.31 -3.31 -3.37
N ASP A 162 -25.22 -4.11 -3.91
CA ASP A 162 -26.36 -3.56 -4.63
C ASP A 162 -27.17 -2.62 -3.74
N GLU A 163 -27.41 -3.00 -2.49
CA GLU A 163 -28.24 -2.19 -1.61
C GLU A 163 -27.51 -0.95 -1.10
N ASP A 164 -26.19 -0.98 -1.06
CA ASP A 164 -25.39 0.12 -0.52
C ASP A 164 -25.15 1.23 -1.52
N SER A 165 -25.45 1.03 -2.80
CA SER A 165 -25.07 2.00 -3.85
C SER A 165 -26.33 2.72 -4.30
N TYR A 166 -26.42 4.01 -3.93
CA TYR A 166 -27.61 4.80 -4.20
C TYR A 166 -27.23 6.27 -4.14
N ALA A 167 -28.15 7.12 -4.58
CA ALA A 167 -27.90 8.55 -4.62
C ALA A 167 -28.91 9.28 -3.77
N VAL A 168 -28.52 10.43 -3.24
CA VAL A 168 -29.43 11.31 -2.50
C VAL A 168 -29.17 12.74 -2.92
N SER A 169 -30.23 13.56 -2.87
CA SER A 169 -30.09 14.99 -3.10
C SER A 169 -29.44 15.62 -1.87
N ILE A 170 -28.33 16.34 -2.08
CA ILE A 170 -27.70 17.04 -0.97
C ILE A 170 -28.12 18.49 -0.87
N ALA A 171 -28.67 19.06 -1.93
CA ALA A 171 -29.27 20.38 -1.87
C ALA A 171 -30.24 20.51 -3.02
N PRO A 172 -31.35 21.22 -2.83
CA PRO A 172 -32.31 21.41 -3.92
C PRO A 172 -31.73 22.34 -4.97
N PRO A 173 -32.29 22.35 -6.18
CA PRO A 173 -31.70 23.19 -7.25
C PRO A 173 -31.60 24.66 -6.88
N GLU A 174 -32.63 25.19 -6.20
CA GLU A 174 -32.62 26.61 -5.91
C GLU A 174 -31.64 27.00 -4.81
N HIS A 175 -30.88 26.04 -4.28
CA HIS A 175 -29.95 26.37 -3.20
C HIS A 175 -28.78 27.22 -3.68
N TRP A 176 -28.44 27.13 -4.97
CA TRP A 176 -27.25 27.83 -5.49
C TRP A 176 -27.45 28.04 -6.97
N ALA A 177 -27.47 29.31 -7.41
CA ALA A 177 -27.67 29.62 -8.82
C ALA A 177 -26.34 29.44 -9.55
N LEU A 178 -26.15 28.24 -10.06
CA LEU A 178 -25.00 27.89 -10.88
C LEU A 178 -25.48 27.58 -12.29
N THR A 179 -24.68 27.97 -13.28
CA THR A 179 -25.01 27.71 -14.67
C THR A 179 -23.94 26.83 -15.28
N ASP A 180 -24.36 25.89 -16.13
CA ASP A 180 -23.44 25.07 -16.92
C ASP A 180 -23.47 25.58 -18.35
N CYS A 181 -22.37 26.18 -18.81
CA CYS A 181 -22.23 26.63 -20.19
C CYS A 181 -21.46 25.54 -20.93
N ILE A 182 -22.16 24.74 -21.72
CA ILE A 182 -21.56 23.58 -22.37
C ILE A 182 -21.06 23.96 -23.75
N ALA A 183 -19.74 23.91 -23.93
CA ALA A 183 -19.11 24.20 -25.20
C ALA A 183 -19.09 22.93 -26.03
N ILE A 184 -19.82 22.93 -27.13
CA ILE A 184 -19.90 21.79 -28.04
C ILE A 184 -18.83 21.97 -29.11
N LEU A 185 -17.97 20.98 -29.24
CA LEU A 185 -16.81 21.07 -30.14
C LEU A 185 -17.07 20.30 -31.42
N SER A 186 -16.87 20.97 -32.56
CA SER A 186 -16.90 20.29 -33.86
C SER A 186 -15.89 19.14 -33.87
N THR A 187 -16.31 18.00 -34.42
CA THR A 187 -15.46 16.82 -34.37
C THR A 187 -16.03 15.77 -35.30
N GLN A 188 -15.15 15.11 -36.06
CA GLN A 188 -15.50 13.96 -36.88
C GLN A 188 -15.12 12.64 -36.21
N HIS A 189 -14.90 12.65 -34.90
CA HIS A 189 -14.48 11.47 -34.16
C HIS A 189 -15.61 10.96 -33.27
N LYS A 190 -15.87 9.65 -33.32
CA LYS A 190 -16.82 8.99 -32.44
C LYS A 190 -16.12 8.41 -31.20
N PRO A 191 -16.22 9.06 -30.05
CA PRO A 191 -15.46 8.59 -28.88
C PRO A 191 -15.87 7.19 -28.46
N ILE A 192 -14.95 6.49 -27.81
CA ILE A 192 -15.26 5.22 -27.16
C ILE A 192 -16.25 5.46 -26.04
N GLY A 193 -17.31 4.67 -26.01
CA GLY A 193 -18.35 4.87 -25.01
C GLY A 193 -17.82 4.81 -23.59
N SER A 194 -18.55 5.47 -22.69
CA SER A 194 -18.12 5.53 -21.29
C SER A 194 -18.01 4.15 -20.67
N THR A 195 -18.95 3.26 -21.01
CA THR A 195 -18.95 1.92 -20.44
C THR A 195 -17.69 1.16 -20.81
N GLN A 196 -17.37 1.09 -22.11
CA GLN A 196 -16.15 0.42 -22.52
C GLN A 196 -14.89 1.15 -22.04
N GLY A 197 -14.92 2.49 -22.07
CA GLY A 197 -13.76 3.23 -21.61
C GLY A 197 -13.43 2.94 -20.15
N MET A 198 -14.43 3.02 -19.28
CA MET A 198 -14.11 2.86 -17.87
C MET A 198 -13.85 1.42 -17.50
N ALA A 199 -14.25 0.44 -18.33
CA ALA A 199 -13.86 -0.94 -18.06
C ALA A 199 -12.34 -1.10 -18.12
N LEU A 200 -11.65 -0.17 -18.77
CA LEU A 200 -10.20 -0.21 -18.85
C LEU A 200 -9.53 0.47 -17.67
N ALA A 201 -10.29 1.07 -16.75
CA ALA A 201 -9.65 1.92 -15.75
C ALA A 201 -8.74 1.13 -14.84
N SER A 202 -9.02 -0.16 -14.63
CA SER A 202 -8.13 -0.95 -13.79
C SER A 202 -6.77 -1.17 -14.45
N THR A 203 -6.62 -0.94 -15.76
CA THR A 203 -5.29 -1.04 -16.36
C THR A 203 -4.40 0.15 -16.03
N SER A 204 -4.96 1.25 -15.49
CA SER A 204 -4.11 2.40 -15.20
C SER A 204 -3.38 2.21 -13.87
N PRO A 205 -2.08 2.41 -13.82
CA PRO A 205 -1.38 2.41 -12.52
C PRO A 205 -1.89 3.45 -11.56
N LEU A 206 -2.62 4.46 -12.02
CA LEU A 206 -2.98 5.59 -11.17
C LEU A 206 -4.41 5.50 -10.67
N GLN A 207 -5.15 4.46 -11.03
CA GLN A 207 -6.57 4.40 -10.69
C GLN A 207 -6.76 4.09 -9.20
N PRO A 208 -5.99 3.17 -8.60
CA PRO A 208 -6.17 2.94 -7.15
C PRO A 208 -5.97 4.20 -6.33
N ALA A 209 -4.96 5.01 -6.67
CA ALA A 209 -4.69 6.25 -5.94
C ALA A 209 -5.80 7.27 -6.17
N ARG A 210 -6.26 7.41 -7.41
CA ARG A 210 -7.40 8.28 -7.68
C ARG A 210 -8.59 7.87 -6.81
N VAL A 211 -8.91 6.58 -6.82
CA VAL A 211 -10.08 6.08 -6.11
C VAL A 211 -9.96 6.32 -4.61
N ALA A 212 -8.81 6.01 -4.04
CA ALA A 212 -8.66 6.16 -2.60
C ALA A 212 -8.73 7.62 -2.16
N ASP A 213 -8.43 8.55 -3.06
CA ASP A 213 -8.45 9.96 -2.71
C ASP A 213 -9.83 10.58 -2.84
N THR A 214 -10.81 9.84 -3.37
CA THR A 214 -12.11 10.45 -3.66
C THR A 214 -12.82 11.02 -2.45
N PRO A 215 -12.85 10.37 -1.29
CA PRO A 215 -13.55 10.98 -0.15
C PRO A 215 -13.09 12.39 0.17
N ARG A 216 -11.78 12.66 0.06
CA ARG A 216 -11.28 14.02 0.29
C ARG A 216 -11.89 14.99 -0.70
N ARG A 217 -11.96 14.61 -1.98
CA ARG A 217 -12.50 15.48 -3.00
C ARG A 217 -14.00 15.69 -2.80
N LEU A 218 -14.73 14.64 -2.46
CA LEU A 218 -16.16 14.74 -2.18
C LEU A 218 -16.43 15.63 -0.98
N GLU A 219 -15.61 15.52 0.06
CA GLU A 219 -15.79 16.36 1.25
C GLU A 219 -15.74 17.83 0.88
N ILE A 220 -14.74 18.22 0.09
CA ILE A 220 -14.59 19.63 -0.29
C ILE A 220 -15.77 20.09 -1.14
N VAL A 221 -16.19 19.28 -2.11
CA VAL A 221 -17.28 19.68 -2.99
C VAL A 221 -18.60 19.68 -2.23
N ARG A 222 -18.85 18.65 -1.43
CA ARG A 222 -20.08 18.60 -0.65
C ARG A 222 -20.22 19.86 0.20
N ARG A 223 -19.14 20.24 0.90
CA ARG A 223 -19.21 21.41 1.77
C ARG A 223 -19.25 22.70 0.97
N ALA A 224 -18.55 22.75 -0.17
CA ALA A 224 -18.58 23.96 -0.97
C ALA A 224 -19.99 24.24 -1.49
N ILE A 225 -20.75 23.18 -1.80
CA ILE A 225 -22.12 23.36 -2.25
C ILE A 225 -22.98 23.89 -1.11
N LEU A 226 -22.82 23.31 0.08
CA LEU A 226 -23.56 23.82 1.23
C LEU A 226 -23.27 25.31 1.44
N GLU A 227 -22.01 25.69 1.36
CA GLU A 227 -21.59 27.05 1.66
C GLU A 227 -21.63 27.99 0.46
N ARG A 228 -21.96 27.50 -0.73
CA ARG A 228 -21.91 28.31 -1.96
C ARG A 228 -20.52 28.94 -2.10
N ASP A 229 -19.51 28.10 -1.95
CA ASP A 229 -18.11 28.53 -1.97
C ASP A 229 -17.59 28.20 -3.37
N PHE A 230 -17.65 29.19 -4.26
CA PHE A 230 -17.40 28.85 -5.66
C PHE A 230 -15.93 28.57 -5.92
N LEU A 231 -15.03 29.32 -5.31
CA LEU A 231 -13.62 29.08 -5.62
C LEU A 231 -13.18 27.69 -5.16
N SER A 232 -13.64 27.24 -3.98
CA SER A 232 -13.37 25.87 -3.56
C SER A 232 -13.94 24.88 -4.55
N LEU A 233 -15.19 25.09 -4.96
CA LEU A 233 -15.80 24.22 -5.97
C LEU A 233 -14.99 24.24 -7.26
N ALA A 234 -14.64 25.44 -7.74
CA ALA A 234 -13.96 25.57 -9.03
C ALA A 234 -12.66 24.78 -9.06
N GLU A 235 -11.81 24.96 -8.05
CA GLU A 235 -10.50 24.32 -8.11
C GLU A 235 -10.61 22.81 -7.99
N MET A 236 -11.57 22.34 -7.21
CA MET A 236 -11.72 20.88 -7.04
C MET A 236 -12.32 20.24 -8.28
N ILE A 237 -13.29 20.89 -8.95
CA ILE A 237 -13.88 20.17 -10.06
C ILE A 237 -12.88 20.09 -11.22
N GLU A 238 -12.01 21.10 -11.38
CA GLU A 238 -10.98 21.01 -12.40
C GLU A 238 -9.95 19.94 -12.03
N HIS A 239 -9.54 19.88 -10.76
CA HIS A 239 -8.63 18.84 -10.30
C HIS A 239 -9.27 17.46 -10.49
N ASP A 240 -10.54 17.31 -10.13
CA ASP A 240 -11.20 16.01 -10.26
C ASP A 240 -11.33 15.59 -11.72
N SER A 241 -11.77 16.51 -12.58
CA SER A 241 -11.77 16.25 -14.01
C SER A 241 -10.39 15.77 -14.49
N ASN A 242 -9.36 16.50 -14.08
CA ASN A 242 -8.01 16.15 -14.52
C ASN A 242 -7.59 14.77 -13.98
N LEU A 243 -8.01 14.42 -12.77
CA LEU A 243 -7.63 13.10 -12.27
C LEU A 243 -8.28 12.00 -13.10
N MET A 244 -9.55 12.18 -13.49
CA MET A 244 -10.20 11.16 -14.32
C MET A 244 -9.51 11.02 -15.66
N HIS A 245 -9.24 12.14 -16.33
CA HIS A 245 -8.57 12.05 -17.62
C HIS A 245 -7.14 11.54 -17.47
N ALA A 246 -6.50 11.80 -16.33
CA ALA A 246 -5.19 11.19 -16.09
C ALA A 246 -5.28 9.67 -16.12
N VAL A 247 -6.29 9.10 -15.46
CA VAL A 247 -6.48 7.65 -15.49
C VAL A 247 -6.84 7.20 -16.90
N MET A 248 -7.67 7.97 -17.60
CA MET A 248 -8.06 7.59 -18.95
C MET A 248 -6.84 7.52 -19.86
N MET A 249 -6.00 8.55 -19.82
CA MET A 249 -4.85 8.61 -20.71
C MET A 249 -3.74 7.66 -20.29
N THR A 250 -3.81 7.08 -19.10
CA THR A 250 -2.79 6.13 -18.66
C THR A 250 -3.33 4.71 -18.60
N SER A 251 -4.52 4.49 -19.14
CA SER A 251 -5.06 3.16 -19.34
C SER A 251 -4.34 2.47 -20.49
N THR A 252 -4.60 1.17 -20.62
CA THR A 252 -4.04 0.38 -21.71
C THR A 252 -5.14 -0.30 -22.50
N PRO A 253 -5.40 0.07 -23.77
CA PRO A 253 -4.82 1.20 -24.51
C PRO A 253 -5.35 2.53 -23.97
N PRO A 254 -4.60 3.62 -24.14
CA PRO A 254 -5.03 4.89 -23.54
C PRO A 254 -6.27 5.45 -24.22
N LEU A 255 -6.97 6.28 -23.46
CA LEU A 255 -8.20 6.95 -23.90
C LEU A 255 -7.94 8.45 -23.89
N PHE A 256 -7.74 9.03 -25.06
CA PHE A 256 -7.51 10.46 -25.19
C PHE A 256 -8.81 11.09 -25.69
N TYR A 257 -9.69 11.43 -24.74
CA TYR A 257 -11.00 12.00 -25.09
C TYR A 257 -10.91 13.47 -25.49
N TRP A 258 -9.85 14.17 -25.09
CA TRP A 258 -9.72 15.59 -25.40
C TRP A 258 -9.46 15.79 -26.88
N GLU A 259 -10.09 16.80 -27.43
CA GLU A 259 -9.65 17.34 -28.71
C GLU A 259 -8.78 18.56 -28.48
N PRO A 260 -8.04 19.00 -29.50
CA PRO A 260 -7.21 20.20 -29.33
C PRO A 260 -7.97 21.38 -28.74
N VAL A 261 -9.19 21.64 -29.20
CA VAL A 261 -9.90 22.81 -28.70
C VAL A 261 -10.29 22.62 -27.23
N SER A 262 -10.46 21.36 -26.78
CA SER A 262 -10.70 21.12 -25.35
C SER A 262 -9.59 21.74 -24.51
N LEU A 263 -8.35 21.55 -24.95
CA LEU A 263 -7.21 22.14 -24.25
C LEU A 263 -7.26 23.66 -24.28
N VAL A 264 -7.58 24.24 -25.44
CA VAL A 264 -7.71 25.69 -25.55
C VAL A 264 -8.67 26.22 -24.50
N ILE A 265 -9.85 25.62 -24.42
CA ILE A 265 -10.86 26.09 -23.47
C ILE A 265 -10.38 25.92 -22.04
N MET A 266 -9.81 24.76 -21.71
CA MET A 266 -9.37 24.51 -20.34
C MET A 266 -8.41 25.60 -19.88
N LYS A 267 -7.40 25.89 -20.69
CA LYS A 267 -6.43 26.92 -20.32
C LYS A 267 -7.08 28.29 -20.24
N SER A 268 -7.97 28.61 -21.18
CA SER A 268 -8.67 29.89 -21.15
C SER A 268 -9.50 30.04 -19.87
N VAL A 269 -10.27 29.00 -19.54
CA VAL A 269 -11.14 29.10 -18.37
C VAL A 269 -10.31 29.39 -17.11
N ARG A 270 -9.17 28.72 -16.98
CA ARG A 270 -8.30 29.00 -15.86
C ARG A 270 -7.82 30.44 -15.89
N GLU A 271 -7.43 30.94 -17.06
CA GLU A 271 -7.03 32.34 -17.17
C GLU A 271 -8.19 33.26 -16.79
N TRP A 272 -9.39 32.99 -17.30
CA TRP A 272 -10.52 33.87 -17.02
C TRP A 272 -10.78 33.97 -15.52
N ARG A 273 -10.89 32.82 -14.85
CA ARG A 273 -11.11 32.82 -13.41
C ARG A 273 -10.00 33.57 -12.69
N GLU A 274 -8.74 33.33 -13.09
CA GLU A 274 -7.63 34.01 -12.43
C GLU A 274 -7.63 35.52 -12.67
N SER A 275 -8.23 35.98 -13.77
CA SER A 275 -8.36 37.41 -14.03
C SER A 275 -9.62 38.01 -13.41
N GLY A 276 -10.46 37.20 -12.78
CA GLY A 276 -11.59 37.71 -12.05
C GLY A 276 -12.93 37.39 -12.63
N LEU A 277 -13.01 36.47 -13.58
CA LEU A 277 -14.33 36.00 -14.03
C LEU A 277 -14.57 34.62 -13.43
N PRO A 278 -15.41 34.49 -12.40
CA PRO A 278 -15.60 33.18 -11.76
C PRO A 278 -16.18 32.11 -12.67
N CYS A 279 -15.40 31.07 -12.95
CA CYS A 279 -15.90 29.96 -13.75
C CYS A 279 -14.87 28.84 -13.64
N ALA A 280 -15.27 27.63 -14.00
CA ALA A 280 -14.38 26.47 -13.92
C ALA A 280 -14.81 25.43 -14.95
N TYR A 281 -13.86 24.62 -15.41
CA TYR A 281 -14.17 23.60 -16.41
C TYR A 281 -14.30 22.21 -15.78
N THR A 282 -15.03 21.33 -16.48
CA THR A 282 -15.00 19.91 -16.20
C THR A 282 -15.41 19.16 -17.47
N LEU A 283 -14.81 18.00 -17.70
CA LEU A 283 -15.03 17.24 -18.92
C LEU A 283 -15.43 15.82 -18.59
N ASP A 284 -16.36 15.27 -19.36
CA ASP A 284 -16.72 13.88 -19.20
C ASP A 284 -15.91 13.06 -20.20
N ALA A 285 -16.49 11.99 -20.73
CA ALA A 285 -15.77 11.10 -21.63
C ALA A 285 -16.01 11.53 -23.07
N GLY A 286 -15.41 12.66 -23.44
CA GLY A 286 -15.61 13.30 -24.71
C GLY A 286 -14.93 14.65 -24.71
N PRO A 287 -14.92 15.35 -25.86
CA PRO A 287 -14.20 16.63 -25.94
C PRO A 287 -14.98 17.85 -25.48
N ASN A 288 -16.29 17.75 -25.32
CA ASN A 288 -17.06 18.91 -24.90
C ASN A 288 -16.64 19.37 -23.51
N VAL A 289 -16.62 20.67 -23.31
CA VAL A 289 -16.21 21.26 -22.05
C VAL A 289 -17.42 21.89 -21.38
N HIS A 290 -17.71 21.44 -20.16
CA HIS A 290 -18.72 22.05 -19.31
C HIS A 290 -18.06 23.11 -18.46
N VAL A 291 -18.49 24.37 -18.60
CA VAL A 291 -17.94 25.47 -17.82
C VAL A 291 -19.01 25.88 -16.81
N ILE A 292 -18.69 25.70 -15.53
CA ILE A 292 -19.61 26.03 -14.44
C ILE A 292 -19.30 27.45 -13.96
N CYS A 293 -20.35 28.23 -13.73
CA CYS A 293 -20.14 29.57 -13.18
C CYS A 293 -21.36 29.97 -12.36
N PRO A 294 -21.17 30.88 -11.40
CA PRO A 294 -22.34 31.55 -10.81
C PRO A 294 -23.16 32.20 -11.92
N SER A 295 -24.48 32.06 -11.82
CA SER A 295 -25.35 32.41 -12.95
C SER A 295 -25.17 33.86 -13.40
N GLU A 296 -24.84 34.76 -12.48
CA GLU A 296 -24.67 36.17 -12.88
C GLU A 296 -23.56 36.35 -13.91
N TYR A 297 -22.63 35.40 -14.02
CA TYR A 297 -21.55 35.50 -14.98
C TYR A 297 -21.79 34.67 -16.23
N ALA A 298 -22.91 33.96 -16.31
CA ALA A 298 -23.12 33.07 -17.44
C ALA A 298 -23.00 33.81 -18.77
N GLU A 299 -23.64 34.97 -18.90
CA GLU A 299 -23.69 35.60 -20.22
C GLU A 299 -22.30 35.99 -20.69
N GLU A 300 -21.44 36.45 -19.77
CA GLU A 300 -20.06 36.77 -20.15
C GLU A 300 -19.27 35.52 -20.52
N VAL A 301 -19.42 34.45 -19.73
CA VAL A 301 -18.73 33.19 -20.06
C VAL A 301 -19.18 32.66 -21.42
N ILE A 302 -20.48 32.72 -21.71
CA ILE A 302 -20.95 32.21 -22.99
C ILE A 302 -20.41 33.06 -24.13
N PHE A 303 -20.33 34.38 -23.91
CA PHE A 303 -19.78 35.28 -24.92
C PHE A 303 -18.34 34.90 -25.26
N ARG A 304 -17.52 34.71 -24.22
CA ARG A 304 -16.12 34.35 -24.46
C ARG A 304 -15.98 32.97 -25.09
N LEU A 305 -16.84 32.03 -24.69
CA LEU A 305 -16.70 30.66 -25.20
C LEU A 305 -17.07 30.60 -26.66
N THR A 306 -18.09 31.36 -27.06
CA THR A 306 -18.66 31.24 -28.40
C THR A 306 -17.69 31.69 -29.47
N SER A 307 -16.74 32.55 -29.12
CA SER A 307 -15.79 33.10 -30.07
C SER A 307 -14.51 32.28 -30.18
N ILE A 308 -14.44 31.14 -29.50
CA ILE A 308 -13.26 30.28 -29.61
C ILE A 308 -13.41 29.43 -30.88
N PRO A 309 -12.46 29.50 -31.80
CA PRO A 309 -12.53 28.66 -33.00
C PRO A 309 -12.67 27.20 -32.62
N GLY A 310 -13.59 26.51 -33.29
CA GLY A 310 -13.83 25.11 -33.04
C GLY A 310 -14.94 24.83 -32.07
N VAL A 311 -15.47 25.84 -31.41
CA VAL A 311 -16.69 25.68 -30.62
C VAL A 311 -17.86 25.79 -31.59
N GLN A 312 -18.59 24.69 -31.77
CA GLN A 312 -19.73 24.71 -32.66
C GLN A 312 -20.84 25.59 -32.09
N THR A 313 -21.16 25.41 -30.82
CA THR A 313 -22.20 26.19 -30.17
C THR A 313 -22.06 25.99 -28.66
N VAL A 314 -22.78 26.81 -27.90
CA VAL A 314 -22.72 26.77 -26.44
C VAL A 314 -24.14 26.64 -25.91
N LEU A 315 -24.37 25.63 -25.08
CA LEU A 315 -25.65 25.44 -24.40
C LEU A 315 -25.58 26.04 -23.01
N LYS A 316 -26.75 26.43 -22.50
CA LYS A 316 -26.85 27.11 -21.21
C LYS A 316 -27.82 26.34 -20.33
N ALA A 317 -27.34 25.81 -19.21
CA ALA A 317 -28.21 25.03 -18.34
C ALA A 317 -28.04 25.45 -16.88
N SER A 318 -29.15 25.45 -16.15
CA SER A 318 -29.19 25.75 -14.73
C SER A 318 -29.57 24.49 -13.95
N ALA A 319 -29.60 24.60 -12.63
CA ALA A 319 -29.84 23.41 -11.82
C ALA A 319 -31.30 22.94 -11.94
N GLY A 320 -31.48 21.65 -12.24
CA GLY A 320 -32.79 21.08 -12.46
C GLY A 320 -33.25 20.22 -11.29
N ASP A 321 -34.51 19.80 -11.35
CA ASP A 321 -35.15 19.07 -10.27
C ASP A 321 -35.07 17.56 -10.51
N SER A 322 -35.73 16.80 -9.63
CA SER A 322 -35.71 15.35 -9.66
C SER A 322 -36.50 14.81 -10.84
N ALA A 323 -36.34 13.51 -11.11
CA ALA A 323 -37.22 12.84 -12.05
C ALA A 323 -38.65 12.89 -11.53
N LYS A 324 -39.60 13.17 -12.41
CA LYS A 324 -40.98 13.41 -12.00
C LYS A 324 -41.95 12.55 -12.80
N LEU A 325 -42.96 12.01 -12.12
CA LEU A 325 -44.12 11.44 -12.79
C LEU A 325 -45.04 12.57 -13.25
N ILE A 326 -45.43 12.56 -14.52
CA ILE A 326 -46.38 13.54 -15.02
C ILE A 326 -47.63 12.88 -15.59
N GLY B 1 -3.06 -29.50 -1.62
CA GLY B 1 -2.53 -29.41 -0.27
C GLY B 1 -3.47 -28.72 0.71
N SER B 2 -4.32 -29.51 1.38
CA SER B 2 -5.22 -28.95 2.39
C SER B 2 -4.41 -28.40 3.56
N HIS B 3 -4.90 -27.30 4.15
CA HIS B 3 -4.17 -26.55 5.17
C HIS B 3 -3.49 -25.33 4.55
N GLY B 4 -3.24 -25.38 3.24
CA GLY B 4 -2.50 -24.36 2.54
C GLY B 4 -3.16 -22.99 2.56
N MET B 5 -2.40 -21.95 2.93
CA MET B 5 -2.87 -20.57 2.83
C MET B 5 -2.40 -19.90 1.55
N GLY B 6 -1.63 -20.59 0.72
CA GLY B 6 -1.08 -20.04 -0.49
C GLY B 6 0.15 -20.82 -0.89
N GLN B 7 0.40 -21.00 -2.20
CA GLN B 7 1.52 -21.83 -2.59
C GLN B 7 2.00 -21.45 -3.99
N ALA B 8 3.28 -21.70 -4.24
CA ALA B 8 3.85 -21.36 -5.53
C ALA B 8 5.13 -22.16 -5.74
N THR B 9 5.49 -22.32 -7.01
CA THR B 9 6.70 -23.03 -7.41
C THR B 9 7.53 -22.14 -8.34
N ALA B 10 8.84 -22.09 -8.11
CA ALA B 10 9.74 -21.30 -8.93
C ALA B 10 11.03 -22.07 -9.19
N ILE B 11 11.69 -21.72 -10.29
CA ILE B 11 12.98 -22.27 -10.65
C ILE B 11 13.96 -21.13 -10.81
N ALA B 12 15.24 -21.42 -10.53
CA ALA B 12 16.30 -20.43 -10.72
C ALA B 12 17.57 -21.20 -11.03
N HIS B 13 18.53 -20.50 -11.63
CA HIS B 13 19.81 -21.06 -12.05
C HIS B 13 20.94 -20.55 -11.17
N PRO B 14 21.97 -21.35 -10.92
CA PRO B 14 23.19 -20.80 -10.34
C PRO B 14 23.85 -19.89 -11.36
N ASN B 15 24.89 -19.18 -10.91
CA ASN B 15 25.58 -18.25 -11.77
C ASN B 15 27.07 -18.32 -11.47
N ILE B 16 27.87 -17.94 -12.45
CA ILE B 16 29.32 -17.87 -12.28
C ILE B 16 29.72 -16.41 -12.36
N ALA B 17 30.46 -15.93 -11.36
CA ALA B 17 30.79 -14.51 -11.31
C ALA B 17 32.02 -14.22 -12.16
N PHE B 18 31.89 -13.27 -13.07
CA PHE B 18 33.06 -12.76 -13.80
C PHE B 18 33.83 -11.74 -12.95
N ILE B 19 33.11 -10.88 -12.24
CA ILE B 19 33.67 -10.02 -11.21
C ILE B 19 33.10 -10.51 -9.89
N LYS B 20 33.97 -10.81 -8.93
CA LYS B 20 33.56 -11.58 -7.77
C LYS B 20 32.96 -10.69 -6.69
N TYR B 21 32.03 -11.29 -5.93
CA TYR B 21 31.58 -10.75 -4.66
C TYR B 21 32.39 -11.43 -3.57
N TRP B 22 33.12 -10.65 -2.78
CA TRP B 22 33.90 -11.20 -1.67
C TRP B 22 34.03 -10.10 -0.63
N GLY B 23 33.29 -10.24 0.48
CA GLY B 23 33.29 -9.25 1.54
C GLY B 23 31.99 -8.48 1.64
N LYS B 24 31.38 -8.44 2.82
CA LYS B 24 30.16 -7.70 3.05
C LYS B 24 30.45 -6.39 3.76
N ARG B 25 29.78 -5.33 3.32
CA ARG B 25 29.77 -4.10 4.09
C ARG B 25 28.80 -4.19 5.26
N ASP B 26 27.68 -4.91 5.11
CA ASP B 26 26.74 -5.12 6.21
C ASP B 26 26.41 -6.60 6.28
N ALA B 27 26.73 -7.23 7.41
CA ALA B 27 26.62 -8.67 7.49
C ALA B 27 25.16 -9.14 7.43
N VAL B 28 24.26 -8.47 8.15
CA VAL B 28 22.87 -8.94 8.26
C VAL B 28 22.10 -8.71 6.97
N LEU B 29 22.26 -7.54 6.36
CA LEU B 29 21.59 -7.22 5.10
C LEU B 29 22.33 -7.76 3.87
N ARG B 30 23.55 -8.27 4.04
CA ARG B 30 24.36 -8.76 2.92
C ARG B 30 24.48 -7.70 1.82
N ILE B 31 24.79 -6.49 2.22
CA ILE B 31 25.25 -5.47 1.28
C ILE B 31 26.73 -5.71 1.03
N PRO B 32 27.17 -5.81 -0.23
CA PRO B 32 28.57 -6.17 -0.51
C PRO B 32 29.50 -4.97 -0.46
N GLU B 33 30.79 -5.25 -0.29
CA GLU B 33 31.76 -4.17 -0.36
C GLU B 33 31.96 -3.69 -1.78
N ASN B 34 31.73 -4.54 -2.78
CA ASN B 34 31.94 -4.16 -4.17
C ASN B 34 30.87 -4.79 -5.03
N GLY B 35 30.70 -4.25 -6.23
CA GLY B 35 29.76 -4.82 -7.18
C GLY B 35 30.29 -6.08 -7.82
N SER B 36 29.39 -6.81 -8.48
CA SER B 36 29.80 -8.04 -9.15
C SER B 36 29.01 -8.22 -10.44
N ILE B 37 29.52 -9.09 -11.29
CA ILE B 37 28.90 -9.43 -12.57
C ILE B 37 28.95 -10.94 -12.76
N SER B 38 27.83 -11.53 -13.19
CA SER B 38 27.83 -12.98 -13.37
C SER B 38 26.97 -13.38 -14.58
N MET B 39 27.08 -14.65 -14.95
CA MET B 39 26.24 -15.26 -15.98
C MET B 39 25.48 -16.44 -15.38
N ASN B 40 24.15 -16.44 -15.55
CA ASN B 40 23.36 -17.59 -15.14
C ASN B 40 23.73 -18.81 -15.97
N LEU B 41 23.54 -19.99 -15.39
CA LEU B 41 23.92 -21.25 -16.02
C LEU B 41 22.66 -22.05 -16.32
N ALA B 42 22.36 -22.23 -17.61
CA ALA B 42 21.05 -22.72 -18.01
C ALA B 42 20.81 -24.16 -17.58
N GLU B 43 21.82 -25.01 -17.67
CA GLU B 43 21.61 -26.45 -17.50
C GLU B 43 21.46 -26.87 -16.04
N LEU B 44 21.74 -25.98 -15.08
CA LEU B 44 21.61 -26.30 -13.66
C LEU B 44 20.45 -25.50 -13.10
N THR B 45 19.60 -26.16 -12.32
CA THR B 45 18.33 -25.62 -11.89
C THR B 45 18.01 -26.09 -10.48
N VAL B 46 17.54 -25.17 -9.65
CA VAL B 46 16.88 -25.47 -8.39
C VAL B 46 15.40 -25.15 -8.57
N LYS B 47 14.53 -26.11 -8.30
CA LYS B 47 13.09 -25.90 -8.25
C LYS B 47 12.63 -25.95 -6.80
N THR B 48 11.82 -24.97 -6.39
CA THR B 48 11.37 -24.89 -5.01
C THR B 48 9.87 -24.59 -4.96
N THR B 49 9.13 -25.38 -4.19
CA THR B 49 7.74 -25.10 -3.89
C THR B 49 7.62 -24.62 -2.46
N VAL B 50 6.82 -23.59 -2.24
CA VAL B 50 6.55 -23.05 -0.91
C VAL B 50 5.05 -23.16 -0.65
N ILE B 51 4.70 -23.79 0.46
CA ILE B 51 3.30 -23.93 0.86
C ILE B 51 3.14 -23.34 2.25
N PHE B 52 2.49 -22.19 2.37
CA PHE B 52 2.19 -21.68 3.69
C PHE B 52 1.03 -22.46 4.29
N GLU B 53 1.15 -22.79 5.58
CA GLU B 53 0.19 -23.66 6.27
C GLU B 53 -0.51 -22.90 7.38
N LYS B 54 -1.82 -23.14 7.52
CA LYS B 54 -2.59 -22.54 8.60
C LYS B 54 -2.08 -22.96 9.98
N HIS B 55 -1.89 -24.26 10.18
CA HIS B 55 -1.47 -24.80 11.47
C HIS B 55 -0.10 -25.45 11.33
N SER B 56 0.92 -24.63 11.10
CA SER B 56 2.31 -25.02 11.30
C SER B 56 2.92 -24.03 12.30
N ARG B 57 3.59 -24.55 13.32
CA ARG B 57 4.23 -23.63 14.26
C ARG B 57 5.67 -23.31 13.88
N GLU B 58 6.23 -24.03 12.91
CA GLU B 58 7.57 -23.72 12.44
C GLU B 58 7.68 -24.15 10.98
N ASP B 59 8.63 -23.54 10.27
CA ASP B 59 8.86 -23.94 8.88
C ASP B 59 9.51 -25.30 8.82
N THR B 60 9.34 -25.98 7.68
CA THR B 60 9.99 -27.26 7.43
C THR B 60 10.60 -27.21 6.04
N LEU B 61 11.80 -27.77 5.90
CA LEU B 61 12.53 -27.74 4.64
C LEU B 61 12.86 -29.16 4.20
N ILE B 62 12.51 -29.47 2.95
CA ILE B 62 12.76 -30.78 2.34
C ILE B 62 13.65 -30.57 1.12
N LEU B 63 14.78 -31.26 1.07
CA LEU B 63 15.73 -31.13 -0.03
C LEU B 63 15.90 -32.49 -0.69
N ASN B 64 15.54 -32.58 -1.97
CA ASN B 64 15.64 -33.83 -2.72
C ASN B 64 15.02 -34.98 -1.94
N GLY B 65 13.80 -34.76 -1.45
CA GLY B 65 13.04 -35.79 -0.79
C GLY B 65 13.41 -36.08 0.66
N ALA B 66 14.45 -35.44 1.20
CA ALA B 66 14.88 -35.71 2.57
C ALA B 66 14.83 -34.44 3.42
N LEU B 67 14.57 -34.61 4.71
CA LEU B 67 14.62 -33.47 5.62
C LEU B 67 15.99 -32.80 5.58
N ALA B 68 15.97 -31.48 5.56
CA ALA B 68 17.20 -30.70 5.54
C ALA B 68 17.90 -30.75 6.90
N ASP B 69 19.22 -30.59 6.87
CA ASP B 69 19.99 -30.41 8.09
C ASP B 69 19.52 -29.15 8.82
N GLU B 70 19.88 -29.05 10.10
CA GLU B 70 19.36 -27.90 10.83
C GLU B 70 19.92 -26.58 10.34
N PRO B 71 21.21 -26.48 10.01
CA PRO B 71 21.71 -25.19 9.51
C PRO B 71 20.98 -24.73 8.26
N ALA B 72 20.63 -25.65 7.36
CA ALA B 72 19.89 -25.27 6.16
C ALA B 72 18.48 -24.81 6.52
N LEU B 73 17.79 -25.51 7.43
CA LEU B 73 16.48 -25.06 7.87
C LEU B 73 16.57 -23.68 8.50
N LYS B 74 17.54 -23.47 9.38
CA LYS B 74 17.69 -22.17 10.04
C LYS B 74 17.81 -21.04 9.01
N ARG B 75 18.63 -21.26 7.97
CA ARG B 75 18.83 -20.22 6.95
C ARG B 75 17.53 -19.92 6.22
N VAL B 76 16.85 -20.96 5.77
CA VAL B 76 15.55 -20.79 5.09
C VAL B 76 14.55 -20.14 6.04
N SER B 77 14.57 -20.52 7.31
CA SER B 77 13.56 -20.00 8.23
C SER B 77 13.76 -18.52 8.54
N HIS B 78 15.01 -18.08 8.77
CA HIS B 78 15.26 -16.65 8.91
C HIS B 78 14.84 -15.90 7.67
N PHE B 79 15.07 -16.50 6.50
CA PHE B 79 14.70 -15.83 5.26
C PHE B 79 13.19 -15.66 5.18
N LEU B 80 12.44 -16.71 5.51
CA LEU B 80 11.00 -16.59 5.47
C LEU B 80 10.50 -15.60 6.51
N ASP B 81 11.21 -15.40 7.62
CA ASP B 81 10.85 -14.34 8.54
C ASP B 81 10.86 -13.00 7.83
N ARG B 82 11.89 -12.74 7.03
CA ARG B 82 11.92 -11.54 6.21
C ARG B 82 10.69 -11.46 5.31
N VAL B 83 10.32 -12.57 4.67
CA VAL B 83 9.13 -12.55 3.82
C VAL B 83 7.89 -12.26 4.67
N ARG B 84 7.73 -12.96 5.79
CA ARG B 84 6.58 -12.74 6.66
C ARG B 84 6.50 -11.29 7.09
N GLU B 85 7.65 -10.67 7.35
CA GLU B 85 7.68 -9.28 7.80
C GLU B 85 7.28 -8.34 6.67
N PHE B 86 7.90 -8.49 5.50
CA PHE B 86 7.56 -7.66 4.35
C PHE B 86 6.08 -7.72 4.05
N ALA B 87 5.51 -8.93 4.04
CA ALA B 87 4.11 -9.13 3.70
C ALA B 87 3.16 -8.89 4.85
N GLY B 88 3.65 -8.80 6.09
CA GLY B 88 2.76 -8.67 7.22
C GLY B 88 1.88 -9.89 7.45
N ILE B 89 2.45 -11.08 7.35
CA ILE B 89 1.73 -12.33 7.54
C ILE B 89 2.57 -13.21 8.45
N SER B 90 1.92 -14.09 9.21
CA SER B 90 2.61 -14.85 10.25
C SER B 90 2.69 -16.35 9.96
N TRP B 91 2.19 -16.81 8.81
CA TRP B 91 2.13 -18.25 8.56
C TRP B 91 3.53 -18.84 8.42
N HIS B 92 3.70 -20.05 8.96
CA HIS B 92 4.90 -20.82 8.66
C HIS B 92 4.64 -21.69 7.44
N ALA B 93 5.71 -22.23 6.85
CA ALA B 93 5.60 -22.84 5.53
C ALA B 93 6.32 -24.18 5.47
N HIS B 94 5.85 -25.02 4.56
CA HIS B 94 6.60 -26.15 4.07
C HIS B 94 7.31 -25.74 2.79
N VAL B 95 8.60 -26.02 2.72
CA VAL B 95 9.42 -25.69 1.56
C VAL B 95 9.97 -27.00 1.01
N ILE B 96 9.71 -27.25 -0.27
CA ILE B 96 10.10 -28.48 -0.94
C ILE B 96 10.97 -28.09 -2.12
N SER B 97 12.22 -28.55 -2.13
CA SER B 97 13.19 -28.15 -3.13
C SER B 97 13.86 -29.36 -3.77
N GLU B 98 14.13 -29.25 -5.07
CA GLU B 98 14.86 -30.25 -5.83
C GLU B 98 15.88 -29.54 -6.71
N ASN B 99 16.96 -30.24 -7.05
CA ASN B 99 17.87 -29.70 -8.05
C ASN B 99 18.47 -30.84 -8.86
N ASN B 100 19.00 -30.48 -10.02
CA ASN B 100 19.61 -31.44 -10.92
C ASN B 100 21.14 -31.37 -10.90
N PHE B 101 21.72 -30.92 -9.79
CA PHE B 101 23.16 -30.75 -9.71
C PHE B 101 23.83 -32.12 -9.61
N PRO B 102 24.84 -32.40 -10.43
CA PRO B 102 25.59 -33.65 -10.27
C PRO B 102 26.09 -33.82 -8.85
N THR B 103 25.85 -35.00 -8.27
CA THR B 103 26.18 -35.22 -6.87
C THR B 103 27.69 -35.18 -6.65
N GLY B 104 28.08 -34.63 -5.50
CA GLY B 104 29.48 -34.56 -5.14
C GLY B 104 30.33 -33.61 -5.96
N ALA B 105 29.74 -32.86 -6.88
CA ALA B 105 30.52 -31.93 -7.69
C ALA B 105 30.94 -30.69 -6.89
N GLY B 106 30.22 -30.35 -5.84
CA GLY B 106 30.58 -29.19 -5.04
C GLY B 106 30.23 -27.87 -5.70
N ILE B 107 29.20 -27.85 -6.52
CA ILE B 107 28.72 -26.63 -7.15
C ILE B 107 27.77 -25.94 -6.17
N ALA B 108 28.07 -24.68 -5.84
CA ALA B 108 27.30 -23.96 -4.85
C ALA B 108 25.85 -23.80 -5.31
N SER B 109 24.91 -24.14 -4.44
CA SER B 109 23.51 -24.00 -4.81
C SER B 109 22.84 -22.78 -4.21
N SER B 110 23.54 -21.98 -3.37
CA SER B 110 22.85 -21.00 -2.54
C SER B 110 22.26 -19.85 -3.35
N ALA B 111 22.93 -19.40 -4.42
CA ALA B 111 22.33 -18.38 -5.27
C ALA B 111 21.03 -18.89 -5.88
N ALA B 112 21.09 -20.04 -6.54
CA ALA B 112 19.89 -20.59 -7.16
C ALA B 112 18.80 -20.89 -6.14
N ALA B 113 19.20 -21.40 -4.97
CA ALA B 113 18.21 -21.79 -3.97
C ALA B 113 17.43 -20.57 -3.46
N PHE B 114 18.14 -19.51 -3.07
CA PHE B 114 17.43 -18.37 -2.49
C PHE B 114 16.79 -17.48 -3.52
N ALA B 115 17.26 -17.52 -4.77
CA ALA B 115 16.51 -16.86 -5.83
C ALA B 115 15.16 -17.53 -6.05
N ALA B 116 15.15 -18.86 -6.17
CA ALA B 116 13.87 -19.55 -6.36
C ALA B 116 13.00 -19.41 -5.12
N LEU B 117 13.60 -19.49 -3.93
CA LEU B 117 12.81 -19.32 -2.71
C LEU B 117 12.19 -17.93 -2.64
N ALA B 118 12.93 -16.89 -3.08
CA ALA B 118 12.40 -15.54 -3.03
C ALA B 118 11.17 -15.40 -3.92
N LEU B 119 11.24 -15.95 -5.13
CA LEU B 119 10.13 -15.85 -6.06
C LEU B 119 8.96 -16.73 -5.61
N ALA B 120 9.24 -17.97 -5.23
CA ALA B 120 8.13 -18.86 -4.84
C ALA B 120 7.46 -18.39 -3.56
N ALA B 121 8.24 -17.97 -2.56
CA ALA B 121 7.67 -17.56 -1.28
C ALA B 121 6.81 -16.31 -1.42
N THR B 122 7.31 -15.30 -2.12
CA THR B 122 6.49 -14.09 -2.28
C THR B 122 5.27 -14.35 -3.14
N SER B 123 5.43 -15.13 -4.21
CA SER B 123 4.26 -15.50 -4.99
C SER B 123 3.27 -16.26 -4.12
N ALA B 124 3.75 -17.23 -3.35
CA ALA B 124 2.85 -18.06 -2.54
C ALA B 124 2.03 -17.21 -1.57
N ILE B 125 2.60 -16.11 -1.11
CA ILE B 125 1.95 -15.24 -0.13
C ILE B 125 1.13 -14.14 -0.80
N GLY B 126 0.94 -14.22 -2.12
CA GLY B 126 0.10 -13.29 -2.85
C GLY B 126 0.77 -12.03 -3.38
N LEU B 127 2.08 -11.90 -3.23
CA LEU B 127 2.75 -10.68 -3.69
C LEU B 127 3.14 -10.80 -5.16
N HIS B 128 3.32 -9.63 -5.80
CA HIS B 128 3.71 -9.54 -7.21
C HIS B 128 4.89 -8.56 -7.33
N LEU B 129 6.08 -9.00 -6.90
CA LEU B 129 7.22 -8.11 -6.77
C LEU B 129 7.87 -7.81 -8.13
N SER B 130 8.40 -6.59 -8.25
CA SER B 130 9.24 -6.29 -9.39
C SER B 130 10.52 -7.13 -9.33
N GLU B 131 11.19 -7.24 -10.47
CA GLU B 131 12.49 -7.89 -10.48
C GLU B 131 13.45 -7.24 -9.49
N ARG B 132 13.48 -5.90 -9.45
CA ARG B 132 14.33 -5.21 -8.49
C ARG B 132 14.04 -5.68 -7.07
N ASP B 133 12.77 -5.69 -6.68
CA ASP B 133 12.43 -6.04 -5.31
C ASP B 133 12.70 -7.52 -5.02
N LEU B 134 12.49 -8.41 -6.00
CA LEU B 134 12.83 -9.81 -5.80
C LEU B 134 14.31 -9.95 -5.56
N SER B 135 15.12 -9.23 -6.34
CA SER B 135 16.56 -9.28 -6.21
C SER B 135 17.00 -8.81 -4.82
N ARG B 136 16.50 -7.64 -4.37
CA ARG B 136 16.77 -7.17 -3.01
C ARG B 136 16.45 -8.24 -1.98
N LEU B 137 15.31 -8.91 -2.15
CA LEU B 137 14.89 -9.89 -1.15
C LEU B 137 15.82 -11.11 -1.17
N ALA B 138 16.09 -11.65 -2.36
CA ALA B 138 16.96 -12.82 -2.46
C ALA B 138 18.35 -12.50 -1.90
N ARG B 139 18.78 -11.25 -2.03
CA ARG B 139 20.08 -10.83 -1.52
C ARG B 139 20.22 -11.17 -0.04
N LYS B 140 19.14 -11.00 0.72
CA LYS B 140 19.20 -11.19 2.16
C LYS B 140 19.26 -12.66 2.57
N GLY B 141 18.95 -13.58 1.66
CA GLY B 141 19.19 -15.00 1.92
C GLY B 141 20.64 -15.32 1.62
N SER B 142 21.05 -14.99 0.41
CA SER B 142 22.41 -15.21 -0.05
C SER B 142 22.77 -14.09 -1.01
N GLY B 143 23.92 -13.45 -0.79
CA GLY B 143 24.29 -12.30 -1.61
C GLY B 143 24.20 -12.60 -3.09
N SER B 144 24.84 -13.69 -3.52
CA SER B 144 24.88 -13.99 -4.95
C SER B 144 23.53 -14.49 -5.46
N ALA B 145 22.58 -14.80 -4.57
CA ALA B 145 21.23 -15.12 -5.03
C ALA B 145 20.58 -13.96 -5.74
N CYS B 146 20.92 -12.71 -5.36
CA CYS B 146 20.31 -11.56 -5.99
C CYS B 146 20.64 -11.49 -7.48
N ARG B 147 21.73 -12.12 -7.90
CA ARG B 147 22.13 -12.15 -9.30
C ARG B 147 21.48 -13.29 -10.09
N SER B 148 20.83 -14.24 -9.44
CA SER B 148 20.09 -15.28 -10.15
C SER B 148 18.63 -14.91 -10.37
N ILE B 149 18.21 -13.73 -9.91
CA ILE B 149 16.84 -13.30 -10.13
C ILE B 149 16.72 -12.80 -11.58
N PRO B 150 17.58 -11.91 -12.04
CA PRO B 150 17.54 -11.50 -13.45
C PRO B 150 18.16 -12.57 -14.34
N GLY B 151 18.00 -12.37 -15.64
CA GLY B 151 18.44 -13.33 -16.61
C GLY B 151 19.71 -12.94 -17.31
N GLY B 152 20.40 -13.95 -17.83
CA GLY B 152 21.50 -13.73 -18.74
C GLY B 152 22.74 -13.27 -18.03
N PHE B 153 23.33 -12.18 -18.53
CA PHE B 153 24.48 -11.55 -17.90
C PHE B 153 23.96 -10.50 -16.92
N VAL B 154 24.43 -10.55 -15.69
CA VAL B 154 23.79 -9.84 -14.60
C VAL B 154 24.82 -9.05 -13.82
N GLU B 155 24.45 -7.83 -13.41
CA GLU B 155 25.33 -6.97 -12.62
C GLU B 155 24.66 -6.65 -11.30
N TRP B 156 25.37 -6.91 -10.22
CA TRP B 156 24.94 -6.57 -8.87
C TRP B 156 25.41 -5.15 -8.55
N ILE B 157 24.48 -4.22 -8.42
CA ILE B 157 24.75 -2.84 -8.00
C ILE B 157 24.97 -2.85 -6.49
N PRO B 158 26.16 -2.52 -6.01
CA PRO B 158 26.48 -2.80 -4.60
C PRO B 158 25.66 -1.98 -3.61
N GLY B 159 25.59 -0.66 -3.81
CA GLY B 159 24.78 0.19 -2.96
C GLY B 159 25.35 0.42 -1.57
N GLU B 160 24.71 1.32 -0.82
CA GLU B 160 25.05 1.56 0.57
C GLU B 160 23.88 1.29 1.50
N THR B 161 22.74 0.88 0.96
CA THR B 161 21.50 0.71 1.72
C THR B 161 20.80 -0.55 1.23
N ASP B 162 19.91 -1.07 2.06
CA ASP B 162 19.12 -2.22 1.67
C ASP B 162 18.41 -1.99 0.34
N GLU B 163 17.84 -0.80 0.14
CA GLU B 163 17.08 -0.56 -1.08
C GLU B 163 17.96 -0.36 -2.30
N ASP B 164 19.21 0.06 -2.13
CA ASP B 164 20.09 0.31 -3.26
C ASP B 164 20.89 -0.89 -3.72
N SER B 165 20.77 -2.04 -3.08
CA SER B 165 21.66 -3.17 -3.39
C SER B 165 20.84 -4.26 -4.05
N TYR B 166 20.97 -4.37 -5.37
CA TYR B 166 20.20 -5.33 -6.14
C TYR B 166 20.88 -5.50 -7.49
N ALA B 167 20.45 -6.49 -8.25
CA ALA B 167 21.07 -6.77 -9.54
C ALA B 167 20.08 -6.52 -10.68
N VAL B 168 20.64 -6.27 -11.86
CA VAL B 168 19.88 -6.05 -13.09
C VAL B 168 20.58 -6.81 -14.21
N SER B 169 19.82 -7.20 -15.21
CA SER B 169 20.43 -7.86 -16.35
C SER B 169 21.10 -6.81 -17.23
N ILE B 170 22.37 -7.03 -17.56
CA ILE B 170 23.04 -6.15 -18.52
C ILE B 170 22.97 -6.68 -19.95
N ALA B 171 22.59 -7.94 -20.14
CA ALA B 171 22.46 -8.54 -21.47
C ALA B 171 21.69 -9.85 -21.36
N PRO B 172 20.73 -10.10 -22.25
CA PRO B 172 20.00 -11.37 -22.21
C PRO B 172 20.89 -12.51 -22.68
N PRO B 173 20.54 -13.75 -22.37
CA PRO B 173 21.40 -14.88 -22.76
C PRO B 173 21.73 -14.89 -24.23
N GLU B 174 20.78 -14.52 -25.08
CA GLU B 174 20.94 -14.54 -26.54
C GLU B 174 22.00 -13.57 -27.02
N HIS B 175 22.45 -12.64 -26.17
CA HIS B 175 23.38 -11.61 -26.63
C HIS B 175 24.74 -12.18 -26.97
N TRP B 176 25.22 -13.15 -26.20
CA TRP B 176 26.59 -13.64 -26.40
C TRP B 176 26.63 -15.12 -26.07
N ALA B 177 26.97 -15.95 -27.05
CA ALA B 177 26.98 -17.39 -26.84
C ALA B 177 28.29 -17.74 -26.15
N LEU B 178 28.29 -17.69 -24.82
CA LEU B 178 29.41 -18.14 -24.02
C LEU B 178 29.04 -19.42 -23.30
N THR B 179 30.04 -20.29 -23.11
CA THR B 179 29.88 -21.56 -22.42
C THR B 179 30.82 -21.61 -21.23
N ASP B 180 30.33 -22.11 -20.12
CA ASP B 180 31.13 -22.37 -18.93
C ASP B 180 31.39 -23.87 -18.84
N CYS B 181 32.61 -24.27 -19.12
CA CYS B 181 33.02 -25.66 -18.95
C CYS B 181 33.60 -25.80 -17.55
N ILE B 182 32.89 -26.50 -16.67
CA ILE B 182 33.23 -26.52 -15.25
C ILE B 182 34.04 -27.77 -14.95
N ALA B 183 35.31 -27.58 -14.61
CA ALA B 183 36.20 -28.71 -14.29
C ALA B 183 36.01 -29.09 -12.83
N ILE B 184 35.46 -30.28 -12.59
CA ILE B 184 35.16 -30.78 -11.26
C ILE B 184 36.34 -31.60 -10.76
N LEU B 185 36.91 -31.21 -9.62
CA LEU B 185 38.12 -31.84 -9.11
C LEU B 185 37.76 -32.95 -8.13
N SER B 186 38.29 -34.16 -8.39
CA SER B 186 38.06 -35.29 -7.51
C SER B 186 38.38 -34.99 -6.05
N THR B 187 39.17 -33.95 -5.78
CA THR B 187 39.80 -33.73 -4.49
C THR B 187 38.97 -32.91 -3.51
N GLN B 188 37.64 -32.91 -3.65
CA GLN B 188 36.81 -32.23 -2.66
C GLN B 188 37.16 -32.71 -1.25
N HIS B 189 37.13 -31.79 -0.28
CA HIS B 189 37.15 -32.17 1.13
C HIS B 189 36.88 -30.98 2.04
N LYS B 190 35.58 -30.64 2.16
CA LYS B 190 34.99 -29.67 3.07
C LYS B 190 35.73 -28.34 3.13
N PRO B 191 35.67 -27.54 2.08
CA PRO B 191 36.22 -26.17 2.17
C PRO B 191 35.38 -25.30 3.10
N ILE B 192 36.03 -24.34 3.74
CA ILE B 192 35.30 -23.36 4.52
C ILE B 192 34.28 -22.68 3.60
N GLY B 193 33.08 -22.46 4.13
CA GLY B 193 32.04 -21.85 3.32
C GLY B 193 32.35 -20.43 2.93
N SER B 194 31.64 -19.95 1.91
CA SER B 194 31.85 -18.59 1.41
C SER B 194 31.50 -17.55 2.47
N THR B 195 30.42 -17.78 3.22
CA THR B 195 30.00 -16.83 4.26
C THR B 195 31.09 -16.66 5.30
N GLN B 196 31.55 -17.77 5.88
CA GLN B 196 32.61 -17.71 6.88
C GLN B 196 33.90 -17.21 6.26
N GLY B 197 34.24 -17.69 5.07
CA GLY B 197 35.48 -17.26 4.43
C GLY B 197 35.52 -15.77 4.20
N MET B 198 34.46 -15.20 3.64
CA MET B 198 34.53 -13.78 3.31
C MET B 198 34.37 -12.89 4.52
N ALA B 199 33.92 -13.45 5.66
CA ALA B 199 33.94 -12.68 6.92
C ALA B 199 35.35 -12.40 7.38
N LEU B 200 36.33 -13.19 6.93
CA LEU B 200 37.73 -12.97 7.22
C LEU B 200 38.41 -12.02 6.26
N ALA B 201 37.76 -11.62 5.16
CA ALA B 201 38.43 -10.81 4.15
C ALA B 201 39.06 -9.56 4.75
N SER B 202 38.43 -8.98 5.78
CA SER B 202 38.99 -7.78 6.39
C SER B 202 40.30 -8.04 7.12
N THR B 203 40.67 -9.29 7.38
CA THR B 203 41.98 -9.54 7.98
C THR B 203 43.11 -9.46 6.97
N SER B 204 42.80 -9.42 5.67
CA SER B 204 43.87 -9.34 4.67
C SER B 204 44.30 -7.89 4.48
N PRO B 205 45.60 -7.59 4.57
CA PRO B 205 46.08 -6.25 4.21
C PRO B 205 45.73 -5.81 2.79
N LEU B 206 45.35 -6.74 1.90
CA LEU B 206 45.12 -6.37 0.51
C LEU B 206 43.64 -6.17 0.18
N GLN B 207 42.72 -6.45 1.11
CA GLN B 207 41.29 -6.37 0.79
C GLN B 207 40.86 -4.95 0.46
N PRO B 208 41.21 -3.92 1.23
CA PRO B 208 40.77 -2.56 0.86
C PRO B 208 41.20 -2.14 -0.53
N ALA B 209 42.43 -2.46 -0.94
CA ALA B 209 42.87 -2.10 -2.28
C ALA B 209 42.10 -2.88 -3.34
N ARG B 210 41.85 -4.17 -3.08
CA ARG B 210 41.08 -4.94 -4.04
C ARG B 210 39.70 -4.33 -4.22
N VAL B 211 39.06 -3.99 -3.09
CA VAL B 211 37.70 -3.45 -3.14
C VAL B 211 37.69 -2.13 -3.88
N ALA B 212 38.62 -1.23 -3.55
CA ALA B 212 38.60 0.09 -4.17
C ALA B 212 38.86 0.05 -5.66
N ASP B 213 39.46 -1.03 -6.14
CA ASP B 213 39.76 -1.18 -7.56
C ASP B 213 38.63 -1.85 -8.34
N THR B 214 37.60 -2.40 -7.67
CA THR B 214 36.56 -3.12 -8.41
C THR B 214 35.86 -2.27 -9.46
N PRO B 215 35.53 -0.99 -9.22
CA PRO B 215 34.84 -0.22 -10.28
C PRO B 215 35.57 -0.27 -11.60
N ARG B 216 36.90 -0.13 -11.62
CA ARG B 216 37.64 -0.26 -12.88
C ARG B 216 37.40 -1.61 -13.52
N ARG B 217 37.42 -2.68 -12.71
CA ARG B 217 37.27 -4.04 -13.24
C ARG B 217 35.86 -4.28 -13.76
N LEU B 218 34.84 -3.75 -13.06
CA LEU B 218 33.47 -3.89 -13.53
C LEU B 218 33.26 -3.21 -14.87
N GLU B 219 33.83 -2.02 -15.04
CA GLU B 219 33.63 -1.29 -16.28
C GLU B 219 34.18 -2.07 -17.47
N ILE B 220 35.32 -2.73 -17.31
CA ILE B 220 35.91 -3.45 -18.43
C ILE B 220 35.08 -4.68 -18.77
N VAL B 221 34.59 -5.41 -17.76
CA VAL B 221 33.77 -6.59 -18.05
C VAL B 221 32.44 -6.18 -18.65
N ARG B 222 31.80 -5.16 -18.07
CA ARG B 222 30.55 -4.63 -18.61
C ARG B 222 30.73 -4.25 -20.08
N ARG B 223 31.76 -3.47 -20.39
CA ARG B 223 32.00 -3.07 -21.77
C ARG B 223 32.27 -4.27 -22.65
N ALA B 224 33.09 -5.21 -22.18
CA ALA B 224 33.42 -6.38 -22.98
C ALA B 224 32.19 -7.23 -23.27
N ILE B 225 31.23 -7.29 -22.34
CA ILE B 225 30.02 -8.07 -22.59
C ILE B 225 29.17 -7.37 -23.65
N LEU B 226 29.00 -6.05 -23.53
CA LEU B 226 28.24 -5.31 -24.51
C LEU B 226 28.87 -5.43 -25.90
N GLU B 227 30.18 -5.27 -25.98
CA GLU B 227 30.89 -5.29 -27.26
C GLU B 227 31.29 -6.69 -27.71
N ARG B 228 31.01 -7.73 -26.90
CA ARG B 228 31.40 -9.12 -27.17
C ARG B 228 32.89 -9.24 -27.46
N ASP B 229 33.68 -8.58 -26.64
CA ASP B 229 35.14 -8.56 -26.77
C ASP B 229 35.71 -9.63 -25.84
N PHE B 230 35.96 -10.83 -26.38
CA PHE B 230 36.31 -11.94 -25.49
C PHE B 230 37.69 -11.76 -24.88
N LEU B 231 38.66 -11.27 -25.65
CA LEU B 231 40.00 -11.17 -25.08
C LEU B 231 40.00 -10.27 -23.85
N SER B 232 39.31 -9.13 -23.93
CA SER B 232 39.19 -8.25 -22.78
C SER B 232 38.49 -8.94 -21.62
N LEU B 233 37.42 -9.66 -21.91
CA LEU B 233 36.74 -10.41 -20.86
C LEU B 233 37.66 -11.45 -20.25
N ALA B 234 38.36 -12.21 -21.09
CA ALA B 234 39.17 -13.32 -20.59
C ALA B 234 40.25 -12.82 -19.64
N GLU B 235 40.93 -11.74 -20.01
CA GLU B 235 42.03 -11.30 -19.16
C GLU B 235 41.52 -10.72 -17.85
N MET B 236 40.36 -10.04 -17.86
CA MET B 236 39.86 -9.42 -16.64
C MET B 236 39.29 -10.45 -15.67
N ILE B 237 38.59 -11.48 -16.16
CA ILE B 237 38.03 -12.43 -15.21
C ILE B 237 39.13 -13.26 -14.56
N GLU B 238 40.20 -13.59 -15.30
CA GLU B 238 41.31 -14.25 -14.65
C GLU B 238 41.94 -13.34 -13.61
N HIS B 239 42.18 -12.08 -13.97
CA HIS B 239 42.70 -11.10 -13.03
C HIS B 239 41.79 -10.95 -11.81
N ASP B 240 40.48 -10.81 -12.04
CA ASP B 240 39.58 -10.63 -10.91
C ASP B 240 39.55 -11.88 -10.03
N SER B 241 39.57 -13.07 -10.64
CA SER B 241 39.64 -14.30 -9.84
C SER B 241 40.91 -14.34 -8.99
N ASN B 242 42.04 -13.99 -9.58
CA ASN B 242 43.27 -13.99 -8.82
C ASN B 242 43.28 -12.93 -7.74
N LEU B 243 42.65 -11.78 -7.99
CA LEU B 243 42.58 -10.77 -6.93
C LEU B 243 41.84 -11.31 -5.72
N MET B 244 40.71 -11.97 -5.94
CA MET B 244 39.95 -12.53 -4.81
C MET B 244 40.76 -13.61 -4.10
N HIS B 245 41.35 -14.53 -4.85
CA HIS B 245 42.12 -15.56 -4.19
C HIS B 245 43.37 -15.01 -3.50
N ALA B 246 43.94 -13.91 -4.02
CA ALA B 246 44.99 -13.21 -3.29
C ALA B 246 44.52 -12.79 -1.90
N VAL B 247 43.32 -12.20 -1.82
CA VAL B 247 42.81 -11.79 -0.52
C VAL B 247 42.54 -13.02 0.36
N MET B 248 41.93 -14.07 -0.21
CA MET B 248 41.69 -15.27 0.58
C MET B 248 43.01 -15.82 1.14
N MET B 249 44.03 -15.90 0.29
CA MET B 249 45.26 -16.54 0.71
C MET B 249 46.06 -15.67 1.68
N THR B 250 45.71 -14.41 1.84
CA THR B 250 46.40 -13.54 2.78
C THR B 250 45.50 -13.13 3.94
N SER B 251 44.34 -13.77 4.08
CA SER B 251 43.55 -13.66 5.28
C SER B 251 44.21 -14.40 6.43
N THR B 252 43.65 -14.20 7.62
CA THR B 252 44.08 -14.86 8.85
C THR B 252 42.87 -15.52 9.47
N PRO B 253 42.82 -16.87 9.53
CA PRO B 253 43.83 -17.73 8.93
C PRO B 253 43.71 -17.74 7.41
N PRO B 254 44.78 -18.14 6.71
CA PRO B 254 44.75 -18.16 5.25
C PRO B 254 43.73 -19.15 4.72
N LEU B 255 43.14 -18.80 3.57
CA LEU B 255 42.15 -19.63 2.89
C LEU B 255 42.74 -20.05 1.56
N PHE B 256 43.27 -21.26 1.48
CA PHE B 256 43.85 -21.78 0.24
C PHE B 256 42.82 -22.71 -0.36
N TYR B 257 41.93 -22.17 -1.20
CA TYR B 257 40.89 -22.98 -1.82
C TYR B 257 41.40 -23.79 -2.99
N TRP B 258 42.56 -23.43 -3.55
CA TRP B 258 43.04 -24.13 -4.72
C TRP B 258 43.54 -25.52 -4.35
N GLU B 259 43.33 -26.46 -5.24
CA GLU B 259 44.05 -27.71 -5.18
C GLU B 259 45.21 -27.67 -6.17
N PRO B 260 46.18 -28.56 -6.03
CA PRO B 260 47.27 -28.61 -7.01
C PRO B 260 46.77 -28.63 -8.45
N VAL B 261 45.75 -29.44 -8.73
CA VAL B 261 45.24 -29.53 -10.09
C VAL B 261 44.57 -28.22 -10.54
N SER B 262 44.00 -27.44 -9.61
CA SER B 262 43.53 -26.10 -9.94
C SER B 262 44.61 -25.29 -10.63
N LEU B 263 45.83 -25.33 -10.07
CA LEU B 263 46.97 -24.64 -10.65
C LEU B 263 47.28 -25.14 -12.06
N VAL B 264 47.30 -26.47 -12.25
CA VAL B 264 47.55 -27.04 -13.59
C VAL B 264 46.57 -26.45 -14.59
N ILE B 265 45.28 -26.47 -14.23
CA ILE B 265 44.23 -25.98 -15.13
C ILE B 265 44.44 -24.51 -15.45
N MET B 266 44.63 -23.68 -14.43
CA MET B 266 44.80 -22.25 -14.68
C MET B 266 45.92 -21.99 -15.67
N LYS B 267 47.10 -22.56 -15.41
CA LYS B 267 48.22 -22.37 -16.33
C LYS B 267 47.89 -22.88 -17.73
N SER B 268 47.21 -24.03 -17.83
CA SER B 268 46.95 -24.62 -19.14
C SER B 268 45.97 -23.76 -19.94
N VAL B 269 44.94 -23.23 -19.28
CA VAL B 269 43.96 -22.40 -19.96
C VAL B 269 44.65 -21.18 -20.55
N ARG B 270 45.47 -20.49 -19.75
CA ARG B 270 46.25 -19.39 -20.27
C ARG B 270 47.04 -19.84 -21.50
N GLU B 271 47.76 -20.96 -21.38
CA GLU B 271 48.50 -21.46 -22.53
C GLU B 271 47.58 -21.71 -23.72
N TRP B 272 46.42 -22.32 -23.50
CA TRP B 272 45.50 -22.58 -24.59
C TRP B 272 45.08 -21.29 -25.28
N ARG B 273 44.72 -20.27 -24.50
CA ARG B 273 44.28 -19.03 -25.11
C ARG B 273 45.42 -18.38 -25.88
N GLU B 274 46.61 -18.33 -25.29
CA GLU B 274 47.72 -17.68 -25.97
C GLU B 274 48.13 -18.42 -27.24
N SER B 275 47.76 -19.69 -27.37
CA SER B 275 48.06 -20.50 -28.54
C SER B 275 46.91 -20.56 -29.53
N GLY B 276 45.84 -19.80 -29.32
CA GLY B 276 44.80 -19.67 -30.32
C GLY B 276 43.47 -20.31 -30.01
N LEU B 277 43.26 -20.82 -28.80
CA LEU B 277 41.98 -21.39 -28.40
C LEU B 277 41.32 -20.48 -27.38
N PRO B 278 40.31 -19.68 -27.76
CA PRO B 278 39.74 -18.71 -26.81
C PRO B 278 39.05 -19.35 -25.61
N CYS B 279 39.60 -19.10 -24.42
CA CYS B 279 39.03 -19.57 -23.17
C CYS B 279 39.69 -18.78 -22.04
N ALA B 280 39.09 -18.89 -20.84
CA ALA B 280 39.55 -18.15 -19.66
C ALA B 280 39.06 -18.86 -18.40
N TYR B 281 39.84 -18.76 -17.33
CA TYR B 281 39.47 -19.43 -16.09
C TYR B 281 38.94 -18.45 -15.05
N THR B 282 38.15 -19.01 -14.13
CA THR B 282 37.75 -18.31 -12.92
C THR B 282 37.38 -19.36 -11.87
N LEU B 283 37.70 -19.05 -10.61
CA LEU B 283 37.42 -19.93 -9.48
C LEU B 283 36.62 -19.19 -8.42
N ASP B 284 35.74 -19.93 -7.75
CA ASP B 284 35.03 -19.42 -6.60
C ASP B 284 35.73 -19.91 -5.33
N ALA B 285 34.98 -20.15 -4.27
CA ALA B 285 35.52 -20.58 -2.98
C ALA B 285 35.60 -22.10 -2.93
N GLY B 286 36.40 -22.65 -3.85
CA GLY B 286 36.60 -24.08 -3.96
C GLY B 286 37.62 -24.32 -5.05
N PRO B 287 38.01 -25.58 -5.27
CA PRO B 287 39.04 -25.87 -6.28
C PRO B 287 38.53 -26.05 -7.71
N ASN B 288 37.22 -26.18 -7.92
CA ASN B 288 36.73 -26.38 -9.28
C ASN B 288 37.07 -25.16 -10.13
N VAL B 289 37.31 -25.38 -11.41
CA VAL B 289 37.71 -24.30 -12.30
C VAL B 289 36.65 -24.12 -13.36
N HIS B 290 36.06 -22.93 -13.40
CA HIS B 290 35.12 -22.56 -14.45
C HIS B 290 35.93 -22.00 -15.61
N VAL B 291 35.78 -22.60 -16.78
CA VAL B 291 36.49 -22.16 -17.97
C VAL B 291 35.45 -21.63 -18.94
N ILE B 292 35.50 -20.35 -19.17
CA ILE B 292 34.55 -19.67 -20.05
C ILE B 292 35.14 -19.63 -21.45
N CYS B 293 34.31 -19.81 -22.46
CA CYS B 293 34.80 -19.69 -23.82
C CYS B 293 33.64 -19.41 -24.72
N PRO B 294 33.87 -18.77 -25.87
CA PRO B 294 32.84 -18.73 -26.90
C PRO B 294 32.37 -20.15 -27.21
N SER B 295 31.06 -20.32 -27.36
CA SER B 295 30.49 -21.66 -27.37
C SER B 295 31.05 -22.53 -28.48
N GLU B 296 31.46 -21.94 -29.60
CA GLU B 296 31.97 -22.75 -30.70
C GLU B 296 33.25 -23.48 -30.34
N TYR B 297 33.99 -23.02 -29.33
CA TYR B 297 35.22 -23.68 -28.90
C TYR B 297 34.99 -24.60 -27.71
N ALA B 298 33.73 -24.77 -27.28
CA ALA B 298 33.47 -25.46 -26.02
C ALA B 298 33.86 -26.93 -26.08
N GLU B 299 33.59 -27.59 -27.21
CA GLU B 299 33.90 -29.02 -27.30
C GLU B 299 35.41 -29.27 -27.28
N GLU B 300 36.18 -28.38 -27.92
CA GLU B 300 37.63 -28.47 -27.82
C GLU B 300 38.10 -28.21 -26.39
N VAL B 301 37.59 -27.15 -25.75
CA VAL B 301 37.96 -26.87 -24.36
C VAL B 301 37.63 -28.05 -23.46
N ILE B 302 36.41 -28.61 -23.59
CA ILE B 302 36.01 -29.72 -22.72
C ILE B 302 36.90 -30.94 -22.95
N PHE B 303 37.35 -31.15 -24.18
CA PHE B 303 38.23 -32.30 -24.44
C PHE B 303 39.58 -32.11 -23.77
N ARG B 304 40.15 -30.90 -23.86
CA ARG B 304 41.43 -30.69 -23.22
C ARG B 304 41.32 -30.78 -21.71
N LEU B 305 40.24 -30.22 -21.13
CA LEU B 305 40.05 -30.31 -19.69
C LEU B 305 39.89 -31.75 -19.24
N THR B 306 39.11 -32.55 -19.99
CA THR B 306 38.83 -33.92 -19.59
C THR B 306 40.09 -34.74 -19.47
N SER B 307 41.08 -34.45 -20.32
CA SER B 307 42.31 -35.21 -20.40
C SER B 307 43.38 -34.77 -19.40
N ILE B 308 43.03 -33.88 -18.46
CA ILE B 308 43.99 -33.45 -17.44
C ILE B 308 43.82 -34.37 -16.23
N PRO B 309 44.89 -35.02 -15.78
CA PRO B 309 44.77 -35.90 -14.62
C PRO B 309 44.23 -35.12 -13.41
N GLY B 310 43.32 -35.75 -12.68
CA GLY B 310 42.69 -35.13 -11.54
C GLY B 310 41.38 -34.42 -11.83
N VAL B 311 41.07 -34.17 -13.10
CA VAL B 311 39.76 -33.66 -13.47
C VAL B 311 38.78 -34.84 -13.43
N GLN B 312 37.89 -34.84 -12.45
CA GLN B 312 36.95 -35.96 -12.30
C GLN B 312 35.92 -35.96 -13.43
N THR B 313 35.46 -34.79 -13.84
CA THR B 313 34.48 -34.68 -14.91
C THR B 313 34.31 -33.20 -15.22
N VAL B 314 33.68 -32.91 -16.36
CA VAL B 314 33.57 -31.55 -16.86
C VAL B 314 32.11 -31.29 -17.21
N LEU B 315 31.52 -30.25 -16.61
CA LEU B 315 30.15 -29.87 -16.88
C LEU B 315 30.11 -28.76 -17.94
N LYS B 316 29.09 -28.81 -18.79
CA LYS B 316 28.89 -27.83 -19.85
C LYS B 316 27.61 -27.06 -19.58
N ALA B 317 27.73 -25.74 -19.51
CA ALA B 317 26.59 -24.86 -19.26
C ALA B 317 26.66 -23.65 -20.17
N SER B 318 25.52 -23.24 -20.69
CA SER B 318 25.38 -22.02 -21.46
C SER B 318 24.61 -20.99 -20.64
N ALA B 319 24.52 -19.77 -21.16
CA ALA B 319 23.90 -18.69 -20.40
C ALA B 319 22.41 -18.96 -20.22
N GLY B 320 21.93 -18.80 -18.99
CA GLY B 320 20.56 -19.11 -18.65
C GLY B 320 19.70 -17.87 -18.41
N ASP B 321 18.40 -18.13 -18.32
CA ASP B 321 17.35 -17.14 -18.18
C ASP B 321 17.14 -16.73 -16.72
N SER B 322 16.17 -15.85 -16.52
CA SER B 322 15.85 -15.35 -15.19
C SER B 322 15.11 -16.42 -14.37
N ALA B 323 15.07 -16.20 -13.05
CA ALA B 323 14.19 -17.00 -12.20
C ALA B 323 12.74 -16.86 -12.69
N LYS B 324 11.99 -17.96 -12.63
CA LYS B 324 10.63 -17.98 -13.18
C LYS B 324 9.71 -18.76 -12.25
N LEU B 325 8.45 -18.34 -12.20
CA LEU B 325 7.39 -19.18 -11.66
C LEU B 325 7.01 -20.25 -12.65
N ILE B 326 6.68 -21.44 -12.15
CA ILE B 326 6.19 -22.52 -12.98
C ILE B 326 4.87 -23.02 -12.43
N GLU B 327 3.96 -23.40 -13.33
CA GLU B 327 2.63 -23.89 -12.98
C GLU B 327 2.73 -25.22 -12.23
N GLY C 4 8.02 4.42 25.97
CA GLY C 4 7.65 5.76 25.44
C GLY C 4 7.55 5.75 23.91
N MET C 5 6.83 4.80 23.37
CA MET C 5 6.81 4.58 21.91
C MET C 5 5.97 5.60 21.13
N GLY C 6 5.28 6.54 21.73
CA GLY C 6 4.45 7.52 21.01
C GLY C 6 3.19 7.93 21.79
N GLN C 7 2.77 9.16 21.71
CA GLN C 7 1.57 9.56 22.43
C GLN C 7 0.88 10.70 21.70
N ALA C 8 -0.38 10.92 22.05
CA ALA C 8 -1.20 11.94 21.42
C ALA C 8 -2.44 12.13 22.27
N THR C 9 -3.00 13.34 22.22
CA THR C 9 -4.21 13.67 22.97
C THR C 9 -5.25 14.20 22.00
N ALA C 10 -6.50 13.76 22.17
CA ALA C 10 -7.60 14.20 21.32
C ALA C 10 -8.83 14.47 22.17
N ILE C 11 -9.75 15.26 21.63
CA ILE C 11 -11.00 15.56 22.30
C ILE C 11 -12.16 15.25 21.37
N ALA C 12 -13.32 14.91 21.96
CA ALA C 12 -14.48 14.68 21.13
C ALA C 12 -15.73 14.93 21.97
N HIS C 13 -16.85 15.11 21.28
CA HIS C 13 -18.08 15.49 21.93
C HIS C 13 -19.08 14.35 21.82
N PRO C 14 -19.97 14.19 22.80
CA PRO C 14 -21.11 13.28 22.61
C PRO C 14 -22.03 13.89 21.57
N ASN C 15 -23.01 13.09 21.12
CA ASN C 15 -23.95 13.59 20.13
C ASN C 15 -25.34 13.13 20.50
N ILE C 16 -26.34 13.78 19.93
CA ILE C 16 -27.74 13.44 20.15
C ILE C 16 -28.34 13.07 18.79
N ALA C 17 -28.84 11.84 18.68
CA ALA C 17 -29.34 11.34 17.40
C ALA C 17 -30.76 11.83 17.16
N PHE C 18 -30.97 12.52 16.04
CA PHE C 18 -32.28 12.89 15.52
C PHE C 18 -32.96 11.69 14.89
N ILE C 19 -32.20 10.86 14.20
CA ILE C 19 -32.64 9.59 13.66
C ILE C 19 -31.77 8.53 14.31
N LYS C 20 -32.40 7.54 14.92
CA LYS C 20 -31.73 6.67 15.89
C LYS C 20 -31.06 5.48 15.23
N TYR C 21 -29.89 5.12 15.79
CA TYR C 21 -29.27 3.82 15.61
C TYR C 21 -29.81 2.86 16.68
N TRP C 22 -30.43 1.76 16.25
CA TRP C 22 -30.90 0.75 17.20
C TRP C 22 -30.94 -0.58 16.46
N GLY C 23 -30.04 -1.48 16.83
CA GLY C 23 -29.94 -2.77 16.18
C GLY C 23 -28.71 -2.85 15.30
N LYS C 24 -27.92 -3.91 15.47
CA LYS C 24 -26.73 -4.14 14.68
C LYS C 24 -26.99 -5.21 13.63
N ARG C 25 -26.49 -4.97 12.42
CA ARG C 25 -26.43 -6.00 11.39
C ARG C 25 -25.24 -6.92 11.59
N ASP C 26 -24.13 -6.40 12.11
CA ASP C 26 -22.93 -7.19 12.40
C ASP C 26 -22.46 -6.80 13.79
N ALA C 27 -22.48 -7.76 14.72
CA ALA C 27 -22.18 -7.43 16.11
C ALA C 27 -20.72 -6.99 16.29
N VAL C 28 -19.78 -7.68 15.65
CA VAL C 28 -18.37 -7.41 15.90
C VAL C 28 -17.94 -6.12 15.20
N LEU C 29 -18.33 -5.95 13.94
CA LEU C 29 -17.95 -4.75 13.20
C LEU C 29 -18.84 -3.55 13.55
N ARG C 30 -19.92 -3.77 14.30
CA ARG C 30 -20.85 -2.70 14.64
C ARG C 30 -21.32 -1.99 13.38
N ILE C 31 -21.70 -2.79 12.39
CA ILE C 31 -22.47 -2.26 11.26
C ILE C 31 -23.93 -2.19 11.68
N PRO C 32 -24.61 -1.06 11.47
CA PRO C 32 -25.97 -0.91 11.97
C PRO C 32 -27.00 -1.42 10.98
N GLU C 33 -28.21 -1.70 11.50
CA GLU C 33 -29.31 -2.08 10.64
C GLU C 33 -29.81 -0.91 9.79
N ASN C 34 -29.70 0.32 10.29
CA ASN C 34 -30.17 1.51 9.60
C ASN C 34 -29.21 2.66 9.82
N GLY C 35 -29.36 3.68 8.98
CA GLY C 35 -28.55 4.88 9.11
C GLY C 35 -29.10 5.82 10.17
N SER C 36 -28.32 6.84 10.51
CA SER C 36 -28.69 7.73 11.59
C SER C 36 -28.10 9.11 11.32
N ILE C 37 -28.65 10.11 12.00
CA ILE C 37 -28.24 11.51 11.87
C ILE C 37 -28.21 12.13 13.26
N SER C 38 -27.16 12.88 13.57
CA SER C 38 -26.98 13.38 14.93
C SER C 38 -26.33 14.76 14.90
N MET C 39 -26.34 15.42 16.06
CA MET C 39 -25.69 16.72 16.25
C MET C 39 -24.69 16.57 17.39
N ASN C 40 -23.43 16.96 17.16
CA ASN C 40 -22.47 17.00 18.24
C ASN C 40 -22.88 18.04 19.27
N LEU C 41 -22.53 17.80 20.54
CA LEU C 41 -22.87 18.70 21.64
C LEU C 41 -21.61 19.42 22.13
N ALA C 42 -21.57 20.74 21.94
CA ALA C 42 -20.32 21.49 22.13
C ALA C 42 -19.85 21.50 23.59
N GLU C 43 -20.77 21.60 24.54
CA GLU C 43 -20.41 21.89 25.92
C GLU C 43 -20.03 20.64 26.72
N LEU C 44 -20.07 19.47 26.12
CA LEU C 44 -19.65 18.23 26.75
C LEU C 44 -18.48 17.68 25.97
N THR C 45 -17.41 17.28 26.68
CA THR C 45 -16.15 16.90 26.03
C THR C 45 -15.50 15.74 26.76
N VAL C 46 -15.01 14.77 26.01
CA VAL C 46 -14.08 13.76 26.51
C VAL C 46 -12.70 14.06 25.90
N LYS C 47 -11.69 14.15 26.76
CA LYS C 47 -10.30 14.36 26.35
C LYS C 47 -9.50 13.13 26.74
N THR C 48 -8.80 12.53 25.78
CA THR C 48 -8.14 11.26 26.00
C THR C 48 -6.72 11.32 25.50
N THR C 49 -5.79 10.90 26.33
CA THR C 49 -4.39 10.76 25.94
C THR C 49 -4.03 9.29 25.88
N VAL C 50 -3.40 8.89 24.79
CA VAL C 50 -2.88 7.54 24.63
C VAL C 50 -1.36 7.62 24.60
N ILE C 51 -0.70 6.76 25.38
CA ILE C 51 0.76 6.75 25.50
C ILE C 51 1.19 5.30 25.39
N PHE C 52 1.70 4.91 24.22
CA PHE C 52 2.18 3.54 24.07
C PHE C 52 3.51 3.40 24.81
N GLU C 53 3.66 2.29 25.53
CA GLU C 53 4.82 2.04 26.37
C GLU C 53 5.55 0.81 25.86
N LYS C 54 6.88 0.83 25.97
CA LYS C 54 7.66 -0.34 25.60
C LYS C 54 7.56 -1.45 26.66
N HIS C 55 7.46 -1.08 27.94
CA HIS C 55 7.50 -2.05 29.04
C HIS C 55 6.15 -2.28 29.69
N SER C 56 5.10 -2.54 28.90
CA SER C 56 3.76 -2.80 29.40
C SER C 56 3.25 -4.12 28.84
N ARG C 57 2.84 -5.02 29.71
CA ARG C 57 2.25 -6.29 29.26
C ARG C 57 0.75 -6.17 28.98
N GLU C 58 0.11 -5.09 29.44
CA GLU C 58 -1.31 -4.89 29.24
C GLU C 58 -1.62 -3.39 29.31
N ASP C 59 -2.79 -3.01 28.81
CA ASP C 59 -3.19 -1.61 28.80
C ASP C 59 -3.64 -1.18 30.19
N THR C 60 -3.58 0.14 30.42
CA THR C 60 -4.09 0.73 31.65
C THR C 60 -5.00 1.89 31.31
N LEU C 61 -6.17 1.96 31.96
CA LEU C 61 -7.13 3.02 31.70
C LEU C 61 -7.42 3.83 32.97
N ILE C 62 -7.28 5.15 32.89
CA ILE C 62 -7.56 6.08 33.98
C ILE C 62 -8.70 6.99 33.55
N LEU C 63 -9.77 7.04 34.36
CA LEU C 63 -10.97 7.81 34.05
C LEU C 63 -11.16 8.91 35.09
N ASN C 64 -10.98 10.17 34.70
CA ASN C 64 -11.13 11.30 35.61
C ASN C 64 -10.24 11.12 36.84
N GLY C 65 -8.98 10.70 36.62
CA GLY C 65 -8.01 10.57 37.68
C GLY C 65 -8.06 9.26 38.44
N ALA C 66 -9.03 8.39 38.17
CA ALA C 66 -9.22 7.15 38.90
C ALA C 66 -9.14 5.97 37.95
N LEU C 67 -8.53 4.89 38.42
CA LEU C 67 -8.48 3.65 37.65
C LEU C 67 -9.86 3.22 37.19
N ALA C 68 -9.97 2.90 35.90
CA ALA C 68 -11.23 2.45 35.35
C ALA C 68 -11.65 1.10 35.94
N ASP C 69 -12.96 0.88 36.01
CA ASP C 69 -13.46 -0.45 36.34
C ASP C 69 -13.04 -1.43 35.25
N GLU C 70 -13.14 -2.72 35.56
CA GLU C 70 -12.57 -3.67 34.61
C GLU C 70 -13.38 -3.75 33.32
N PRO C 71 -14.72 -3.65 33.37
CA PRO C 71 -15.47 -3.65 32.10
C PRO C 71 -15.03 -2.56 31.13
N ALA C 72 -14.83 -1.33 31.62
CA ALA C 72 -14.37 -0.25 30.75
C ALA C 72 -12.96 -0.52 30.25
N LEU C 73 -12.10 -1.04 31.12
CA LEU C 73 -10.76 -1.38 30.67
C LEU C 73 -10.82 -2.41 29.55
N LYS C 74 -11.66 -3.43 29.72
CA LYS C 74 -11.72 -4.48 28.71
C LYS C 74 -12.16 -3.90 27.37
N ARG C 75 -13.18 -3.04 27.38
CA ARG C 75 -13.65 -2.45 26.13
C ARG C 75 -12.56 -1.59 25.50
N VAL C 76 -11.86 -0.79 26.30
CA VAL C 76 -10.82 0.04 25.70
C VAL C 76 -9.69 -0.83 25.21
N SER C 77 -9.39 -1.92 25.92
CA SER C 77 -8.26 -2.77 25.52
C SER C 77 -8.57 -3.55 24.24
N HIS C 78 -9.79 -4.08 24.12
CA HIS C 78 -10.18 -4.75 22.87
C HIS C 78 -10.09 -3.78 21.69
N PHE C 79 -10.51 -2.53 21.89
CA PHE C 79 -10.39 -1.54 20.82
C PHE C 79 -8.92 -1.32 20.45
N LEU C 80 -8.05 -1.24 21.44
CA LEU C 80 -6.63 -1.07 21.13
C LEU C 80 -6.06 -2.29 20.43
N ASP C 81 -6.60 -3.47 20.69
CA ASP C 81 -6.19 -4.66 19.92
C ASP C 81 -6.46 -4.45 18.43
N ARG C 82 -7.61 -3.85 18.11
CA ARG C 82 -7.89 -3.54 16.71
C ARG C 82 -6.88 -2.56 16.15
N VAL C 83 -6.57 -1.49 16.90
CA VAL C 83 -5.59 -0.54 16.41
C VAL C 83 -4.23 -1.19 16.24
N ARG C 84 -3.88 -2.13 17.11
CA ARG C 84 -2.58 -2.80 17.00
C ARG C 84 -2.51 -3.67 15.76
N GLU C 85 -3.61 -4.30 15.37
CA GLU C 85 -3.62 -5.12 14.17
C GLU C 85 -3.60 -4.23 12.93
N PHE C 86 -4.53 -3.28 12.84
CA PHE C 86 -4.58 -2.38 11.71
C PHE C 86 -3.24 -1.73 11.42
N ALA C 87 -2.42 -1.50 12.44
CA ALA C 87 -1.15 -0.81 12.26
C ALA C 87 0.07 -1.72 12.39
N GLY C 88 -0.10 -2.99 12.74
CA GLY C 88 1.02 -3.91 12.86
C GLY C 88 2.02 -3.58 13.97
N ILE C 89 1.53 -3.33 15.19
CA ILE C 89 2.38 -3.06 16.34
C ILE C 89 1.90 -3.91 17.52
N SER C 90 2.78 -4.05 18.51
CA SER C 90 2.51 -4.87 19.67
C SER C 90 2.40 -4.08 20.96
N TRP C 91 2.60 -2.77 20.92
CA TRP C 91 2.71 -1.98 22.15
C TRP C 91 1.37 -1.88 22.87
N HIS C 92 1.41 -1.99 24.20
CA HIS C 92 0.28 -1.64 25.04
C HIS C 92 0.45 -0.19 25.50
N ALA C 93 -0.63 0.36 26.05
CA ALA C 93 -0.68 1.80 26.22
C ALA C 93 -1.26 2.18 27.57
N HIS C 94 -0.83 3.32 28.08
CA HIS C 94 -1.56 4.04 29.10
C HIS C 94 -2.58 4.94 28.43
N VAL C 95 -3.84 4.85 28.86
CA VAL C 95 -4.91 5.70 28.36
C VAL C 95 -5.46 6.50 29.52
N ILE C 96 -5.40 7.82 29.43
CA ILE C 96 -5.80 8.73 30.48
C ILE C 96 -6.88 9.62 29.90
N SER C 97 -8.07 9.52 30.46
CA SER C 97 -9.21 10.20 29.87
C SER C 97 -9.95 10.98 30.94
N GLU C 98 -10.38 12.18 30.59
CA GLU C 98 -11.23 12.95 31.48
C GLU C 98 -12.34 13.60 30.68
N ASN C 99 -13.48 13.78 31.31
CA ASN C 99 -14.61 14.43 30.70
C ASN C 99 -15.13 15.47 31.66
N ASN C 100 -16.00 16.32 31.15
CA ASN C 100 -16.67 17.32 31.97
C ASN C 100 -18.17 17.01 32.08
N PHE C 101 -18.53 15.74 32.07
CA PHE C 101 -19.94 15.40 32.19
C PHE C 101 -20.37 15.55 33.64
N PRO C 102 -21.52 16.19 33.92
CA PRO C 102 -22.04 16.17 35.29
C PRO C 102 -22.19 14.75 35.82
N THR C 103 -21.80 14.56 37.08
CA THR C 103 -21.76 13.23 37.67
C THR C 103 -23.17 12.70 37.92
N GLY C 104 -23.35 11.40 37.71
CA GLY C 104 -24.64 10.77 37.91
C GLY C 104 -25.79 11.33 37.09
N ALA C 105 -25.51 12.18 36.09
CA ALA C 105 -26.59 12.66 35.24
C ALA C 105 -27.05 11.63 34.20
N GLY C 106 -26.27 10.57 33.97
CA GLY C 106 -26.64 9.57 32.99
C GLY C 106 -26.35 9.94 31.55
N ILE C 107 -25.49 10.92 31.33
CA ILE C 107 -25.11 11.30 29.98
C ILE C 107 -24.20 10.22 29.42
N ALA C 108 -24.63 9.58 28.34
CA ALA C 108 -23.87 8.50 27.74
C ALA C 108 -22.61 9.04 27.08
N SER C 109 -21.47 8.44 27.38
CA SER C 109 -20.20 8.97 26.94
C SER C 109 -19.48 8.09 25.93
N SER C 110 -20.06 6.97 25.49
CA SER C 110 -19.27 6.04 24.68
C SER C 110 -19.00 6.59 23.28
N ALA C 111 -19.86 7.45 22.76
CA ALA C 111 -19.60 8.08 21.46
C ALA C 111 -18.41 9.01 21.55
N ALA C 112 -18.41 9.92 22.53
CA ALA C 112 -17.28 10.82 22.69
C ALA C 112 -16.01 10.06 23.06
N ALA C 113 -16.15 9.05 23.91
CA ALA C 113 -15.01 8.29 24.41
C ALA C 113 -14.28 7.55 23.29
N PHE C 114 -15.03 6.85 22.42
CA PHE C 114 -14.35 6.09 21.39
C PHE C 114 -13.97 6.91 20.17
N ALA C 115 -14.64 8.03 19.90
CA ALA C 115 -14.12 8.98 18.91
C ALA C 115 -12.78 9.56 19.35
N ALA C 116 -12.70 10.04 20.60
CA ALA C 116 -11.44 10.61 21.09
C ALA C 116 -10.35 9.55 21.14
N LEU C 117 -10.68 8.33 21.57
CA LEU C 117 -9.69 7.28 21.62
C LEU C 117 -9.21 6.90 20.22
N ALA C 118 -10.13 6.83 19.25
CA ALA C 118 -9.73 6.49 17.89
C ALA C 118 -8.71 7.48 17.36
N LEU C 119 -8.94 8.78 17.56
CA LEU C 119 -8.05 9.78 17.01
C LEU C 119 -6.74 9.86 17.77
N ALA C 120 -6.78 9.74 19.11
CA ALA C 120 -5.55 9.77 19.88
C ALA C 120 -4.72 8.52 19.68
N ALA C 121 -5.36 7.35 19.64
CA ALA C 121 -4.59 6.12 19.51
C ALA C 121 -3.86 6.06 18.16
N THR C 122 -4.57 6.33 17.07
CA THR C 122 -3.90 6.30 15.77
C THR C 122 -2.89 7.42 15.65
N SER C 123 -3.17 8.60 16.21
CA SER C 123 -2.18 9.66 16.09
C SER C 123 -0.93 9.37 16.90
N ALA C 124 -1.06 8.57 17.97
CA ALA C 124 0.09 8.22 18.79
C ALA C 124 1.01 7.23 18.08
N ILE C 125 0.49 6.48 17.11
CA ILE C 125 1.30 5.60 16.30
C ILE C 125 1.85 6.30 15.06
N GLY C 126 1.50 7.56 14.86
CA GLY C 126 1.95 8.29 13.71
C GLY C 126 1.12 8.11 12.46
N LEU C 127 -0.03 7.42 12.55
CA LEU C 127 -0.91 7.35 11.39
C LEU C 127 -1.64 8.69 11.21
N HIS C 128 -2.12 8.90 10.00
CA HIS C 128 -2.98 10.06 9.73
C HIS C 128 -4.14 9.56 8.85
N LEU C 129 -5.15 8.99 9.50
CA LEU C 129 -6.31 8.52 8.77
C LEU C 129 -7.16 9.71 8.31
N SER C 130 -7.77 9.55 7.14
CA SER C 130 -8.80 10.47 6.73
C SER C 130 -9.96 10.46 7.73
N GLU C 131 -10.80 11.48 7.64
CA GLU C 131 -11.97 11.54 8.51
C GLU C 131 -12.84 10.29 8.31
N ARG C 132 -13.04 9.89 7.07
CA ARG C 132 -13.87 8.71 6.81
C ARG C 132 -13.28 7.48 7.48
N ASP C 133 -11.97 7.27 7.32
CA ASP C 133 -11.35 6.08 7.89
C ASP C 133 -11.36 6.13 9.41
N LEU C 134 -11.10 7.31 9.99
CA LEU C 134 -11.23 7.48 11.42
C LEU C 134 -12.63 7.13 11.89
N SER C 135 -13.64 7.59 11.14
CA SER C 135 -15.02 7.29 11.47
C SER C 135 -15.26 5.78 11.50
N ARG C 136 -14.71 5.05 10.53
CA ARG C 136 -14.93 3.61 10.49
C ARG C 136 -14.25 2.91 11.65
N LEU C 137 -13.13 3.45 12.13
CA LEU C 137 -12.41 2.84 13.26
C LEU C 137 -13.15 3.09 14.57
N ALA C 138 -13.52 4.35 14.82
CA ALA C 138 -14.30 4.69 15.99
C ALA C 138 -15.57 3.84 16.06
N ARG C 139 -16.23 3.62 14.91
CA ARG C 139 -17.44 2.80 14.87
C ARG C 139 -17.26 1.45 15.54
N LYS C 140 -16.06 0.87 15.49
CA LYS C 140 -15.84 -0.48 16.02
C LYS C 140 -15.63 -0.49 17.53
N GLY C 141 -15.43 0.67 18.14
CA GLY C 141 -15.47 0.79 19.59
C GLY C 141 -16.92 0.91 20.02
N SER C 142 -17.64 1.88 19.45
CA SER C 142 -19.04 2.12 19.75
C SER C 142 -19.69 2.72 18.52
N GLY C 143 -20.80 2.15 18.08
CA GLY C 143 -21.39 2.58 16.83
C GLY C 143 -21.56 4.09 16.76
N SER C 144 -22.17 4.68 17.79
CA SER C 144 -22.44 6.11 17.78
C SER C 144 -21.16 6.95 17.83
N ALA C 145 -20.03 6.36 18.24
CA ALA C 145 -18.79 7.10 18.17
C ALA C 145 -18.45 7.52 16.75
N CYS C 146 -18.92 6.77 15.74
CA CYS C 146 -18.51 7.14 14.40
C CYS C 146 -19.13 8.47 13.98
N ARG C 147 -20.24 8.88 14.62
CA ARG C 147 -20.84 10.18 14.36
C ARG C 147 -20.20 11.33 15.12
N SER C 148 -19.33 11.05 16.09
CA SER C 148 -18.63 12.08 16.83
C SER C 148 -17.27 12.44 16.22
N ILE C 149 -16.86 11.74 15.18
CA ILE C 149 -15.59 12.04 14.51
C ILE C 149 -15.76 13.29 13.66
N PRO C 150 -16.73 13.33 12.75
CA PRO C 150 -17.00 14.57 11.99
C PRO C 150 -17.71 15.58 12.88
N GLY C 151 -17.82 16.81 12.37
CA GLY C 151 -18.36 17.89 13.16
C GLY C 151 -19.77 18.32 12.80
N GLY C 152 -20.44 18.98 13.75
CA GLY C 152 -21.73 19.59 13.52
C GLY C 152 -22.86 18.59 13.42
N PHE C 153 -23.54 18.61 12.28
CA PHE C 153 -24.61 17.66 12.00
C PHE C 153 -24.06 16.53 11.14
N VAL C 154 -24.26 15.29 11.60
CA VAL C 154 -23.49 14.16 11.09
C VAL C 154 -24.44 13.05 10.70
N GLU C 155 -24.21 12.49 9.52
CA GLU C 155 -25.00 11.35 9.03
C GLU C 155 -24.14 10.10 9.00
N TRP C 156 -24.61 9.05 9.65
CA TRP C 156 -24.00 7.72 9.58
C TRP C 156 -24.61 6.95 8.42
N ILE C 157 -23.81 6.68 7.40
CA ILE C 157 -24.21 5.84 6.28
C ILE C 157 -24.08 4.38 6.69
N PRO C 158 -25.16 3.63 6.73
CA PRO C 158 -25.12 2.35 7.45
C PRO C 158 -24.29 1.28 6.77
N GLY C 159 -24.47 1.09 5.47
CA GLY C 159 -23.71 0.09 4.74
C GLY C 159 -24.02 -1.33 5.16
N GLU C 160 -23.37 -2.26 4.45
CA GLU C 160 -23.44 -3.68 4.75
C GLU C 160 -22.06 -4.29 4.88
N THR C 161 -21.01 -3.49 4.84
CA THR C 161 -19.66 -3.98 5.02
C THR C 161 -18.90 -2.99 5.88
N ASP C 162 -17.77 -3.46 6.40
CA ASP C 162 -16.88 -2.61 7.17
C ASP C 162 -16.58 -1.30 6.45
N GLU C 163 -16.18 -1.36 5.19
CA GLU C 163 -15.76 -0.16 4.47
C GLU C 163 -16.94 0.71 4.03
N ASP C 164 -18.14 0.14 3.96
CA ASP C 164 -19.33 0.87 3.56
C ASP C 164 -20.01 1.63 4.71
N SER C 165 -19.58 1.44 5.96
CA SER C 165 -20.29 1.99 7.12
C SER C 165 -19.43 3.08 7.77
N TYR C 166 -19.79 4.35 7.53
CA TYR C 166 -19.03 5.49 8.01
C TYR C 166 -19.93 6.69 8.15
N ALA C 167 -19.37 7.76 8.70
CA ALA C 167 -20.12 8.99 8.93
C ALA C 167 -19.51 10.15 8.17
N VAL C 168 -20.36 11.10 7.80
CA VAL C 168 -19.94 12.34 7.14
C VAL C 168 -20.73 13.49 7.75
N SER C 169 -20.10 14.66 7.78
CA SER C 169 -20.77 15.86 8.25
C SER C 169 -21.67 16.40 7.15
N ILE C 170 -22.96 16.54 7.44
CA ILE C 170 -23.86 17.14 6.46
C ILE C 170 -23.96 18.65 6.60
N ALA C 171 -23.58 19.20 7.75
CA ALA C 171 -23.53 20.65 7.93
C ALA C 171 -22.62 20.96 9.10
N PRO C 172 -21.89 22.05 9.06
CA PRO C 172 -21.09 22.47 10.20
C PRO C 172 -21.99 22.95 11.33
N PRO C 173 -21.46 23.05 12.56
CA PRO C 173 -22.32 23.44 13.69
C PRO C 173 -22.97 24.80 13.51
N GLU C 174 -22.24 25.76 12.96
CA GLU C 174 -22.76 27.13 12.80
C GLU C 174 -23.86 27.22 11.74
N HIS C 175 -24.16 26.13 11.02
CA HIS C 175 -25.20 26.18 10.01
C HIS C 175 -26.59 26.44 10.60
N TRP C 176 -26.85 25.97 11.82
CA TRP C 176 -28.18 26.09 12.41
C TRP C 176 -28.03 26.16 13.92
N ALA C 177 -28.46 27.27 14.50
CA ALA C 177 -28.43 27.47 15.95
C ALA C 177 -29.58 26.69 16.56
N LEU C 178 -29.33 25.41 16.83
CA LEU C 178 -30.21 24.56 17.63
C LEU C 178 -29.58 24.30 18.99
N THR C 179 -30.41 24.24 20.03
CA THR C 179 -29.97 23.89 21.36
C THR C 179 -30.62 22.59 21.83
N ASP C 180 -29.84 21.77 22.53
CA ASP C 180 -30.35 20.57 23.22
C ASP C 180 -30.47 20.87 24.70
N CYS C 181 -31.69 20.87 25.21
CA CYS C 181 -31.99 21.07 26.63
C CYS C 181 -32.30 19.68 27.18
N ILE C 182 -31.41 19.13 28.02
CA ILE C 182 -31.52 17.75 28.46
C ILE C 182 -32.11 17.72 29.87
N ALA C 183 -33.32 17.19 30.00
CA ALA C 183 -33.94 17.04 31.30
C ALA C 183 -33.43 15.75 31.95
N ILE C 184 -32.71 15.89 33.07
CA ILE C 184 -32.17 14.76 33.79
C ILE C 184 -33.23 14.26 34.78
N LEU C 185 -33.58 12.97 34.68
CA LEU C 185 -34.60 12.34 35.50
C LEU C 185 -34.00 11.32 36.47
N SER C 186 -34.52 11.34 37.70
CA SER C 186 -34.11 10.38 38.73
C SER C 186 -34.66 8.99 38.41
N THR C 187 -33.77 8.04 38.17
CA THR C 187 -34.14 6.67 37.84
C THR C 187 -33.75 5.73 38.98
N GLN C 188 -34.61 4.75 39.26
CA GLN C 188 -34.37 3.86 40.39
C GLN C 188 -33.23 2.89 40.12
N HIS C 189 -33.13 2.39 38.89
CA HIS C 189 -32.12 1.39 38.54
C HIS C 189 -31.14 1.93 37.51
N LYS C 190 -30.12 1.12 37.24
CA LYS C 190 -29.22 1.35 36.12
C LYS C 190 -29.83 0.65 34.91
N PRO C 191 -30.30 1.39 33.89
CA PRO C 191 -30.98 0.74 32.76
C PRO C 191 -30.06 -0.24 32.04
N ILE C 192 -30.67 -1.25 31.45
CA ILE C 192 -29.96 -2.12 30.50
C ILE C 192 -29.22 -1.25 29.50
N GLY C 193 -27.92 -1.49 29.36
CA GLY C 193 -27.13 -0.66 28.46
C GLY C 193 -27.57 -0.80 27.00
N SER C 194 -27.16 0.19 26.19
CA SER C 194 -27.57 0.20 24.78
C SER C 194 -27.12 -1.06 24.03
N THR C 195 -25.88 -1.52 24.27
CA THR C 195 -25.39 -2.67 23.53
C THR C 195 -26.27 -3.87 23.79
N GLN C 196 -26.51 -4.18 25.06
CA GLN C 196 -27.30 -5.35 25.41
C GLN C 196 -28.76 -5.16 24.99
N GLY C 197 -29.29 -3.96 25.18
CA GLY C 197 -30.67 -3.71 24.83
C GLY C 197 -30.93 -3.86 23.34
N MET C 198 -30.08 -3.25 22.50
CA MET C 198 -30.34 -3.30 21.07
C MET C 198 -30.01 -4.67 20.50
N ALA C 199 -29.22 -5.48 21.22
CA ALA C 199 -29.06 -6.86 20.82
C ALA C 199 -30.37 -7.63 20.85
N LEU C 200 -31.39 -7.13 21.57
CA LEU C 200 -32.71 -7.76 21.59
C LEU C 200 -33.65 -7.24 20.51
N ALA C 201 -33.22 -6.27 19.69
CA ALA C 201 -34.17 -5.65 18.76
C ALA C 201 -34.79 -6.67 17.81
N SER C 202 -34.01 -7.65 17.35
CA SER C 202 -34.53 -8.61 16.40
C SER C 202 -35.68 -9.45 16.97
N THR C 203 -35.85 -9.48 18.30
CA THR C 203 -37.00 -10.18 18.86
C THR C 203 -38.29 -9.40 18.69
N SER C 204 -38.23 -8.19 18.26
CA SER C 204 -39.47 -7.43 18.13
C SER C 204 -40.07 -7.68 16.76
N PRO C 205 -41.33 -8.07 16.67
CA PRO C 205 -41.98 -8.18 15.36
C PRO C 205 -41.92 -6.90 14.55
N LEU C 206 -41.75 -5.76 15.21
CA LEU C 206 -41.85 -4.46 14.55
C LEU C 206 -40.52 -3.91 14.06
N GLN C 207 -39.39 -4.57 14.31
CA GLN C 207 -38.11 -3.96 13.98
C GLN C 207 -37.88 -3.89 12.47
N PRO C 208 -38.20 -4.94 11.69
CA PRO C 208 -37.90 -4.84 10.24
C PRO C 208 -38.67 -3.72 9.57
N ALA C 209 -39.91 -3.48 9.98
CA ALA C 209 -40.69 -2.37 9.44
C ALA C 209 -40.06 -1.03 9.81
N ARG C 210 -39.69 -0.87 11.07
CA ARG C 210 -38.97 0.33 11.48
C ARG C 210 -37.72 0.55 10.63
N VAL C 211 -36.93 -0.51 10.47
CA VAL C 211 -35.67 -0.39 9.74
C VAL C 211 -35.92 0.02 8.30
N ALA C 212 -36.86 -0.67 7.62
CA ALA C 212 -37.13 -0.42 6.21
C ALA C 212 -37.55 1.01 5.93
N ASP C 213 -38.17 1.67 6.92
CA ASP C 213 -38.70 3.03 6.76
C ASP C 213 -37.65 4.10 7.02
N THR C 214 -36.45 3.73 7.47
CA THR C 214 -35.49 4.75 7.89
C THR C 214 -35.08 5.69 6.77
N PRO C 215 -34.78 5.23 5.55
CA PRO C 215 -34.34 6.19 4.52
C PRO C 215 -35.33 7.32 4.30
N ARG C 216 -36.62 7.03 4.42
CA ARG C 216 -37.63 8.08 4.36
C ARG C 216 -37.48 9.08 5.50
N ARG C 217 -37.24 8.60 6.73
CA ARG C 217 -37.06 9.51 7.86
C ARG C 217 -35.75 10.27 7.73
N LEU C 218 -34.70 9.58 7.28
CA LEU C 218 -33.42 10.24 7.04
C LEU C 218 -33.57 11.38 6.03
N GLU C 219 -34.35 11.15 4.97
CA GLU C 219 -34.45 12.16 3.93
C GLU C 219 -35.09 13.43 4.46
N ILE C 220 -36.14 13.28 5.27
CA ILE C 220 -36.81 14.45 5.82
C ILE C 220 -35.89 15.21 6.78
N VAL C 221 -35.16 14.50 7.64
CA VAL C 221 -34.28 15.16 8.60
C VAL C 221 -33.11 15.84 7.89
N ARG C 222 -32.53 15.16 6.89
CA ARG C 222 -31.39 15.72 6.17
C ARG C 222 -31.76 17.05 5.52
N ARG C 223 -32.90 17.08 4.85
CA ARG C 223 -33.32 18.29 4.16
C ARG C 223 -33.80 19.35 5.16
N ALA C 224 -34.38 18.91 6.28
CA ALA C 224 -34.81 19.86 7.30
C ALA C 224 -33.62 20.59 7.90
N ILE C 225 -32.51 19.90 8.11
CA ILE C 225 -31.30 20.56 8.59
C ILE C 225 -30.77 21.55 7.54
N LEU C 226 -30.75 21.15 6.27
CA LEU C 226 -30.23 22.06 5.24
C LEU C 226 -31.09 23.32 5.14
N GLU C 227 -32.41 23.17 5.18
CA GLU C 227 -33.36 24.26 5.02
C GLU C 227 -33.66 24.98 6.32
N ARG C 228 -33.15 24.49 7.46
CA ARG C 228 -33.47 25.05 8.78
C ARG C 228 -34.98 25.07 9.02
N ASP C 229 -35.64 23.97 8.68
CA ASP C 229 -37.09 23.83 8.75
C ASP C 229 -37.42 23.11 10.05
N PHE C 230 -37.66 23.88 11.13
CA PHE C 230 -37.74 23.26 12.44
C PHE C 230 -38.98 22.39 12.59
N LEU C 231 -40.10 22.74 11.96
CA LEU C 231 -41.31 21.94 12.19
C LEU C 231 -41.18 20.56 11.57
N SER C 232 -40.59 20.45 10.37
CA SER C 232 -40.33 19.13 9.81
C SER C 232 -39.38 18.33 10.71
N LEU C 233 -38.31 18.96 11.17
CA LEU C 233 -37.38 18.28 12.06
C LEU C 233 -38.10 17.80 13.31
N ALA C 234 -38.90 18.67 13.94
CA ALA C 234 -39.53 18.34 15.22
C ALA C 234 -40.45 17.16 15.07
N GLU C 235 -41.37 17.21 14.11
CA GLU C 235 -42.31 16.11 14.01
C GLU C 235 -41.60 14.80 13.70
N MET C 236 -40.52 14.86 12.90
CA MET C 236 -39.85 13.61 12.55
C MET C 236 -38.97 13.09 13.69
N ILE C 237 -38.33 13.94 14.50
CA ILE C 237 -37.48 13.31 15.50
C ILE C 237 -38.30 12.69 16.61
N GLU C 238 -39.48 13.23 16.92
CA GLU C 238 -40.36 12.58 17.89
C GLU C 238 -40.90 11.26 17.34
N HIS C 239 -41.35 11.25 16.08
CA HIS C 239 -41.76 10.02 15.45
C HIS C 239 -40.66 8.97 15.49
N ASP C 240 -39.45 9.37 15.09
CA ASP C 240 -38.34 8.43 15.04
C ASP C 240 -38.01 7.90 16.43
N SER C 241 -37.98 8.79 17.42
CA SER C 241 -37.81 8.36 18.80
C SER C 241 -38.91 7.39 19.22
N ASN C 242 -40.16 7.70 18.89
CA ASN C 242 -41.24 6.81 19.29
C ASN C 242 -41.08 5.43 18.65
N LEU C 243 -40.61 5.38 17.40
CA LEU C 243 -40.42 4.10 16.70
C LEU C 243 -39.37 3.24 17.39
N MET C 244 -38.26 3.87 17.82
CA MET C 244 -37.25 3.11 18.54
C MET C 244 -37.81 2.53 19.83
N HIS C 245 -38.45 3.36 20.63
CA HIS C 245 -38.97 2.88 21.90
C HIS C 245 -40.11 1.87 21.68
N ALA C 246 -40.85 1.98 20.57
CA ALA C 246 -41.84 0.94 20.27
C ALA C 246 -41.17 -0.42 20.03
N VAL C 247 -40.03 -0.42 19.31
CA VAL C 247 -39.29 -1.67 19.14
C VAL C 247 -38.71 -2.13 20.46
N MET C 248 -38.14 -1.20 21.24
CA MET C 248 -37.67 -1.56 22.57
C MET C 248 -38.76 -2.22 23.41
N MET C 249 -39.93 -1.60 23.49
CA MET C 249 -40.97 -2.11 24.37
C MET C 249 -41.65 -3.37 23.86
N THR C 250 -41.43 -3.75 22.61
CA THR C 250 -41.98 -5.00 22.07
C THR C 250 -40.88 -6.04 21.83
N SER C 251 -39.68 -5.81 22.34
CA SER C 251 -38.67 -6.84 22.35
C SER C 251 -39.01 -7.89 23.41
N THR C 252 -38.21 -8.95 23.48
CA THR C 252 -38.37 -9.99 24.50
C THR C 252 -37.04 -10.27 25.18
N PRO C 253 -36.90 -9.97 26.48
CA PRO C 253 -37.91 -9.29 27.31
C PRO C 253 -38.03 -7.80 26.94
N PRO C 254 -39.17 -7.20 27.23
CA PRO C 254 -39.38 -5.81 26.83
C PRO C 254 -38.44 -4.86 27.57
N LEU C 255 -38.13 -3.76 26.92
CA LEU C 255 -37.22 -2.74 27.44
C LEU C 255 -38.02 -1.46 27.62
N PHE C 256 -38.37 -1.15 28.86
CA PHE C 256 -39.14 0.06 29.15
C PHE C 256 -38.19 1.08 29.77
N TYR C 257 -37.53 1.85 28.91
CA TYR C 257 -36.60 2.86 29.38
C TYR C 257 -37.28 4.08 29.98
N TRP C 258 -38.52 4.38 29.60
CA TRP C 258 -39.20 5.58 30.10
C TRP C 258 -39.46 5.48 31.60
N GLU C 259 -39.30 6.59 32.27
CA GLU C 259 -39.87 6.76 33.59
C GLU C 259 -41.18 7.53 33.48
N PRO C 260 -42.00 7.49 34.51
CA PRO C 260 -43.27 8.25 34.45
C PRO C 260 -43.07 9.71 34.05
N VAL C 261 -42.02 10.36 34.54
CA VAL C 261 -41.83 11.77 34.17
C VAL C 261 -41.39 11.91 32.73
N SER C 262 -40.72 10.91 32.15
CA SER C 262 -40.42 10.96 30.72
C SER C 262 -41.70 11.20 29.92
N LEU C 263 -42.75 10.46 30.27
CA LEU C 263 -44.02 10.60 29.58
C LEU C 263 -44.62 11.98 29.81
N VAL C 264 -44.50 12.52 31.02
CA VAL C 264 -44.98 13.88 31.29
C VAL C 264 -44.32 14.87 30.35
N ILE C 265 -43.00 14.75 30.18
CA ILE C 265 -42.26 15.69 29.36
C ILE C 265 -42.64 15.53 27.89
N MET C 266 -42.74 14.29 27.41
CA MET C 266 -43.06 14.06 26.01
C MET C 266 -44.40 14.68 25.64
N LYS C 267 -45.43 14.42 26.46
CA LYS C 267 -46.72 15.05 26.21
C LYS C 267 -46.62 16.56 26.34
N SER C 268 -45.87 17.04 27.35
CA SER C 268 -45.73 18.48 27.56
C SER C 268 -45.08 19.17 26.38
N VAL C 269 -43.94 18.63 25.92
CA VAL C 269 -43.21 19.26 24.82
C VAL C 269 -44.10 19.36 23.57
N ARG C 270 -44.84 18.29 23.25
CA ARG C 270 -45.77 18.36 22.13
C ARG C 270 -46.78 19.50 22.33
N GLU C 271 -47.29 19.64 23.56
CA GLU C 271 -48.24 20.72 23.84
C GLU C 271 -47.58 22.08 23.69
N TRP C 272 -46.35 22.22 24.20
CA TRP C 272 -45.64 23.49 24.03
C TRP C 272 -45.53 23.87 22.56
N ARG C 273 -45.13 22.90 21.71
CA ARG C 273 -44.94 23.24 20.30
C ARG C 273 -46.26 23.64 19.68
N GLU C 274 -47.32 22.90 19.99
CA GLU C 274 -48.60 23.18 19.37
C GLU C 274 -49.15 24.53 19.77
N SER C 275 -48.73 25.08 20.90
CA SER C 275 -49.25 26.38 21.31
C SER C 275 -48.25 27.50 21.08
N GLY C 276 -47.17 27.26 20.34
CA GLY C 276 -46.35 28.32 19.80
C GLY C 276 -44.91 28.37 20.23
N LEU C 277 -44.42 27.45 21.07
CA LEU C 277 -43.01 27.42 21.42
C LEU C 277 -42.33 26.33 20.59
N PRO C 278 -41.47 26.67 19.62
CA PRO C 278 -40.84 25.61 18.82
C PRO C 278 -39.83 24.79 19.60
N CYS C 279 -40.14 23.51 19.79
CA CYS C 279 -39.27 22.56 20.48
C CYS C 279 -39.79 21.17 20.14
N ALA C 280 -38.97 20.16 20.43
CA ALA C 280 -39.30 18.77 20.08
C ALA C 280 -38.50 17.84 20.97
N TYR C 281 -39.03 16.65 21.25
CA TYR C 281 -38.33 15.76 22.18
C TYR C 281 -37.66 14.61 21.44
N THR C 282 -36.66 14.01 22.08
CA THR C 282 -36.14 12.73 21.63
C THR C 282 -35.47 12.06 22.82
N LEU C 283 -35.57 10.72 22.88
CA LEU C 283 -35.07 9.92 24.01
C LEU C 283 -34.13 8.83 23.50
N ASP C 284 -33.05 8.62 24.24
CA ASP C 284 -32.17 7.51 23.90
C ASP C 284 -32.55 6.31 24.74
N ALA C 285 -31.58 5.48 25.14
CA ALA C 285 -31.88 4.28 25.91
C ALA C 285 -31.82 4.61 27.41
N GLY C 286 -32.81 5.38 27.83
CA GLY C 286 -32.93 5.85 29.20
C GLY C 286 -34.06 6.84 29.33
N PRO C 287 -34.30 7.32 30.56
CA PRO C 287 -35.47 8.20 30.80
C PRO C 287 -35.23 9.68 30.49
N ASN C 288 -33.97 10.15 30.47
CA ASN C 288 -33.68 11.54 30.17
C ASN C 288 -34.30 11.95 28.86
N VAL C 289 -34.79 13.19 28.80
CA VAL C 289 -35.46 13.70 27.62
C VAL C 289 -34.64 14.85 27.05
N HIS C 290 -34.20 14.69 25.80
CA HIS C 290 -33.54 15.77 25.09
C HIS C 290 -34.60 16.59 24.37
N VAL C 291 -34.62 17.90 24.62
CA VAL C 291 -35.58 18.79 23.99
C VAL C 291 -34.78 19.72 23.08
N ILE C 292 -34.94 19.50 21.78
CA ILE C 292 -34.29 20.31 20.76
C ILE C 292 -35.14 21.54 20.49
N CYS C 293 -34.48 22.69 20.30
CA CYS C 293 -35.22 23.90 19.96
C CYS C 293 -34.29 24.88 19.27
N PRO C 294 -34.80 25.75 18.41
CA PRO C 294 -34.01 26.90 17.97
C PRO C 294 -33.46 27.62 19.19
N SER C 295 -32.19 27.99 19.11
CA SER C 295 -31.47 28.43 20.30
C SER C 295 -32.14 29.61 20.99
N GLU C 296 -32.82 30.47 20.23
CA GLU C 296 -33.49 31.64 20.82
C GLU C 296 -34.59 31.26 21.79
N TYR C 297 -35.14 30.03 21.71
CA TYR C 297 -36.18 29.60 22.62
C TYR C 297 -35.65 28.78 23.80
N ALA C 298 -34.34 28.56 23.88
CA ALA C 298 -33.82 27.60 24.85
C ALA C 298 -34.14 28.04 26.27
N GLU C 299 -33.99 29.32 26.58
CA GLU C 299 -34.27 29.76 27.94
C GLU C 299 -35.72 29.52 28.31
N GLU C 300 -36.63 29.70 27.37
CA GLU C 300 -38.03 29.43 27.68
C GLU C 300 -38.26 27.94 27.85
N VAL C 301 -37.68 27.12 26.98
CA VAL C 301 -37.83 25.67 27.13
C VAL C 301 -37.27 25.23 28.48
N ILE C 302 -36.07 25.72 28.82
CA ILE C 302 -35.44 25.30 30.07
C ILE C 302 -36.31 25.70 31.25
N PHE C 303 -36.94 26.86 31.17
CA PHE C 303 -37.81 27.30 32.25
C PHE C 303 -38.98 26.34 32.41
N ARG C 304 -39.63 25.99 31.31
CA ARG C 304 -40.80 25.12 31.43
C ARG C 304 -40.42 23.72 31.88
N LEU C 305 -39.30 23.19 31.38
CA LEU C 305 -38.84 21.87 31.82
C LEU C 305 -38.52 21.89 33.31
N THR C 306 -37.84 22.93 33.77
CA THR C 306 -37.43 23.00 35.17
C THR C 306 -38.62 23.08 36.11
N SER C 307 -39.77 23.53 35.63
CA SER C 307 -40.98 23.61 36.44
C SER C 307 -41.75 22.29 36.48
N ILE C 308 -41.38 21.30 35.68
CA ILE C 308 -42.06 20.00 35.73
C ILE C 308 -41.57 19.24 36.96
N PRO C 309 -42.47 18.75 37.80
CA PRO C 309 -42.05 17.95 38.96
C PRO C 309 -41.38 16.65 38.51
N GLY C 310 -40.31 16.27 39.20
CA GLY C 310 -39.51 15.13 38.82
C GLY C 310 -38.30 15.45 37.98
N VAL C 311 -38.24 16.63 37.40
CA VAL C 311 -37.06 17.04 36.64
C VAL C 311 -36.02 17.54 37.63
N GLN C 312 -34.87 16.85 37.69
CA GLN C 312 -33.80 17.15 38.63
C GLN C 312 -33.01 18.39 38.21
N THR C 313 -32.41 18.34 37.02
CA THR C 313 -31.76 19.51 36.44
C THR C 313 -31.97 19.45 34.94
N VAL C 314 -31.67 20.56 34.27
CA VAL C 314 -31.72 20.64 32.82
C VAL C 314 -30.35 21.12 32.34
N LEU C 315 -29.66 20.29 31.59
CA LEU C 315 -28.42 20.71 30.94
C LEU C 315 -28.74 21.42 29.62
N LYS C 316 -27.85 22.32 29.22
CA LYS C 316 -27.99 23.09 27.98
C LYS C 316 -26.75 22.89 27.12
N ALA C 317 -26.95 22.51 25.85
CA ALA C 317 -25.82 22.30 24.94
C ALA C 317 -26.16 22.75 23.52
N SER C 318 -25.15 23.24 22.82
CA SER C 318 -25.25 23.78 21.48
C SER C 318 -24.52 22.87 20.50
N ALA C 319 -24.51 23.21 19.22
CA ALA C 319 -23.92 22.32 18.23
C ALA C 319 -22.40 22.36 18.31
N GLY C 320 -21.76 21.19 18.37
CA GLY C 320 -20.31 21.11 18.52
C GLY C 320 -19.57 20.67 17.27
N ASP C 321 -18.25 20.90 17.24
CA ASP C 321 -17.47 20.58 16.05
C ASP C 321 -16.93 19.14 16.12
N SER C 322 -16.01 18.83 15.22
CA SER C 322 -15.52 17.48 15.07
C SER C 322 -14.56 17.10 16.21
N ALA C 323 -14.22 15.80 16.27
CA ALA C 323 -13.12 15.35 17.10
C ALA C 323 -11.83 16.04 16.67
N LYS C 324 -11.01 16.46 17.63
CA LYS C 324 -9.82 17.26 17.36
C LYS C 324 -8.58 16.63 17.98
N LEU C 325 -7.47 16.63 17.23
CA LEU C 325 -6.16 16.25 17.76
C LEU C 325 -5.58 17.44 18.51
N ILE C 326 -5.23 17.25 19.78
CA ILE C 326 -4.77 18.34 20.63
C ILE C 326 -3.26 18.35 20.77
N GLU C 327 -2.63 17.18 20.84
CA GLU C 327 -1.18 17.09 20.97
C GLU C 327 -0.72 15.77 20.36
N GLN C 328 0.54 15.77 19.88
CA GLN C 328 1.11 14.54 19.34
C GLN C 328 2.64 14.60 19.43
N SER C 329 3.25 13.55 19.98
CA SER C 329 4.70 13.39 19.96
C SER C 329 5.04 11.93 19.73
N LEU C 330 5.83 11.69 18.68
CA LEU C 330 6.22 10.35 18.25
C LEU C 330 7.63 10.01 18.72
N SER D 2 -99.20 2.12 26.18
CA SER D 2 -98.22 2.00 25.10
C SER D 2 -98.88 2.13 23.73
N HIS D 3 -98.06 2.31 22.70
CA HIS D 3 -98.34 1.87 21.34
C HIS D 3 -97.19 0.96 20.88
N GLY D 4 -96.69 0.16 21.81
CA GLY D 4 -95.59 -0.73 21.48
C GLY D 4 -95.99 -1.71 20.39
N MET D 5 -95.08 -1.91 19.43
CA MET D 5 -95.19 -2.97 18.45
C MET D 5 -94.38 -4.19 18.85
N GLY D 6 -93.64 -4.11 19.95
CA GLY D 6 -92.76 -5.16 20.39
C GLY D 6 -91.72 -4.63 21.36
N GLN D 7 -91.33 -5.44 22.33
CA GLN D 7 -90.46 -4.98 23.40
C GLN D 7 -89.70 -6.17 23.97
N ALA D 8 -88.44 -5.94 24.36
CA ALA D 8 -87.59 -6.99 24.91
C ALA D 8 -86.47 -6.34 25.71
N THR D 9 -85.90 -7.12 26.63
CA THR D 9 -84.84 -6.64 27.52
C THR D 9 -83.69 -7.65 27.56
N ALA D 10 -82.47 -7.15 27.38
CA ALA D 10 -81.31 -8.04 27.37
C ALA D 10 -80.19 -7.45 28.21
N ILE D 11 -79.31 -8.32 28.70
CA ILE D 11 -78.13 -7.91 29.46
C ILE D 11 -76.88 -8.44 28.78
N ALA D 12 -75.76 -7.77 29.00
CA ALA D 12 -74.50 -8.24 28.45
C ALA D 12 -73.38 -7.60 29.25
N HIS D 13 -72.24 -8.26 29.23
CA HIS D 13 -71.08 -7.81 29.97
C HIS D 13 -70.03 -7.21 29.03
N PRO D 14 -69.20 -6.30 29.52
CA PRO D 14 -68.00 -5.92 28.76
C PRO D 14 -67.01 -7.06 28.80
N ASN D 15 -65.95 -6.91 28.03
CA ASN D 15 -64.95 -7.94 27.93
C ASN D 15 -63.59 -7.28 27.88
N ILE D 16 -62.56 -8.00 28.34
CA ILE D 16 -61.19 -7.51 28.26
C ILE D 16 -60.45 -8.38 27.25
N ALA D 17 -59.89 -7.73 26.24
CA ALA D 17 -59.27 -8.45 25.13
C ALA D 17 -57.86 -8.86 25.53
N PHE D 18 -57.57 -10.15 25.41
CA PHE D 18 -56.23 -10.68 25.61
C PHE D 18 -55.38 -10.47 24.36
N ILE D 19 -56.01 -10.62 23.20
CA ILE D 19 -55.44 -10.25 21.92
C ILE D 19 -56.32 -9.15 21.37
N LYS D 20 -55.72 -7.99 21.09
CA LYS D 20 -56.46 -6.78 20.79
C LYS D 20 -57.00 -6.74 19.36
N TYR D 21 -58.18 -6.14 19.24
CA TYR D 21 -58.69 -5.67 17.97
C TYR D 21 -58.24 -4.23 17.77
N TRP D 22 -57.50 -3.98 16.70
CA TRP D 22 -57.06 -2.60 16.42
C TRP D 22 -56.87 -2.45 14.92
N GLY D 23 -57.77 -1.68 14.30
CA GLY D 23 -57.77 -1.47 12.87
C GLY D 23 -58.82 -2.32 12.17
N LYS D 24 -59.51 -1.72 11.21
CA LYS D 24 -60.57 -2.36 10.45
C LYS D 24 -60.14 -2.57 9.02
N ARG D 25 -60.47 -3.74 8.46
CA ARG D 25 -60.32 -3.93 7.02
C ARG D 25 -61.45 -3.23 6.27
N ASP D 26 -62.68 -3.31 6.80
CA ASP D 26 -63.86 -2.68 6.24
C ASP D 26 -64.49 -1.82 7.34
N ALA D 27 -64.51 -0.50 7.12
CA ALA D 27 -64.95 0.41 8.18
C ALA D 27 -66.46 0.31 8.42
N VAL D 28 -67.25 0.16 7.36
CA VAL D 28 -68.70 0.13 7.54
C VAL D 28 -69.15 -1.19 8.13
N LEU D 29 -68.64 -2.31 7.62
CA LEU D 29 -69.02 -3.61 8.17
C LEU D 29 -68.26 -3.97 9.44
N ARG D 30 -67.21 -3.22 9.78
CA ARG D 30 -66.37 -3.52 10.95
C ARG D 30 -65.80 -4.93 10.87
N ILE D 31 -65.30 -5.28 9.70
CA ILE D 31 -64.45 -6.47 9.59
C ILE D 31 -63.04 -6.08 10.04
N PRO D 32 -62.46 -6.77 11.01
CA PRO D 32 -61.17 -6.33 11.57
C PRO D 32 -59.99 -6.81 10.74
N GLU D 33 -58.86 -6.12 10.92
CA GLU D 33 -57.63 -6.55 10.27
C GLU D 33 -57.09 -7.84 10.88
N ASN D 34 -57.41 -8.13 12.14
CA ASN D 34 -56.91 -9.34 12.77
C ASN D 34 -57.96 -9.85 13.75
N GLY D 35 -57.77 -11.10 14.15
CA GLY D 35 -58.64 -11.71 15.13
C GLY D 35 -58.25 -11.28 16.53
N SER D 36 -59.08 -11.66 17.49
CA SER D 36 -58.90 -11.21 18.86
C SER D 36 -59.53 -12.24 19.78
N ILE D 37 -59.08 -12.23 21.03
CA ILE D 37 -59.60 -13.10 22.08
C ILE D 37 -59.84 -12.25 23.31
N SER D 38 -60.97 -12.47 23.99
CA SER D 38 -61.33 -11.67 25.15
C SER D 38 -62.03 -12.55 26.17
N MET D 39 -62.18 -12.01 27.38
CA MET D 39 -62.95 -12.62 28.46
C MET D 39 -64.06 -11.67 28.88
N ASN D 40 -65.28 -12.18 29.03
CA ASN D 40 -66.36 -11.36 29.53
C ASN D 40 -66.18 -11.08 31.02
N LEU D 41 -66.66 -9.93 31.46
CA LEU D 41 -66.51 -9.49 32.84
C LEU D 41 -67.85 -9.61 33.57
N ALA D 42 -67.94 -10.56 34.51
CA ALA D 42 -69.24 -10.98 35.05
C ALA D 42 -69.89 -9.87 35.87
N GLU D 43 -69.10 -9.05 36.56
CA GLU D 43 -69.62 -8.12 37.56
C GLU D 43 -69.97 -6.76 36.99
N LEU D 44 -69.82 -6.56 35.68
CA LEU D 44 -70.21 -5.33 35.00
C LEU D 44 -71.26 -5.66 33.97
N THR D 45 -72.31 -4.86 33.91
CA THR D 45 -73.47 -5.25 33.12
C THR D 45 -74.12 -4.03 32.49
N VAL D 46 -74.47 -4.16 31.22
CA VAL D 46 -75.40 -3.24 30.58
C VAL D 46 -76.72 -3.99 30.40
N LYS D 47 -77.79 -3.39 30.88
CA LYS D 47 -79.14 -3.91 30.68
C LYS D 47 -79.89 -2.95 29.78
N THR D 48 -80.45 -3.47 28.69
CA THR D 48 -81.12 -2.61 27.71
C THR D 48 -82.50 -3.16 27.37
N THR D 49 -83.48 -2.25 27.31
CA THR D 49 -84.83 -2.55 26.85
C THR D 49 -85.08 -1.78 25.56
N VAL D 50 -85.61 -2.46 24.56
CA VAL D 50 -86.03 -1.84 23.30
C VAL D 50 -87.55 -1.93 23.19
N ILE D 51 -88.19 -0.83 22.80
CA ILE D 51 -89.64 -0.76 22.63
C ILE D 51 -89.91 -0.09 21.29
N PHE D 52 -90.31 -0.87 20.29
CA PHE D 52 -90.69 -0.29 19.02
C PHE D 52 -92.07 0.35 19.14
N GLU D 53 -92.26 1.50 18.50
CA GLU D 53 -93.47 2.31 18.64
C GLU D 53 -94.10 2.50 17.28
N LYS D 54 -95.43 2.48 17.25
CA LYS D 54 -96.15 2.59 15.98
C LYS D 54 -96.07 4.01 15.41
N HIS D 55 -96.02 5.03 16.27
CA HIS D 55 -96.12 6.42 15.86
C HIS D 55 -94.83 7.22 16.02
N SER D 56 -93.83 6.70 16.74
CA SER D 56 -92.59 7.43 16.97
C SER D 56 -91.93 7.80 15.64
N ARG D 57 -91.66 9.08 15.45
CA ARG D 57 -90.95 9.52 14.26
C ARG D 57 -89.45 9.30 14.38
N GLU D 58 -88.91 9.28 15.60
CA GLU D 58 -87.48 9.15 15.85
C GLU D 58 -87.25 8.01 16.83
N ASP D 59 -86.00 7.56 16.88
CA ASP D 59 -85.57 6.72 18.00
C ASP D 59 -85.26 7.60 19.21
N THR D 60 -85.43 7.04 20.40
CA THR D 60 -85.13 7.75 21.63
C THR D 60 -84.25 6.87 22.51
N LEU D 61 -83.14 7.43 23.00
CA LEU D 61 -82.22 6.69 23.84
C LEU D 61 -82.17 7.28 25.24
N ILE D 62 -82.32 6.43 26.26
CA ILE D 62 -82.26 6.83 27.66
C ILE D 62 -81.17 6.02 28.34
N LEU D 63 -80.20 6.71 28.95
CA LEU D 63 -79.04 6.07 29.60
C LEU D 63 -79.04 6.39 31.10
N ASN D 64 -79.22 5.38 31.93
CA ASN D 64 -79.22 5.57 33.37
C ASN D 64 -80.21 6.68 33.78
N GLY D 65 -81.45 6.54 33.33
CA GLY D 65 -82.52 7.44 33.69
C GLY D 65 -82.51 8.79 33.00
N ALA D 66 -81.46 9.13 32.25
CA ALA D 66 -81.34 10.44 31.62
C ALA D 66 -81.24 10.31 30.11
N LEU D 67 -81.84 11.27 29.40
CA LEU D 67 -81.68 11.35 27.95
C LEU D 67 -80.20 11.31 27.58
N ALA D 68 -79.86 10.45 26.62
CA ALA D 68 -78.50 10.38 26.10
C ALA D 68 -78.21 11.57 25.20
N ASP D 69 -76.92 11.85 25.01
CA ASP D 69 -76.51 12.92 24.11
C ASP D 69 -76.70 12.49 22.65
N GLU D 70 -76.60 13.46 21.74
CA GLU D 70 -76.91 13.20 20.34
C GLU D 70 -75.92 12.20 19.71
N PRO D 71 -74.62 12.36 19.93
CA PRO D 71 -73.67 11.38 19.35
C PRO D 71 -74.02 9.94 19.66
N ALA D 72 -74.27 9.63 20.93
CA ALA D 72 -74.68 8.28 21.30
C ALA D 72 -75.98 7.90 20.61
N LEU D 73 -76.94 8.84 20.55
CA LEU D 73 -78.22 8.53 19.94
C LEU D 73 -78.06 8.13 18.48
N LYS D 74 -77.22 8.86 17.74
CA LYS D 74 -77.06 8.54 16.33
C LYS D 74 -76.37 7.20 16.13
N ARG D 75 -75.49 6.80 17.05
CA ARG D 75 -74.90 5.46 16.97
C ARG D 75 -75.98 4.39 17.12
N VAL D 76 -76.75 4.49 18.20
CA VAL D 76 -77.80 3.50 18.43
C VAL D 76 -78.81 3.52 17.30
N SER D 77 -79.10 4.70 16.76
CA SER D 77 -80.13 4.82 15.74
C SER D 77 -79.69 4.23 14.41
N HIS D 78 -78.45 4.51 13.99
CA HIS D 78 -77.93 3.87 12.78
C HIS D 78 -77.94 2.36 12.95
N PHE D 79 -77.60 1.87 14.14
CA PHE D 79 -77.64 0.43 14.38
C PHE D 79 -79.05 -0.10 14.23
N LEU D 80 -80.03 0.62 14.80
CA LEU D 80 -81.42 0.19 14.68
C LEU D 80 -81.88 0.19 13.23
N ASP D 81 -81.34 1.09 12.40
CA ASP D 81 -81.65 1.07 10.97
C ASP D 81 -81.24 -0.25 10.34
N ARG D 82 -80.12 -0.84 10.78
CA ARG D 82 -79.76 -2.16 10.29
C ARG D 82 -80.79 -3.20 10.70
N VAL D 83 -81.21 -3.17 11.97
CA VAL D 83 -82.23 -4.12 12.41
C VAL D 83 -83.52 -3.93 11.62
N ARG D 84 -83.91 -2.68 11.39
CA ARG D 84 -85.12 -2.41 10.63
C ARG D 84 -85.03 -3.00 9.22
N GLU D 85 -83.87 -2.84 8.58
CA GLU D 85 -83.65 -3.46 7.26
C GLU D 85 -83.77 -4.97 7.34
N PHE D 86 -82.90 -5.60 8.14
CA PHE D 86 -82.93 -7.02 8.44
C PHE D 86 -84.33 -7.61 8.56
N ALA D 87 -85.30 -6.84 9.04
CA ALA D 87 -86.62 -7.38 9.33
C ALA D 87 -87.75 -6.77 8.50
N GLY D 88 -87.44 -5.82 7.61
CA GLY D 88 -88.48 -5.23 6.78
C GLY D 88 -89.56 -4.52 7.56
N ILE D 89 -89.19 -3.76 8.60
CA ILE D 89 -90.11 -2.93 9.35
C ILE D 89 -89.51 -1.52 9.44
N SER D 90 -90.38 -0.55 9.71
CA SER D 90 -89.97 0.85 9.73
C SER D 90 -90.16 1.50 11.09
N TRP D 91 -90.58 0.77 12.11
CA TRP D 91 -90.87 1.37 13.41
C TRP D 91 -89.60 1.90 14.07
N HIS D 92 -89.73 3.05 14.72
CA HIS D 92 -88.68 3.56 15.60
C HIS D 92 -88.93 3.09 17.02
N ALA D 93 -87.95 3.32 17.90
CA ALA D 93 -87.95 2.64 19.19
C ALA D 93 -87.51 3.56 20.31
N HIS D 94 -88.05 3.27 21.48
CA HIS D 94 -87.51 3.75 22.75
C HIS D 94 -86.47 2.74 23.21
N VAL D 95 -85.28 3.21 23.51
CA VAL D 95 -84.21 2.37 24.04
C VAL D 95 -83.92 2.85 25.46
N ILE D 96 -84.02 1.97 26.43
CA ILE D 96 -83.85 2.32 27.83
C ILE D 96 -82.73 1.45 28.38
N SER D 97 -81.64 2.07 28.79
CA SER D 97 -80.43 1.35 29.13
C SER D 97 -79.89 1.81 30.47
N GLU D 98 -79.44 0.85 31.29
CA GLU D 98 -78.73 1.18 32.52
C GLU D 98 -77.57 0.21 32.69
N ASN D 99 -76.52 0.69 33.36
CA ASN D 99 -75.36 -0.14 33.64
C ASN D 99 -74.95 0.07 35.10
N ASN D 100 -74.12 -0.85 35.60
CA ASN D 100 -73.59 -0.74 36.95
C ASN D 100 -72.13 -0.31 36.95
N PHE D 101 -71.72 0.49 35.95
CA PHE D 101 -70.34 0.93 35.85
C PHE D 101 -70.07 2.07 36.84
N PRO D 102 -68.94 2.06 37.53
CA PRO D 102 -68.55 3.23 38.33
C PRO D 102 -68.48 4.50 37.49
N THR D 103 -69.19 5.53 37.96
CA THR D 103 -69.14 6.84 37.33
C THR D 103 -67.71 7.37 37.31
N GLY D 104 -67.32 7.95 36.18
CA GLY D 104 -65.99 8.52 36.04
C GLY D 104 -64.85 7.53 35.96
N ALA D 105 -65.10 6.23 36.16
CA ALA D 105 -64.02 5.26 36.05
C ALA D 105 -63.46 5.19 34.64
N GLY D 106 -64.24 5.60 33.63
CA GLY D 106 -63.76 5.56 32.27
C GLY D 106 -63.74 4.17 31.68
N ILE D 107 -64.72 3.35 32.03
CA ILE D 107 -64.79 1.97 31.55
C ILE D 107 -65.70 1.92 30.33
N ALA D 108 -65.17 1.38 29.24
CA ALA D 108 -65.87 1.36 27.97
C ALA D 108 -67.08 0.43 28.06
N SER D 109 -68.21 0.90 27.57
CA SER D 109 -69.42 0.09 27.57
C SER D 109 -69.85 -0.32 26.17
N SER D 110 -69.14 0.11 25.11
CA SER D 110 -69.68 -0.07 23.76
C SER D 110 -69.84 -1.55 23.40
N ALA D 111 -68.97 -2.43 23.92
CA ALA D 111 -69.14 -3.84 23.64
C ALA D 111 -70.38 -4.38 24.34
N ALA D 112 -70.47 -4.17 25.65
CA ALA D 112 -71.67 -4.61 26.37
C ALA D 112 -72.91 -3.94 25.79
N ALA D 113 -72.83 -2.64 25.49
CA ALA D 113 -74.01 -1.89 25.07
C ALA D 113 -74.56 -2.40 23.75
N PHE D 114 -73.70 -2.67 22.78
CA PHE D 114 -74.22 -3.12 21.49
C PHE D 114 -74.52 -4.60 21.47
N ALA D 115 -73.92 -5.39 22.36
CA ALA D 115 -74.34 -6.78 22.50
C ALA D 115 -75.75 -6.86 23.08
N ALA D 116 -75.98 -6.15 24.19
CA ALA D 116 -77.32 -6.07 24.73
C ALA D 116 -78.31 -5.54 23.69
N LEU D 117 -77.92 -4.50 22.95
CA LEU D 117 -78.86 -3.88 22.03
C LEU D 117 -79.21 -4.81 20.86
N ALA D 118 -78.23 -5.59 20.39
CA ALA D 118 -78.53 -6.49 19.28
C ALA D 118 -79.49 -7.59 19.72
N LEU D 119 -79.31 -8.08 20.94
CA LEU D 119 -80.20 -9.11 21.46
C LEU D 119 -81.58 -8.54 21.75
N ALA D 120 -81.65 -7.42 22.47
CA ALA D 120 -82.96 -6.84 22.80
C ALA D 120 -83.71 -6.38 21.56
N ALA D 121 -83.02 -5.72 20.62
CA ALA D 121 -83.71 -5.14 19.49
C ALA D 121 -84.24 -6.21 18.55
N THR D 122 -83.44 -7.23 18.25
CA THR D 122 -83.93 -8.30 17.37
C THR D 122 -85.06 -9.06 18.03
N SER D 123 -84.88 -9.45 19.30
CA SER D 123 -85.96 -10.13 20.02
C SER D 123 -87.22 -9.26 20.09
N ALA D 124 -87.07 -7.96 20.35
CA ALA D 124 -88.24 -7.10 20.46
C ALA D 124 -89.06 -7.13 19.18
N ILE D 125 -88.39 -7.33 18.05
CA ILE D 125 -88.99 -7.17 16.72
C ILE D 125 -89.45 -8.51 16.15
N GLY D 126 -89.47 -9.58 16.96
CA GLY D 126 -89.92 -10.88 16.53
C GLY D 126 -88.85 -11.84 16.06
N LEU D 127 -87.60 -11.40 15.92
CA LEU D 127 -86.54 -12.27 15.42
C LEU D 127 -86.07 -13.25 16.51
N HIS D 128 -85.46 -14.37 16.06
CA HIS D 128 -84.80 -15.35 16.94
C HIS D 128 -83.45 -15.73 16.29
N LEU D 129 -82.53 -14.78 16.24
CA LEU D 129 -81.23 -15.03 15.64
C LEU D 129 -80.42 -16.00 16.48
N SER D 130 -79.60 -16.80 15.80
CA SER D 130 -78.65 -17.67 16.47
C SER D 130 -77.53 -16.85 17.11
N GLU D 131 -76.78 -17.49 18.00
CA GLU D 131 -75.64 -16.79 18.59
C GLU D 131 -74.73 -16.22 17.51
N ARG D 132 -74.40 -17.05 16.51
CA ARG D 132 -73.51 -16.57 15.45
C ARG D 132 -74.10 -15.34 14.76
N ASP D 133 -75.38 -15.36 14.43
CA ASP D 133 -75.95 -14.19 13.78
C ASP D 133 -76.06 -13.01 14.72
N LEU D 134 -76.24 -13.26 16.03
CA LEU D 134 -76.21 -12.13 16.97
C LEU D 134 -74.82 -11.53 17.03
N SER D 135 -73.80 -12.37 16.90
CA SER D 135 -72.43 -11.88 16.90
C SER D 135 -72.17 -11.04 15.66
N ARG D 136 -72.54 -11.56 14.48
CA ARG D 136 -72.38 -10.78 13.25
C ARG D 136 -73.07 -9.44 13.36
N LEU D 137 -74.27 -9.41 13.95
CA LEU D 137 -75.01 -8.15 14.01
C LEU D 137 -74.38 -7.18 15.00
N ALA D 138 -74.10 -7.65 16.23
CA ALA D 138 -73.43 -6.79 17.20
C ALA D 138 -72.18 -6.19 16.59
N ARG D 139 -71.37 -7.01 15.91
CA ARG D 139 -70.13 -6.53 15.30
C ARG D 139 -70.34 -5.25 14.51
N LYS D 140 -71.47 -5.10 13.84
CA LYS D 140 -71.73 -3.92 13.05
C LYS D 140 -72.07 -2.70 13.91
N GLY D 141 -72.37 -2.89 15.19
CA GLY D 141 -72.49 -1.75 16.07
C GLY D 141 -71.12 -1.32 16.57
N SER D 142 -70.47 -2.22 17.29
CA SER D 142 -69.12 -2.02 17.79
C SER D 142 -68.38 -3.35 17.64
N GLY D 143 -67.18 -3.30 17.05
CA GLY D 143 -66.46 -4.53 16.77
C GLY D 143 -66.35 -5.41 18.00
N SER D 144 -65.90 -4.83 19.12
CA SER D 144 -65.71 -5.63 20.31
C SER D 144 -67.03 -6.17 20.86
N ALA D 145 -68.16 -5.60 20.43
CA ALA D 145 -69.46 -6.07 20.89
C ALA D 145 -69.74 -7.49 20.42
N CYS D 146 -69.17 -7.90 19.28
CA CYS D 146 -69.43 -9.24 18.81
C CYS D 146 -68.83 -10.29 19.75
N ARG D 147 -67.81 -9.91 20.54
CA ARG D 147 -67.21 -10.83 21.49
C ARG D 147 -67.95 -10.92 22.82
N SER D 148 -68.88 -10.01 23.08
CA SER D 148 -69.72 -10.04 24.27
C SER D 148 -71.02 -10.81 24.04
N ILE D 149 -71.25 -11.27 22.82
CA ILE D 149 -72.46 -12.06 22.55
C ILE D 149 -72.26 -13.47 23.08
N PRO D 150 -71.18 -14.17 22.74
CA PRO D 150 -70.90 -15.47 23.36
C PRO D 150 -70.40 -15.27 24.79
N GLY D 151 -70.35 -16.38 25.54
CA GLY D 151 -69.93 -16.35 26.91
C GLY D 151 -68.50 -16.79 27.17
N GLY D 152 -67.96 -16.30 28.28
CA GLY D 152 -66.70 -16.84 28.78
C GLY D 152 -65.51 -16.29 28.03
N PHE D 153 -64.65 -17.19 27.57
CA PHE D 153 -63.50 -16.82 26.75
C PHE D 153 -63.90 -16.93 25.29
N VAL D 154 -63.67 -15.87 24.54
CA VAL D 154 -64.33 -15.68 23.24
C VAL D 154 -63.29 -15.30 22.22
N GLU D 155 -63.38 -15.90 21.03
CA GLU D 155 -62.47 -15.56 19.94
C GLU D 155 -63.28 -14.95 18.81
N TRP D 156 -62.83 -13.78 18.34
CA TRP D 156 -63.41 -13.16 17.16
C TRP D 156 -62.63 -13.65 15.95
N ILE D 157 -63.29 -14.46 15.13
CA ILE D 157 -62.73 -15.00 13.89
C ILE D 157 -62.82 -13.87 12.87
N PRO D 158 -61.70 -13.40 12.31
CA PRO D 158 -61.77 -12.14 11.54
C PRO D 158 -62.48 -12.29 10.21
N GLY D 159 -62.34 -13.44 9.56
CA GLY D 159 -63.05 -13.72 8.33
C GLY D 159 -62.76 -12.76 7.19
N GLU D 160 -63.35 -13.04 6.04
CA GLU D 160 -63.22 -12.22 4.85
C GLU D 160 -64.38 -11.28 4.64
N THR D 161 -65.59 -11.70 5.03
CA THR D 161 -66.82 -11.03 4.65
C THR D 161 -67.70 -10.86 5.89
N ASP D 162 -68.82 -10.15 5.70
CA ASP D 162 -69.81 -10.05 6.76
C ASP D 162 -70.20 -11.43 7.27
N GLU D 163 -70.24 -12.43 6.39
CA GLU D 163 -70.79 -13.72 6.76
C GLU D 163 -69.89 -14.50 7.71
N ASP D 164 -68.56 -14.36 7.60
CA ASP D 164 -67.69 -15.20 8.41
C ASP D 164 -66.75 -14.40 9.31
N SER D 165 -67.15 -13.18 9.68
CA SER D 165 -66.49 -12.40 10.73
C SER D 165 -67.41 -12.41 11.95
N TYR D 166 -67.11 -13.27 12.91
CA TYR D 166 -67.97 -13.42 14.07
C TYR D 166 -67.17 -14.02 15.21
N ALA D 167 -67.81 -14.11 16.37
CA ALA D 167 -67.15 -14.56 17.58
C ALA D 167 -67.83 -15.82 18.09
N VAL D 168 -67.01 -16.70 18.66
CA VAL D 168 -67.46 -17.96 19.24
C VAL D 168 -66.75 -18.08 20.57
N SER D 169 -67.41 -18.76 21.50
CA SER D 169 -66.78 -19.09 22.77
C SER D 169 -65.76 -20.20 22.57
N ILE D 170 -64.55 -20.03 23.09
CA ILE D 170 -63.57 -21.09 23.06
C ILE D 170 -63.49 -21.83 24.40
N ALA D 171 -64.05 -21.25 25.46
CA ALA D 171 -64.23 -21.97 26.71
C ALA D 171 -65.29 -21.25 27.53
N PRO D 172 -66.07 -21.97 28.33
CA PRO D 172 -67.07 -21.32 29.18
C PRO D 172 -66.41 -20.62 30.34
N PRO D 173 -67.12 -19.73 31.03
CA PRO D 173 -66.47 -18.98 32.12
C PRO D 173 -65.87 -19.87 33.19
N GLU D 174 -66.57 -20.94 33.59
CA GLU D 174 -66.06 -21.80 34.66
C GLU D 174 -64.83 -22.59 34.25
N HIS D 175 -64.42 -22.51 32.98
CA HIS D 175 -63.25 -23.26 32.55
C HIS D 175 -62.00 -22.83 33.30
N TRP D 176 -61.87 -21.55 33.67
CA TRP D 176 -60.63 -21.08 34.25
C TRP D 176 -60.91 -19.91 35.17
N ALA D 177 -60.63 -20.09 36.46
CA ALA D 177 -60.88 -19.04 37.43
C ALA D 177 -59.83 -17.96 37.26
N LEU D 178 -60.09 -17.01 36.37
CA LEU D 178 -59.28 -15.81 36.19
C LEU D 178 -60.06 -14.59 36.67
N THR D 179 -59.34 -13.68 37.31
CA THR D 179 -59.88 -12.42 37.76
C THR D 179 -59.20 -11.28 37.01
N ASP D 180 -59.94 -10.21 36.75
CA ASP D 180 -59.40 -8.99 36.17
C ASP D 180 -59.49 -7.87 37.21
N CYS D 181 -58.34 -7.37 37.63
CA CYS D 181 -58.26 -6.29 38.59
C CYS D 181 -57.97 -5.02 37.81
N ILE D 182 -58.98 -4.18 37.65
CA ILE D 182 -58.89 -2.99 36.82
C ILE D 182 -58.45 -1.83 37.69
N ALA D 183 -57.21 -1.37 37.51
CA ALA D 183 -56.72 -0.18 38.18
C ALA D 183 -57.28 1.04 37.47
N ILE D 184 -58.13 1.78 38.17
CA ILE D 184 -58.75 3.00 37.67
C ILE D 184 -57.89 4.18 38.06
N LEU D 185 -57.50 4.98 37.09
CA LEU D 185 -56.63 6.12 37.38
C LEU D 185 -57.46 7.32 37.83
N SER D 186 -57.00 7.98 38.87
CA SER D 186 -57.50 9.34 39.19
C SER D 186 -56.95 10.24 38.06
N THR D 187 -55.77 9.90 37.57
CA THR D 187 -55.01 10.55 36.46
C THR D 187 -55.75 10.34 35.15
N GLN D 188 -56.74 11.13 34.81
CA GLN D 188 -57.44 10.83 33.54
C GLN D 188 -57.87 12.12 32.83
N HIS D 189 -58.00 12.05 31.52
CA HIS D 189 -58.54 13.13 30.70
C HIS D 189 -59.64 12.57 29.81
N LYS D 190 -59.83 13.13 28.61
CA LYS D 190 -60.84 12.64 27.67
C LYS D 190 -60.17 12.13 26.40
N PRO D 191 -59.74 10.87 26.38
CA PRO D 191 -58.89 10.40 25.28
C PRO D 191 -59.65 10.23 23.98
N ILE D 192 -58.90 10.14 22.88
CA ILE D 192 -59.51 9.92 21.58
C ILE D 192 -60.15 8.55 21.54
N GLY D 193 -61.40 8.50 21.06
CA GLY D 193 -62.13 7.25 21.06
C GLY D 193 -61.48 6.17 20.20
N SER D 194 -61.86 4.93 20.51
CA SER D 194 -61.29 3.78 19.82
C SER D 194 -61.53 3.84 18.31
N THR D 195 -62.77 4.11 17.89
CA THR D 195 -63.05 4.18 16.46
C THR D 195 -62.14 5.17 15.75
N GLN D 196 -62.10 6.42 16.20
CA GLN D 196 -61.24 7.40 15.56
C GLN D 196 -59.77 7.00 15.68
N GLY D 197 -59.36 6.51 16.86
CA GLY D 197 -57.96 6.15 17.07
C GLY D 197 -57.49 5.06 16.12
N MET D 198 -58.24 3.96 16.03
CA MET D 198 -57.81 2.86 15.19
C MET D 198 -57.94 3.19 13.71
N ALA D 199 -58.74 4.21 13.36
CA ALA D 199 -58.75 4.68 11.98
C ALA D 199 -57.40 5.29 11.60
N LEU D 200 -56.58 5.62 12.59
CA LEU D 200 -55.24 6.13 12.31
C LEU D 200 -54.20 5.04 12.22
N ALA D 201 -54.56 3.79 12.52
CA ALA D 201 -53.55 2.74 12.61
C ALA D 201 -52.79 2.60 11.30
N SER D 202 -53.45 2.89 10.16
CA SER D 202 -52.79 2.79 8.86
C SER D 202 -51.64 3.78 8.70
N THR D 203 -51.59 4.85 9.48
CA THR D 203 -50.48 5.80 9.41
C THR D 203 -49.23 5.30 10.11
N SER D 204 -49.33 4.25 10.90
CA SER D 204 -48.16 3.72 11.58
C SER D 204 -47.42 2.77 10.68
N PRO D 205 -46.11 2.96 10.49
CA PRO D 205 -45.31 1.98 9.72
C PRO D 205 -45.27 0.60 10.37
N LEU D 206 -45.72 0.47 11.62
CA LEU D 206 -45.60 -0.77 12.36
C LEU D 206 -46.86 -1.63 12.30
N GLN D 207 -47.96 -1.10 11.77
CA GLN D 207 -49.24 -1.81 11.83
C GLN D 207 -49.23 -3.07 10.97
N PRO D 208 -48.79 -3.03 9.71
CA PRO D 208 -48.85 -4.27 8.90
C PRO D 208 -48.09 -5.43 9.52
N ALA D 209 -46.96 -5.15 10.16
CA ALA D 209 -46.18 -6.21 10.79
C ALA D 209 -46.90 -6.72 12.03
N ARG D 210 -47.52 -5.83 12.81
CA ARG D 210 -48.30 -6.27 13.95
C ARG D 210 -49.43 -7.19 13.49
N VAL D 211 -50.10 -6.81 12.39
CA VAL D 211 -51.26 -7.55 11.91
C VAL D 211 -50.86 -8.93 11.40
N ALA D 212 -49.74 -9.02 10.67
CA ALA D 212 -49.36 -10.30 10.08
C ALA D 212 -48.98 -11.31 11.14
N ASP D 213 -48.46 -10.83 12.28
CA ASP D 213 -48.01 -11.69 13.37
C ASP D 213 -49.14 -12.18 14.27
N THR D 214 -50.36 -11.67 14.13
CA THR D 214 -51.43 -12.00 15.06
C THR D 214 -51.72 -13.50 15.17
N PRO D 215 -51.71 -14.29 14.09
CA PRO D 215 -52.04 -15.72 14.27
C PRO D 215 -51.09 -16.44 15.22
N ARG D 216 -49.85 -16.01 15.32
CA ARG D 216 -48.98 -16.60 16.33
C ARG D 216 -49.43 -16.21 17.73
N ARG D 217 -49.81 -14.94 17.92
CA ARG D 217 -50.28 -14.49 19.23
C ARG D 217 -51.61 -15.14 19.59
N LEU D 218 -52.54 -15.20 18.63
CA LEU D 218 -53.81 -15.86 18.91
C LEU D 218 -53.58 -17.32 19.27
N GLU D 219 -52.64 -17.97 18.58
CA GLU D 219 -52.37 -19.37 18.87
C GLU D 219 -51.90 -19.54 20.31
N ILE D 220 -51.01 -18.67 20.77
CA ILE D 220 -50.45 -18.80 22.10
C ILE D 220 -51.52 -18.55 23.17
N VAL D 221 -52.32 -17.50 22.99
CA VAL D 221 -53.35 -17.23 23.99
C VAL D 221 -54.42 -18.31 23.94
N ARG D 222 -54.84 -18.71 22.74
CA ARG D 222 -55.86 -19.73 22.61
C ARG D 222 -55.44 -21.02 23.29
N ARG D 223 -54.22 -21.46 23.03
CA ARG D 223 -53.74 -22.66 23.69
C ARG D 223 -53.60 -22.46 25.19
N ALA D 224 -53.19 -21.26 25.64
CA ALA D 224 -52.98 -21.05 27.07
C ALA D 224 -54.30 -21.16 27.83
N ILE D 225 -55.38 -20.63 27.25
CA ILE D 225 -56.69 -20.76 27.89
C ILE D 225 -57.11 -22.23 27.96
N LEU D 226 -56.94 -22.95 26.88
CA LEU D 226 -57.38 -24.34 26.92
C LEU D 226 -56.58 -25.17 27.91
N GLU D 227 -55.28 -24.88 28.06
CA GLU D 227 -54.41 -25.58 28.99
C GLU D 227 -54.38 -24.98 30.39
N ARG D 228 -55.02 -23.82 30.58
CA ARG D 228 -54.91 -23.11 31.85
C ARG D 228 -53.45 -22.83 32.20
N ASP D 229 -52.68 -22.39 31.20
CA ASP D 229 -51.25 -22.11 31.34
C ASP D 229 -51.09 -20.60 31.54
N PHE D 230 -50.96 -20.18 32.80
CA PHE D 230 -51.03 -18.75 33.07
C PHE D 230 -49.77 -18.02 32.63
N LEU D 231 -48.60 -18.61 32.81
CA LEU D 231 -47.38 -17.90 32.43
C LEU D 231 -47.39 -17.61 30.93
N SER D 232 -47.80 -18.57 30.12
CA SER D 232 -47.85 -18.32 28.67
C SER D 232 -48.87 -17.23 28.36
N LEU D 233 -50.02 -17.26 29.02
CA LEU D 233 -51.01 -16.21 28.81
C LEU D 233 -50.44 -14.85 29.19
N ALA D 234 -49.79 -14.78 30.36
CA ALA D 234 -49.33 -13.50 30.89
C ALA D 234 -48.36 -12.81 29.94
N GLU D 235 -47.32 -13.53 29.51
CA GLU D 235 -46.31 -12.91 28.67
C GLU D 235 -46.90 -12.45 27.34
N MET D 236 -47.84 -13.23 26.77
CA MET D 236 -48.43 -12.80 25.51
C MET D 236 -49.37 -11.62 25.68
N ILE D 237 -50.19 -11.57 26.73
CA ILE D 237 -51.13 -10.45 26.75
C ILE D 237 -50.38 -9.15 26.97
N GLU D 238 -49.26 -9.18 27.69
CA GLU D 238 -48.44 -7.98 27.82
C GLU D 238 -47.77 -7.64 26.50
N HIS D 239 -47.21 -8.65 25.82
CA HIS D 239 -46.63 -8.43 24.50
C HIS D 239 -47.67 -7.83 23.55
N ASP D 240 -48.87 -8.41 23.53
CA ASP D 240 -49.89 -7.99 22.58
C ASP D 240 -50.40 -6.59 22.89
N SER D 241 -50.62 -6.29 24.16
CA SER D 241 -50.97 -4.92 24.54
C SER D 241 -49.88 -3.94 24.10
N ASN D 242 -48.60 -4.28 24.29
CA ASN D 242 -47.55 -3.35 23.89
C ASN D 242 -47.47 -3.19 22.37
N LEU D 243 -47.73 -4.26 21.61
CA LEU D 243 -47.79 -4.15 20.16
C LEU D 243 -48.87 -3.17 19.71
N MET D 244 -50.06 -3.25 20.31
CA MET D 244 -51.11 -2.30 19.96
C MET D 244 -50.69 -0.87 20.29
N HIS D 245 -50.17 -0.64 21.49
CA HIS D 245 -49.78 0.70 21.88
C HIS D 245 -48.55 1.18 21.12
N ALA D 246 -47.68 0.26 20.69
CA ALA D 246 -46.60 0.66 19.79
C ALA D 246 -47.16 1.28 18.51
N VAL D 247 -48.23 0.68 17.95
CA VAL D 247 -48.85 1.23 16.75
C VAL D 247 -49.51 2.56 17.07
N MET D 248 -50.27 2.63 18.16
CA MET D 248 -50.91 3.89 18.55
C MET D 248 -49.87 5.01 18.63
N MET D 249 -48.76 4.76 19.33
CA MET D 249 -47.78 5.80 19.58
C MET D 249 -46.99 6.19 18.35
N THR D 250 -47.01 5.36 17.30
CA THR D 250 -46.32 5.67 16.06
C THR D 250 -47.30 6.00 14.93
N SER D 251 -48.56 6.23 15.27
CA SER D 251 -49.54 6.78 14.35
C SER D 251 -49.26 8.27 14.14
N THR D 252 -49.86 8.83 13.09
CA THR D 252 -49.84 10.28 12.88
C THR D 252 -51.27 10.81 12.84
N PRO D 253 -51.69 11.66 13.78
CA PRO D 253 -50.84 12.11 14.88
C PRO D 253 -50.73 11.00 15.92
N PRO D 254 -49.69 11.02 16.76
CA PRO D 254 -49.48 9.91 17.69
C PRO D 254 -50.57 9.88 18.75
N LEU D 255 -50.85 8.67 19.23
CA LEU D 255 -51.87 8.42 20.24
C LEU D 255 -51.20 7.84 21.48
N PHE D 256 -51.04 8.65 22.51
CA PHE D 256 -50.39 8.26 23.76
C PHE D 256 -51.47 8.11 24.82
N TYR D 257 -52.02 6.91 24.97
CA TYR D 257 -53.12 6.69 25.89
C TYR D 257 -52.64 6.52 27.32
N TRP D 258 -51.35 6.24 27.49
CA TRP D 258 -50.80 5.97 28.81
C TRP D 258 -50.73 7.24 29.63
N GLU D 259 -51.09 7.14 30.87
CA GLU D 259 -50.73 8.14 31.85
C GLU D 259 -49.47 7.70 32.56
N PRO D 260 -48.73 8.63 33.14
CA PRO D 260 -47.51 8.23 33.86
C PRO D 260 -47.74 7.06 34.82
N VAL D 261 -48.88 7.05 35.52
CA VAL D 261 -49.12 5.98 36.47
C VAL D 261 -49.39 4.64 35.77
N SER D 262 -49.88 4.66 34.53
CA SER D 262 -49.99 3.44 33.74
C SER D 262 -48.63 2.75 33.62
N LEU D 263 -47.59 3.53 33.39
CA LEU D 263 -46.24 2.99 33.27
C LEU D 263 -45.79 2.40 34.60
N VAL D 264 -46.05 3.10 35.71
CA VAL D 264 -45.70 2.57 37.03
C VAL D 264 -46.35 1.20 37.22
N ILE D 265 -47.63 1.07 36.89
CA ILE D 265 -48.32 -0.19 37.11
C ILE D 265 -47.75 -1.29 36.22
N MET D 266 -47.55 -0.99 34.93
CA MET D 266 -47.06 -2.02 34.02
C MET D 266 -45.72 -2.59 34.49
N LYS D 267 -44.80 -1.71 34.90
CA LYS D 267 -43.53 -2.18 35.44
C LYS D 267 -43.71 -2.94 36.74
N SER D 268 -44.58 -2.44 37.63
CA SER D 268 -44.83 -3.13 38.90
C SER D 268 -45.32 -4.55 38.66
N VAL D 269 -46.30 -4.71 37.77
CA VAL D 269 -46.94 -6.01 37.54
C VAL D 269 -45.91 -7.01 37.01
N ARG D 270 -45.10 -6.58 36.04
CA ARG D 270 -44.04 -7.46 35.55
C ARG D 270 -43.11 -7.87 36.68
N GLU D 271 -42.78 -6.94 37.57
CA GLU D 271 -41.95 -7.26 38.74
C GLU D 271 -42.66 -8.25 39.66
N TRP D 272 -43.94 -8.04 39.92
CA TRP D 272 -44.66 -8.95 40.80
C TRP D 272 -44.64 -10.37 40.26
N ARG D 273 -44.92 -10.53 38.96
CA ARG D 273 -44.93 -11.87 38.39
C ARG D 273 -43.55 -12.50 38.49
N GLU D 274 -42.50 -11.72 38.20
CA GLU D 274 -41.15 -12.27 38.19
C GLU D 274 -40.70 -12.68 39.58
N SER D 275 -41.23 -12.05 40.63
CA SER D 275 -40.89 -12.45 41.99
C SER D 275 -41.97 -13.31 42.65
N GLY D 276 -42.82 -13.98 41.86
CA GLY D 276 -43.65 -15.07 42.34
C GLY D 276 -45.13 -14.82 42.47
N LEU D 277 -45.65 -13.64 42.12
CA LEU D 277 -47.09 -13.39 42.21
C LEU D 277 -47.69 -13.45 40.81
N PRO D 278 -48.39 -14.52 40.43
CA PRO D 278 -48.85 -14.65 39.05
C PRO D 278 -49.87 -13.59 38.66
N CYS D 279 -49.47 -12.65 37.82
CA CYS D 279 -50.35 -11.61 37.31
C CYS D 279 -49.77 -11.08 36.00
N ALA D 280 -50.59 -10.34 35.26
CA ALA D 280 -50.14 -9.80 33.98
C ALA D 280 -51.02 -8.61 33.62
N TYR D 281 -50.43 -7.63 32.94
CA TYR D 281 -51.19 -6.42 32.63
C TYR D 281 -51.67 -6.43 31.18
N THR D 282 -52.66 -5.60 30.91
CA THR D 282 -53.12 -5.32 29.55
C THR D 282 -53.86 -3.99 29.56
N LEU D 283 -53.68 -3.19 28.50
CA LEU D 283 -54.31 -1.88 28.38
C LEU D 283 -55.13 -1.77 27.11
N ASP D 284 -56.31 -1.16 27.21
CA ASP D 284 -57.06 -0.79 26.03
C ASP D 284 -56.72 0.64 25.61
N ALA D 285 -57.67 1.38 25.03
CA ALA D 285 -57.38 2.72 24.53
C ALA D 285 -57.71 3.76 25.61
N GLY D 286 -56.89 3.70 26.68
CA GLY D 286 -57.02 4.58 27.81
C GLY D 286 -55.95 4.24 28.80
N PRO D 287 -55.88 4.98 29.92
CA PRO D 287 -54.81 4.72 30.90
C PRO D 287 -55.09 3.60 31.87
N ASN D 288 -56.35 3.19 32.07
CA ASN D 288 -56.64 2.14 33.05
C ASN D 288 -55.85 0.88 32.72
N VAL D 289 -55.38 0.18 33.74
CA VAL D 289 -54.63 -1.06 33.56
C VAL D 289 -55.48 -2.21 34.09
N HIS D 290 -55.68 -3.23 33.25
CA HIS D 290 -56.31 -4.47 33.66
C HIS D 290 -55.23 -5.45 34.08
N VAL D 291 -55.28 -5.89 35.33
CA VAL D 291 -54.32 -6.86 35.84
C VAL D 291 -55.04 -8.19 35.94
N ILE D 292 -54.69 -9.12 35.04
CA ILE D 292 -55.27 -10.45 34.98
C ILE D 292 -54.48 -11.36 35.91
N CYS D 293 -55.17 -12.17 36.71
CA CYS D 293 -54.48 -13.10 37.58
C CYS D 293 -55.38 -14.28 37.88
N PRO D 294 -54.81 -15.46 38.15
CA PRO D 294 -55.64 -16.55 38.69
C PRO D 294 -56.34 -16.08 39.95
N SER D 295 -57.59 -16.53 40.12
CA SER D 295 -58.43 -15.90 41.13
C SER D 295 -57.87 -16.05 42.55
N GLU D 296 -57.14 -17.12 42.83
CA GLU D 296 -56.58 -17.29 44.18
C GLU D 296 -55.63 -16.17 44.56
N TYR D 297 -55.10 -15.42 43.59
CA TYR D 297 -54.16 -14.35 43.87
C TYR D 297 -54.78 -12.97 43.79
N ALA D 298 -56.10 -12.88 43.59
CA ALA D 298 -56.73 -11.59 43.30
C ALA D 298 -56.56 -10.59 44.44
N GLU D 299 -56.76 -11.01 45.69
CA GLU D 299 -56.73 -10.02 46.77
C GLU D 299 -55.31 -9.59 47.12
N GLU D 300 -54.31 -10.41 46.82
CA GLU D 300 -52.93 -9.92 46.93
C GLU D 300 -52.63 -8.91 45.84
N VAL D 301 -53.05 -9.21 44.61
CA VAL D 301 -52.88 -8.28 43.49
C VAL D 301 -53.59 -6.95 43.78
N ILE D 302 -54.81 -7.03 44.31
CA ILE D 302 -55.58 -5.81 44.59
C ILE D 302 -54.91 -5.00 45.69
N PHE D 303 -54.34 -5.67 46.70
CA PHE D 303 -53.64 -4.95 47.75
C PHE D 303 -52.46 -4.18 47.16
N ARG D 304 -51.68 -4.83 46.32
CA ARG D 304 -50.49 -4.19 45.75
C ARG D 304 -50.88 -3.05 44.82
N LEU D 305 -51.93 -3.23 44.03
CA LEU D 305 -52.36 -2.17 43.13
C LEU D 305 -52.85 -0.96 43.91
N THR D 306 -53.63 -1.19 44.98
CA THR D 306 -54.20 -0.08 45.74
C THR D 306 -53.13 0.74 46.44
N SER D 307 -51.99 0.15 46.72
CA SER D 307 -50.89 0.82 47.41
C SER D 307 -50.05 1.69 46.47
N ILE D 308 -50.36 1.68 45.18
CA ILE D 308 -49.57 2.45 44.20
C ILE D 308 -50.09 3.88 44.18
N PRO D 309 -49.24 4.88 44.41
CA PRO D 309 -49.67 6.27 44.29
C PRO D 309 -50.32 6.54 42.93
N GLY D 310 -51.49 7.18 42.97
CA GLY D 310 -52.23 7.52 41.77
C GLY D 310 -53.33 6.55 41.40
N VAL D 311 -53.40 5.40 42.06
CA VAL D 311 -54.47 4.45 41.80
C VAL D 311 -55.70 4.89 42.58
N GLN D 312 -56.77 5.21 41.87
CA GLN D 312 -57.98 5.70 42.51
C GLN D 312 -58.71 4.57 43.22
N THR D 313 -59.10 3.55 42.46
CA THR D 313 -59.65 2.33 43.03
C THR D 313 -59.34 1.19 42.07
N VAL D 314 -59.64 -0.03 42.52
CA VAL D 314 -59.44 -1.23 41.73
C VAL D 314 -60.75 -1.99 41.68
N LEU D 315 -61.29 -2.17 40.49
CA LEU D 315 -62.46 -2.99 40.26
C LEU D 315 -62.03 -4.44 40.11
N LYS D 316 -62.85 -5.34 40.63
CA LYS D 316 -62.56 -6.76 40.61
C LYS D 316 -63.63 -7.45 39.78
N ALA D 317 -63.23 -8.24 38.79
CA ALA D 317 -64.19 -8.91 37.90
C ALA D 317 -63.70 -10.30 37.50
N SER D 318 -64.62 -11.25 37.47
CA SER D 318 -64.36 -12.62 37.05
C SER D 318 -65.04 -12.88 35.69
N ALA D 319 -64.83 -14.08 35.16
CA ALA D 319 -65.33 -14.40 33.82
C ALA D 319 -66.86 -14.47 33.83
N GLY D 320 -67.49 -13.76 32.89
CA GLY D 320 -68.93 -13.70 32.78
C GLY D 320 -69.45 -14.53 31.62
N ASP D 321 -70.78 -14.68 31.56
CA ASP D 321 -71.35 -15.55 30.55
C ASP D 321 -71.91 -14.72 29.38
N SER D 322 -72.66 -15.38 28.51
CA SER D 322 -73.09 -14.77 27.26
C SER D 322 -74.15 -13.70 27.51
N ALA D 323 -74.41 -12.89 26.47
CA ALA D 323 -75.57 -12.00 26.51
C ALA D 323 -76.85 -12.81 26.57
N LYS D 324 -77.84 -12.31 27.32
CA LYS D 324 -79.05 -13.06 27.62
C LYS D 324 -80.28 -12.16 27.60
N LEU D 325 -81.40 -12.72 27.18
CA LEU D 325 -82.69 -12.07 27.38
C LEU D 325 -83.13 -12.24 28.83
N ILE D 326 -83.83 -11.24 29.34
CA ILE D 326 -84.38 -11.37 30.69
C ILE D 326 -85.85 -10.96 30.68
N GLY E 6 44.91 25.81 -15.37
CA GLY E 6 44.46 24.65 -16.15
C GLY E 6 43.24 24.91 -17.03
N GLN E 7 43.18 24.26 -18.17
CA GLN E 7 42.11 24.56 -19.11
C GLN E 7 41.77 23.29 -19.88
N ALA E 8 40.49 23.12 -20.18
CA ALA E 8 40.06 21.94 -20.93
C ALA E 8 38.71 22.24 -21.56
N THR E 9 38.39 21.45 -22.59
CA THR E 9 37.17 21.60 -23.37
C THR E 9 36.52 20.23 -23.56
N ALA E 10 35.20 20.20 -23.43
CA ALA E 10 34.46 18.95 -23.54
C ALA E 10 33.15 19.20 -24.28
N ILE E 11 32.65 18.15 -24.91
CA ILE E 11 31.35 18.20 -25.57
C ILE E 11 30.45 17.12 -25.00
N ALA E 12 29.15 17.36 -25.09
CA ALA E 12 28.16 16.41 -24.61
C ALA E 12 26.87 16.66 -25.36
N HIS E 13 26.04 15.62 -25.45
CA HIS E 13 24.76 15.68 -26.13
C HIS E 13 23.61 15.69 -25.14
N PRO E 14 22.51 16.36 -25.48
CA PRO E 14 21.29 16.21 -24.68
C PRO E 14 20.75 14.80 -24.88
N ASN E 15 19.72 14.46 -24.13
CA ASN E 15 19.18 13.12 -24.25
C ASN E 15 17.67 13.18 -24.13
N ILE E 16 17.01 12.18 -24.71
CA ILE E 16 15.56 12.03 -24.62
C ILE E 16 15.28 10.85 -23.71
N ALA E 17 14.54 11.11 -22.64
CA ALA E 17 14.22 10.06 -21.68
C ALA E 17 13.08 9.17 -22.19
N PHE E 18 13.34 7.86 -22.22
CA PHE E 18 12.29 6.87 -22.47
C PHE E 18 11.48 6.60 -21.22
N ILE E 19 12.13 6.59 -20.06
CA ILE E 19 11.49 6.53 -18.76
C ILE E 19 11.90 7.81 -18.04
N LYS E 20 10.91 8.57 -17.57
CA LYS E 20 11.16 9.95 -17.17
C LYS E 20 11.65 10.08 -15.73
N TYR E 21 12.53 11.06 -15.53
CA TYR E 21 12.86 11.61 -14.22
C TYR E 21 11.88 12.73 -13.90
N TRP E 22 11.11 12.58 -12.82
CA TRP E 22 10.21 13.64 -12.36
C TRP E 22 10.03 13.53 -10.86
N GLY E 23 10.60 14.47 -10.11
CA GLY E 23 10.50 14.46 -8.66
C GLY E 23 11.80 14.06 -7.97
N LYS E 24 12.22 14.81 -6.96
CA LYS E 24 13.48 14.55 -6.29
C LYS E 24 13.24 13.97 -4.91
N ARG E 25 14.07 12.99 -4.52
CA ARG E 25 14.11 12.57 -3.13
C ARG E 25 14.99 13.49 -2.28
N ASP E 26 15.95 14.18 -2.89
CA ASP E 26 16.81 15.12 -2.19
C ASP E 26 17.08 16.29 -3.12
N ALA E 27 16.66 17.50 -2.71
CA ALA E 27 16.69 18.65 -3.60
C ALA E 27 18.12 19.07 -3.94
N VAL E 28 18.99 19.16 -2.93
CA VAL E 28 20.33 19.69 -3.17
C VAL E 28 21.20 18.69 -3.92
N LEU E 29 21.12 17.42 -3.55
CA LEU E 29 21.93 16.40 -4.22
C LEU E 29 21.32 15.95 -5.55
N ARG E 30 20.05 16.29 -5.80
CA ARG E 30 19.35 15.82 -6.99
C ARG E 30 19.37 14.30 -7.08
N ILE E 31 19.02 13.66 -5.98
CA ILE E 31 18.77 12.22 -5.99
C ILE E 31 17.30 12.10 -6.41
N PRO E 32 16.98 11.36 -7.47
CA PRO E 32 15.60 11.32 -7.97
C PRO E 32 14.74 10.36 -7.16
N GLU E 33 13.43 10.56 -7.27
CA GLU E 33 12.48 9.63 -6.67
C GLU E 33 12.45 8.30 -7.42
N ASN E 34 12.75 8.30 -8.71
CA ASN E 34 12.69 7.08 -9.49
C ASN E 34 13.83 7.08 -10.51
N GLY E 35 14.10 5.90 -11.05
CA GLY E 35 15.10 5.75 -12.08
C GLY E 35 14.60 6.15 -13.45
N SER E 36 15.53 6.33 -14.38
CA SER E 36 15.17 6.78 -15.70
C SER E 36 16.13 6.16 -16.73
N ILE E 37 15.67 6.17 -17.97
CA ILE E 37 16.44 5.64 -19.10
C ILE E 37 16.29 6.62 -20.25
N SER E 38 17.38 6.88 -20.95
CA SER E 38 17.37 7.87 -22.00
C SER E 38 18.31 7.45 -23.11
N MET E 39 18.22 8.18 -24.24
CA MET E 39 19.12 7.97 -25.36
C MET E 39 19.76 9.30 -25.73
N ASN E 40 21.06 9.29 -25.96
CA ASN E 40 21.76 10.51 -26.36
C ASN E 40 21.42 10.88 -27.80
N LEU E 41 21.31 12.19 -28.06
CA LEU E 41 21.02 12.70 -29.39
C LEU E 41 22.33 13.17 -30.03
N ALA E 42 22.70 12.50 -31.14
CA ALA E 42 24.06 12.65 -31.67
C ALA E 42 24.27 14.02 -32.31
N GLU E 43 23.27 14.53 -33.03
CA GLU E 43 23.44 15.74 -33.82
C GLU E 43 23.30 17.02 -33.00
N LEU E 44 22.93 16.91 -31.73
CA LEU E 44 22.86 18.06 -30.84
C LEU E 44 24.01 18.00 -29.85
N THR E 45 24.65 19.14 -29.62
CA THR E 45 25.90 19.17 -28.87
C THR E 45 26.04 20.51 -28.15
N VAL E 46 26.59 20.46 -26.95
CA VAL E 46 27.07 21.62 -26.22
C VAL E 46 28.57 21.45 -26.03
N LYS E 47 29.34 22.47 -26.43
CA LYS E 47 30.79 22.51 -26.23
C LYS E 47 31.11 23.51 -25.12
N THR E 48 31.95 23.09 -24.18
CA THR E 48 32.27 23.97 -23.06
C THR E 48 33.75 23.93 -22.75
N THR E 49 34.33 25.11 -22.60
CA THR E 49 35.71 25.27 -22.15
C THR E 49 35.71 25.91 -20.77
N VAL E 50 36.58 25.40 -19.90
CA VAL E 50 36.75 25.95 -18.57
C VAL E 50 38.21 26.34 -18.41
N ILE E 51 38.46 27.47 -17.76
CA ILE E 51 39.80 28.02 -17.55
C ILE E 51 39.82 28.59 -16.13
N PHE E 52 40.49 27.90 -15.21
CA PHE E 52 40.73 28.45 -13.88
C PHE E 52 41.93 29.39 -13.93
N GLU E 53 41.87 30.46 -13.14
CA GLU E 53 42.74 31.58 -13.41
C GLU E 53 43.48 32.08 -12.17
N LYS E 54 44.50 32.87 -12.47
CA LYS E 54 45.24 33.67 -11.49
C LYS E 54 44.31 34.66 -10.81
N HIS E 55 44.22 34.57 -9.48
CA HIS E 55 43.64 35.61 -8.64
C HIS E 55 42.25 36.07 -9.07
N SER E 56 41.62 35.39 -10.02
CA SER E 56 40.20 35.64 -10.25
C SER E 56 39.44 35.35 -8.97
N ARG E 57 38.56 36.27 -8.58
CA ARG E 57 37.80 36.08 -7.34
C ARG E 57 36.36 35.63 -7.58
N GLU E 58 35.91 35.62 -8.83
CA GLU E 58 34.57 35.12 -9.14
C GLU E 58 34.60 34.45 -10.51
N ASP E 59 33.70 33.49 -10.70
CA ASP E 59 33.53 32.82 -11.98
C ASP E 59 32.70 33.70 -12.92
N THR E 60 32.90 33.50 -14.23
CA THR E 60 32.10 34.20 -15.22
C THR E 60 31.75 33.25 -16.36
N LEU E 61 30.55 33.46 -16.91
CA LEU E 61 29.95 32.52 -17.85
C LEU E 61 29.60 33.21 -19.16
N ILE E 62 30.02 32.63 -20.27
CA ILE E 62 29.67 33.08 -21.61
C ILE E 62 28.97 31.93 -22.34
N LEU E 63 27.71 32.17 -22.73
CA LEU E 63 26.87 31.15 -23.36
C LEU E 63 26.57 31.55 -24.82
N ASN E 64 27.28 30.92 -25.76
CA ASN E 64 27.08 31.17 -27.19
C ASN E 64 27.56 32.56 -27.56
N GLY E 65 28.86 32.82 -27.38
CA GLY E 65 29.44 34.12 -27.67
C GLY E 65 28.98 35.25 -26.77
N ALA E 66 27.78 35.15 -26.21
CA ALA E 66 27.18 36.23 -25.44
C ALA E 66 27.31 35.98 -23.94
N LEU E 67 27.24 37.07 -23.19
CA LEU E 67 27.34 37.00 -21.74
C LEU E 67 26.09 36.36 -21.16
N ALA E 68 26.26 35.69 -20.03
CA ALA E 68 25.18 34.98 -19.37
C ALA E 68 24.55 35.86 -18.29
N ASP E 69 23.29 35.55 -17.98
CA ASP E 69 22.56 36.30 -16.97
C ASP E 69 22.81 35.72 -15.58
N GLU E 70 22.31 36.42 -14.56
CA GLU E 70 22.58 36.10 -13.16
C GLU E 70 22.26 34.65 -12.84
N PRO E 71 21.02 34.21 -13.03
CA PRO E 71 20.68 32.82 -12.65
C PRO E 71 21.60 31.79 -13.27
N ALA E 72 21.85 31.89 -14.58
CA ALA E 72 22.73 30.94 -15.23
C ALA E 72 24.14 30.95 -14.62
N LEU E 73 24.65 32.12 -14.28
CA LEU E 73 25.97 32.20 -13.65
C LEU E 73 25.96 31.50 -12.29
N LYS E 74 25.00 31.82 -11.42
CA LYS E 74 25.00 31.24 -10.09
C LYS E 74 24.86 29.71 -10.16
N ARG E 75 24.03 29.20 -11.06
CA ARG E 75 23.99 27.76 -11.29
C ARG E 75 25.40 27.23 -11.54
N VAL E 76 26.08 27.80 -12.54
CA VAL E 76 27.38 27.30 -12.93
C VAL E 76 28.40 27.49 -11.82
N SER E 77 28.27 28.56 -11.03
CA SER E 77 29.25 28.81 -9.98
C SER E 77 29.05 27.89 -8.78
N HIS E 78 27.80 27.64 -8.39
CA HIS E 78 27.56 26.61 -7.38
C HIS E 78 28.15 25.28 -7.80
N PHE E 79 27.96 24.91 -9.07
CA PHE E 79 28.55 23.67 -9.57
C PHE E 79 30.07 23.70 -9.46
N LEU E 80 30.69 24.83 -9.81
CA LEU E 80 32.15 24.91 -9.74
C LEU E 80 32.63 24.89 -8.29
N ASP E 81 31.83 25.40 -7.35
CA ASP E 81 32.15 25.25 -5.94
C ASP E 81 32.34 23.79 -5.56
N ARG E 82 31.44 22.92 -6.01
CA ARG E 82 31.60 21.51 -5.71
C ARG E 82 32.89 20.97 -6.29
N VAL E 83 33.23 21.37 -7.52
CA VAL E 83 34.48 20.90 -8.10
C VAL E 83 35.68 21.42 -7.33
N ARG E 84 35.53 22.54 -6.61
CA ARG E 84 36.62 23.06 -5.80
C ARG E 84 36.82 22.23 -4.52
N GLU E 85 35.75 22.03 -3.75
CA GLU E 85 35.85 21.21 -2.55
C GLU E 85 36.47 19.86 -2.88
N PHE E 86 36.12 19.31 -4.05
CA PHE E 86 36.58 17.98 -4.40
C PHE E 86 38.06 17.96 -4.74
N ALA E 87 38.53 18.95 -5.50
CA ALA E 87 39.92 18.96 -5.93
C ALA E 87 40.85 19.63 -4.93
N GLY E 88 40.34 20.09 -3.79
CA GLY E 88 41.19 20.77 -2.83
C GLY E 88 41.83 22.04 -3.37
N ILE E 89 41.29 22.59 -4.45
CA ILE E 89 41.78 23.83 -5.01
C ILE E 89 40.73 24.91 -4.74
N SER E 90 41.08 26.17 -5.04
CA SER E 90 40.13 27.25 -4.83
C SER E 90 40.18 28.34 -5.89
N TRP E 91 40.85 28.10 -7.03
CA TRP E 91 40.80 29.01 -8.15
C TRP E 91 39.38 29.10 -8.72
N HIS E 92 38.99 30.30 -9.13
CA HIS E 92 37.77 30.50 -9.89
C HIS E 92 38.08 30.46 -11.38
N ALA E 93 37.02 30.41 -12.18
CA ALA E 93 37.24 30.09 -13.58
C ALA E 93 36.33 30.90 -14.50
N HIS E 94 36.72 30.91 -15.76
CA HIS E 94 35.90 31.45 -16.85
C HIS E 94 35.33 30.27 -17.64
N VAL E 95 34.04 30.34 -17.95
CA VAL E 95 33.37 29.24 -18.63
C VAL E 95 32.80 29.77 -19.95
N ILE E 96 33.19 29.13 -21.05
CA ILE E 96 32.75 29.49 -22.38
C ILE E 96 32.08 28.28 -22.99
N SER E 97 30.77 28.38 -23.23
CA SER E 97 29.99 27.27 -23.76
C SER E 97 29.23 27.73 -25.00
N GLU E 98 29.13 26.83 -25.97
CA GLU E 98 28.37 27.07 -27.19
C GLU E 98 27.62 25.80 -27.58
N ASN E 99 26.42 25.98 -28.14
CA ASN E 99 25.61 24.86 -28.58
C ASN E 99 25.09 25.11 -29.98
N ASN E 100 24.96 24.03 -30.75
CA ASN E 100 24.40 24.08 -32.09
C ASN E 100 22.88 23.89 -32.11
N PHE E 101 22.18 24.23 -31.03
CA PHE E 101 20.74 24.00 -30.95
C PHE E 101 20.00 25.03 -31.80
N PRO E 102 19.21 24.60 -32.82
CA PRO E 102 18.32 25.54 -33.51
C PRO E 102 17.65 26.55 -32.59
N THR E 103 17.74 27.83 -32.95
CA THR E 103 17.24 28.90 -32.09
C THR E 103 15.72 28.88 -32.01
N GLY E 104 15.19 29.14 -30.82
CA GLY E 104 13.76 29.10 -30.58
C GLY E 104 13.13 27.73 -30.63
N ALA E 105 13.93 26.66 -30.72
CA ALA E 105 13.35 25.33 -30.75
C ALA E 105 12.79 24.94 -29.38
N GLY E 106 13.36 25.47 -28.30
CA GLY E 106 12.95 24.99 -26.99
C GLY E 106 13.53 23.64 -26.64
N ILE E 107 14.72 23.32 -27.15
CA ILE E 107 15.44 22.11 -26.76
C ILE E 107 16.18 22.43 -25.46
N ALA E 108 15.74 21.82 -24.36
CA ALA E 108 16.40 22.05 -23.09
C ALA E 108 17.88 21.69 -23.21
N SER E 109 18.74 22.49 -22.59
CA SER E 109 20.17 22.25 -22.71
C SER E 109 20.84 21.81 -21.42
N SER E 110 20.12 21.75 -20.30
CA SER E 110 20.80 21.62 -19.01
C SER E 110 21.53 20.28 -18.89
N ALA E 111 20.97 19.21 -19.47
CA ALA E 111 21.64 17.92 -19.40
C ALA E 111 22.98 17.98 -20.11
N ALA E 112 22.98 18.35 -21.40
CA ALA E 112 24.24 18.50 -22.13
C ALA E 112 25.14 19.55 -21.47
N ALA E 113 24.57 20.68 -21.06
CA ALA E 113 25.38 21.75 -20.48
C ALA E 113 26.18 21.26 -19.28
N PHE E 114 25.52 20.61 -18.32
CA PHE E 114 26.22 20.23 -17.11
C PHE E 114 27.04 18.95 -17.28
N ALA E 115 26.72 18.11 -18.25
CA ALA E 115 27.62 16.99 -18.55
C ALA E 115 28.94 17.50 -19.11
N ALA E 116 28.88 18.47 -20.03
CA ALA E 116 30.11 19.02 -20.59
C ALA E 116 30.87 19.82 -19.54
N LEU E 117 30.16 20.57 -18.69
CA LEU E 117 30.84 21.31 -17.63
C LEU E 117 31.55 20.37 -16.66
N ALA E 118 30.88 19.29 -16.24
CA ALA E 118 31.49 18.34 -15.33
C ALA E 118 32.79 17.80 -15.89
N LEU E 119 32.77 17.42 -17.17
CA LEU E 119 33.96 16.84 -17.79
C LEU E 119 35.04 17.90 -18.03
N ALA E 120 34.66 19.09 -18.47
CA ALA E 120 35.64 20.13 -18.73
C ALA E 120 36.23 20.69 -17.44
N ALA E 121 35.38 21.01 -16.46
CA ALA E 121 35.86 21.61 -15.22
C ALA E 121 36.83 20.67 -14.50
N THR E 122 36.43 19.43 -14.23
CA THR E 122 37.30 18.53 -13.49
C THR E 122 38.63 18.33 -14.23
N SER E 123 38.56 18.08 -15.54
CA SER E 123 39.78 17.81 -16.30
C SER E 123 40.69 19.04 -16.35
N ALA E 124 40.10 20.22 -16.44
CA ALA E 124 40.92 21.43 -16.45
C ALA E 124 41.63 21.63 -15.11
N ILE E 125 41.02 21.16 -14.01
CA ILE E 125 41.56 21.41 -12.68
C ILE E 125 42.53 20.32 -12.20
N GLY E 126 42.73 19.26 -12.98
CA GLY E 126 43.74 18.26 -12.71
C GLY E 126 43.23 16.83 -12.48
N LEU E 127 41.93 16.64 -12.27
CA LEU E 127 41.43 15.31 -11.91
C LEU E 127 41.21 14.45 -13.15
N HIS E 128 41.06 13.13 -12.91
CA HIS E 128 40.76 12.14 -13.96
C HIS E 128 39.65 11.23 -13.44
N LEU E 129 38.45 11.79 -13.30
CA LEU E 129 37.34 11.06 -12.72
C LEU E 129 36.86 9.96 -13.66
N SER E 130 36.42 8.85 -13.06
CA SER E 130 35.78 7.81 -13.85
C SER E 130 34.46 8.32 -14.43
N GLU E 131 34.00 7.63 -15.47
CA GLU E 131 32.66 7.92 -15.99
C GLU E 131 31.63 7.96 -14.86
N ARG E 132 31.69 6.99 -13.96
CA ARG E 132 30.69 6.90 -12.91
C ARG E 132 30.79 8.09 -11.97
N ASP E 133 32.00 8.52 -11.62
CA ASP E 133 32.05 9.67 -10.72
C ASP E 133 31.72 10.97 -11.45
N LEU E 134 31.99 11.04 -12.77
CA LEU E 134 31.58 12.21 -13.54
C LEU E 134 30.07 12.29 -13.60
N SER E 135 29.42 11.14 -13.79
CA SER E 135 27.97 11.08 -13.77
C SER E 135 27.42 11.61 -12.44
N ARG E 136 27.99 11.15 -11.33
CA ARG E 136 27.53 11.64 -10.03
C ARG E 136 27.73 13.14 -9.91
N LEU E 137 28.83 13.65 -10.48
CA LEU E 137 29.10 15.09 -10.39
C LEU E 137 28.09 15.89 -11.19
N ALA E 138 27.87 15.50 -12.44
CA ALA E 138 26.94 16.25 -13.27
C ALA E 138 25.55 16.23 -12.67
N ARG E 139 25.15 15.10 -12.09
CA ARG E 139 23.85 14.97 -11.43
C ARG E 139 23.56 16.14 -10.47
N LYS E 140 24.60 16.64 -9.80
CA LYS E 140 24.41 17.73 -8.84
C LYS E 140 24.23 19.08 -9.52
N GLY E 141 24.51 19.19 -10.82
CA GLY E 141 24.20 20.38 -11.57
C GLY E 141 22.80 20.31 -12.11
N SER E 142 22.49 19.23 -12.80
CA SER E 142 21.14 18.96 -13.28
C SER E 142 20.97 17.46 -13.27
N GLY E 143 19.85 16.99 -12.77
CA GLY E 143 19.60 15.56 -12.70
C GLY E 143 19.89 14.86 -14.00
N SER E 144 19.23 15.29 -15.07
CA SER E 144 19.32 14.58 -16.34
C SER E 144 20.69 14.68 -16.97
N ALA E 145 21.53 15.60 -16.48
CA ALA E 145 22.91 15.68 -16.97
C ALA E 145 23.70 14.42 -16.69
N CYS E 146 23.39 13.69 -15.59
CA CYS E 146 24.17 12.49 -15.32
C CYS E 146 23.99 11.44 -16.37
N ARG E 147 22.90 11.51 -17.14
CA ARG E 147 22.63 10.55 -18.19
C ARG E 147 23.34 10.87 -19.49
N SER E 148 23.84 12.09 -19.66
CA SER E 148 24.60 12.46 -20.85
C SER E 148 26.10 12.23 -20.69
N ILE E 149 26.54 11.80 -19.53
CA ILE E 149 27.94 11.47 -19.33
C ILE E 149 28.23 10.16 -20.04
N PRO E 150 27.49 9.08 -19.78
CA PRO E 150 27.68 7.85 -20.55
C PRO E 150 27.13 8.03 -21.96
N GLY E 151 27.43 7.05 -22.81
CA GLY E 151 26.99 7.14 -24.20
C GLY E 151 25.89 6.17 -24.62
N GLY E 152 25.18 6.49 -25.70
CA GLY E 152 24.18 5.59 -26.23
C GLY E 152 22.92 5.61 -25.37
N PHE E 153 22.42 4.41 -25.08
CA PHE E 153 21.25 4.26 -24.22
C PHE E 153 21.73 4.10 -22.79
N VAL E 154 21.16 4.89 -21.89
CA VAL E 154 21.75 5.12 -20.58
C VAL E 154 20.69 4.91 -19.53
N GLU E 155 21.08 4.30 -18.41
CA GLU E 155 20.17 4.16 -17.28
C GLU E 155 20.69 4.95 -16.10
N TRP E 156 19.82 5.75 -15.50
CA TRP E 156 20.09 6.42 -14.23
C TRP E 156 19.63 5.49 -13.11
N ILE E 157 20.60 5.00 -12.34
CA ILE E 157 20.31 4.23 -11.13
C ILE E 157 19.98 5.23 -10.04
N PRO E 158 18.77 5.22 -9.49
CA PRO E 158 18.32 6.36 -8.67
C PRO E 158 19.00 6.41 -7.31
N GLY E 159 19.05 5.27 -6.61
CA GLY E 159 19.76 5.23 -5.34
C GLY E 159 19.08 6.08 -4.28
N GLU E 160 19.69 6.07 -3.10
CA GLU E 160 19.25 6.88 -1.97
C GLU E 160 20.38 7.74 -1.39
N THR E 161 21.56 7.70 -1.98
CA THR E 161 22.72 8.43 -1.48
C THR E 161 23.44 9.05 -2.66
N ASP E 162 24.30 10.03 -2.35
CA ASP E 162 25.15 10.64 -3.36
C ASP E 162 25.99 9.61 -4.10
N GLU E 163 26.59 8.67 -3.35
CA GLU E 163 27.40 7.64 -4.01
C GLU E 163 26.54 6.70 -4.86
N ASP E 164 25.28 6.50 -4.50
CA ASP E 164 24.48 5.46 -5.17
C ASP E 164 23.72 5.95 -6.39
N SER E 165 23.64 7.25 -6.62
CA SER E 165 22.80 7.81 -7.70
C SER E 165 23.70 8.21 -8.86
N TYR E 166 23.68 7.41 -9.93
CA TYR E 166 24.54 7.69 -11.08
C TYR E 166 23.99 6.92 -12.28
N ALA E 167 24.54 7.22 -13.45
CA ALA E 167 24.07 6.62 -14.68
C ALA E 167 25.16 5.78 -15.30
N VAL E 168 24.73 4.83 -16.14
CA VAL E 168 25.62 3.89 -16.82
C VAL E 168 25.02 3.60 -18.18
N SER E 169 25.88 3.25 -19.12
CA SER E 169 25.41 2.87 -20.44
C SER E 169 24.75 1.50 -20.39
N ILE E 170 23.51 1.41 -20.89
CA ILE E 170 22.84 0.12 -21.11
C ILE E 170 23.37 -0.57 -22.35
N ALA E 171 23.63 0.20 -23.41
CA ALA E 171 24.03 -0.33 -24.71
C ALA E 171 24.64 0.82 -25.50
N PRO E 172 25.68 0.57 -26.29
CA PRO E 172 26.29 1.65 -27.06
C PRO E 172 25.36 2.08 -28.18
N PRO E 173 25.60 3.25 -28.80
CA PRO E 173 24.66 3.76 -29.80
C PRO E 173 24.49 2.85 -30.99
N GLU E 174 25.53 2.12 -31.40
CA GLU E 174 25.41 1.24 -32.54
C GLU E 174 24.62 -0.03 -32.24
N HIS E 175 24.20 -0.26 -30.99
CA HIS E 175 23.41 -1.45 -30.68
C HIS E 175 22.05 -1.42 -31.36
N TRP E 176 21.46 -0.24 -31.52
CA TRP E 176 20.11 -0.14 -32.08
C TRP E 176 19.98 1.16 -32.83
N ALA E 177 19.68 1.06 -34.13
CA ALA E 177 19.50 2.21 -35.00
C ALA E 177 18.09 2.75 -34.79
N LEU E 178 17.95 3.62 -33.79
CA LEU E 178 16.73 4.36 -33.54
C LEU E 178 16.97 5.84 -33.83
N THR E 179 15.92 6.51 -34.28
CA THR E 179 15.99 7.93 -34.56
C THR E 179 14.92 8.64 -33.73
N ASP E 180 15.25 9.86 -33.29
CA ASP E 180 14.31 10.73 -32.62
C ASP E 180 13.97 11.87 -33.56
N CYS E 181 12.73 11.90 -34.02
CA CYS E 181 12.22 12.98 -34.87
C CYS E 181 11.46 13.94 -33.97
N ILE E 182 12.01 15.14 -33.78
CA ILE E 182 11.49 16.10 -32.82
C ILE E 182 10.62 17.10 -33.57
N ALA E 183 9.32 17.06 -33.30
CA ALA E 183 8.38 18.04 -33.82
C ALA E 183 8.47 19.31 -32.96
N ILE E 184 9.04 20.37 -33.51
CA ILE E 184 9.05 21.67 -32.85
C ILE E 184 7.74 22.36 -33.15
N LEU E 185 7.09 22.88 -32.12
CA LEU E 185 5.77 23.47 -32.28
C LEU E 185 5.92 24.96 -32.59
N SER E 186 5.34 25.39 -33.72
CA SER E 186 5.39 26.79 -34.13
C SER E 186 5.09 27.73 -32.97
N THR E 187 3.91 27.58 -32.36
CA THR E 187 3.49 28.43 -31.25
C THR E 187 3.80 27.73 -29.94
N GLN E 188 4.63 28.38 -29.12
CA GLN E 188 4.96 27.89 -27.79
C GLN E 188 5.55 29.06 -27.01
N HIS E 189 5.12 29.22 -25.75
CA HIS E 189 5.63 30.33 -24.95
C HIS E 189 6.76 29.87 -24.02
N LYS E 190 6.81 30.38 -22.79
CA LYS E 190 7.87 30.05 -21.85
C LYS E 190 7.28 29.22 -20.71
N PRO E 191 7.32 27.90 -20.78
CA PRO E 191 6.70 27.09 -19.73
C PRO E 191 7.56 27.04 -18.47
N ILE E 192 6.89 26.72 -17.36
CA ILE E 192 7.59 26.63 -16.08
C ILE E 192 8.71 25.62 -16.20
N GLY E 193 9.84 25.92 -15.57
CA GLY E 193 11.01 25.08 -15.72
C GLY E 193 10.84 23.72 -15.06
N SER E 194 11.67 22.77 -15.51
CA SER E 194 11.59 21.41 -14.97
C SER E 194 11.86 21.40 -13.48
N THR E 195 12.85 22.18 -13.03
CA THR E 195 13.14 22.19 -11.60
C THR E 195 11.91 22.64 -10.82
N GLN E 196 11.37 23.81 -11.17
CA GLN E 196 10.21 24.32 -10.45
C GLN E 196 9.02 23.36 -10.61
N GLY E 197 8.83 22.84 -11.82
CA GLY E 197 7.68 21.98 -12.08
C GLY E 197 7.70 20.71 -11.24
N MET E 198 8.84 20.01 -11.22
CA MET E 198 8.85 18.74 -10.51
C MET E 198 8.87 18.92 -8.99
N ALA E 199 9.23 20.12 -8.52
CA ALA E 199 9.09 20.42 -7.09
C ALA E 199 7.64 20.39 -6.66
N LEU E 200 6.71 20.48 -7.61
CA LEU E 200 5.29 20.41 -7.31
C LEU E 200 4.73 18.99 -7.39
N ALA E 201 5.54 18.02 -7.81
CA ALA E 201 5.01 16.68 -8.06
C ALA E 201 4.33 16.11 -6.82
N SER E 202 4.85 16.41 -5.63
CA SER E 202 4.28 15.89 -4.39
C SER E 202 2.90 16.47 -4.07
N THR E 203 2.44 17.53 -4.77
CA THR E 203 1.06 17.95 -4.58
C THR E 203 0.08 17.06 -5.33
N SER E 204 0.59 16.20 -6.26
CA SER E 204 -0.30 15.36 -7.06
C SER E 204 -0.72 14.12 -6.28
N PRO E 205 -2.01 13.83 -6.17
CA PRO E 205 -2.44 12.55 -5.58
C PRO E 205 -1.89 11.34 -6.29
N LEU E 206 -1.32 11.48 -7.50
CA LEU E 206 -0.92 10.35 -8.30
C LEU E 206 0.59 10.10 -8.33
N GLN E 207 1.38 11.02 -7.78
CA GLN E 207 2.83 10.87 -7.83
C GLN E 207 3.33 9.64 -7.09
N PRO E 208 2.95 9.39 -5.83
CA PRO E 208 3.43 8.16 -5.17
C PRO E 208 3.15 6.89 -5.97
N ALA E 209 1.97 6.77 -6.59
CA ALA E 209 1.70 5.57 -7.37
C ALA E 209 2.54 5.52 -8.63
N ARG E 210 2.73 6.66 -9.29
CA ARG E 210 3.64 6.72 -10.44
C ARG E 210 5.04 6.29 -10.03
N VAL E 211 5.53 6.79 -8.90
CA VAL E 211 6.90 6.48 -8.50
C VAL E 211 7.03 5.00 -8.16
N ALA E 212 6.12 4.48 -7.33
CA ALA E 212 6.14 3.07 -6.94
C ALA E 212 6.18 2.16 -8.16
N ASP E 213 5.50 2.54 -9.23
CA ASP E 213 5.36 1.71 -10.43
C ASP E 213 6.58 1.78 -11.36
N THR E 214 7.55 2.66 -11.11
CA THR E 214 8.62 2.82 -12.09
C THR E 214 9.47 1.57 -12.31
N PRO E 215 9.82 0.76 -11.30
CA PRO E 215 10.63 -0.43 -11.61
C PRO E 215 9.98 -1.33 -12.65
N ARG E 216 8.66 -1.52 -12.62
CA ARG E 216 7.98 -2.26 -13.69
C ARG E 216 8.30 -1.66 -15.05
N ARG E 217 8.30 -0.33 -15.16
CA ARG E 217 8.49 0.34 -16.43
C ARG E 217 9.96 0.30 -16.87
N LEU E 218 10.89 0.50 -15.93
CA LEU E 218 12.30 0.41 -16.28
C LEU E 218 12.65 -0.98 -16.80
N GLU E 219 12.11 -2.01 -16.14
CA GLU E 219 12.43 -3.37 -16.51
C GLU E 219 11.95 -3.69 -17.93
N ILE E 220 10.76 -3.21 -18.30
CA ILE E 220 10.29 -3.41 -19.66
C ILE E 220 11.16 -2.66 -20.67
N VAL E 221 11.51 -1.40 -20.39
CA VAL E 221 12.28 -0.62 -21.38
C VAL E 221 13.72 -1.13 -21.45
N ARG E 222 14.32 -1.47 -20.31
CA ARG E 222 15.66 -2.05 -20.31
C ARG E 222 15.73 -3.29 -21.19
N ARG E 223 14.79 -4.17 -21.02
CA ARG E 223 14.79 -5.42 -21.81
C ARG E 223 14.50 -5.12 -23.28
N ALA E 224 13.64 -4.17 -23.54
CA ALA E 224 13.30 -3.83 -24.92
C ALA E 224 14.51 -3.28 -25.67
N ILE E 225 15.32 -2.45 -25.01
CA ILE E 225 16.55 -1.99 -25.64
C ILE E 225 17.51 -3.14 -25.86
N LEU E 226 17.67 -4.00 -24.85
CA LEU E 226 18.63 -5.09 -24.98
C LEU E 226 18.20 -6.09 -26.05
N GLU E 227 16.90 -6.26 -26.25
CA GLU E 227 16.38 -7.20 -27.24
C GLU E 227 16.01 -6.54 -28.57
N ARG E 228 16.09 -5.22 -28.65
CA ARG E 228 15.70 -4.48 -29.86
C ARG E 228 14.24 -4.79 -30.23
N ASP E 229 13.36 -4.63 -29.25
CA ASP E 229 11.95 -4.99 -29.36
C ASP E 229 11.16 -3.69 -29.43
N PHE E 230 10.86 -3.24 -30.65
CA PHE E 230 10.37 -1.87 -30.76
C PHE E 230 8.95 -1.74 -30.23
N LEU E 231 8.09 -2.70 -30.53
CA LEU E 231 6.71 -2.55 -30.08
C LEU E 231 6.64 -2.43 -28.56
N SER E 232 7.44 -3.22 -27.85
CA SER E 232 7.41 -3.16 -26.40
C SER E 232 7.94 -1.82 -25.90
N LEU E 233 8.91 -1.25 -26.60
CA LEU E 233 9.42 0.07 -26.26
C LEU E 233 8.40 1.14 -26.59
N ALA E 234 7.80 1.06 -27.77
CA ALA E 234 6.86 2.09 -28.20
C ALA E 234 5.74 2.25 -27.18
N GLU E 235 5.12 1.13 -26.80
CA GLU E 235 3.98 1.22 -25.90
C GLU E 235 4.38 1.73 -24.52
N MET E 236 5.58 1.34 -24.04
CA MET E 236 5.98 1.77 -22.72
C MET E 236 6.43 3.23 -22.70
N ILE E 237 7.11 3.72 -23.74
CA ILE E 237 7.54 5.10 -23.62
C ILE E 237 6.34 6.05 -23.71
N GLU E 238 5.31 5.70 -24.47
CA GLU E 238 4.10 6.53 -24.49
C GLU E 238 3.38 6.47 -23.15
N HIS E 239 3.19 5.24 -22.63
CA HIS E 239 2.66 5.07 -21.28
C HIS E 239 3.43 5.90 -20.26
N ASP E 240 4.76 5.84 -20.31
CA ASP E 240 5.55 6.54 -19.29
C ASP E 240 5.46 8.06 -19.46
N SER E 241 5.49 8.55 -20.69
CA SER E 241 5.26 9.97 -20.92
C SER E 241 3.92 10.40 -20.34
N ASN E 242 2.88 9.60 -20.57
CA ASN E 242 1.56 9.97 -20.12
C ASN E 242 1.48 9.98 -18.58
N LEU E 243 2.17 9.04 -17.93
CA LEU E 243 2.19 9.02 -16.47
C LEU E 243 2.85 10.26 -15.91
N MET E 244 3.94 10.72 -16.53
CA MET E 244 4.55 11.95 -16.05
C MET E 244 3.59 13.13 -16.22
N HIS E 245 3.01 13.26 -17.41
CA HIS E 245 2.12 14.38 -17.65
C HIS E 245 0.83 14.27 -16.83
N ALA E 246 0.40 13.05 -16.51
CA ALA E 246 -0.73 12.89 -15.59
C ALA E 246 -0.42 13.53 -14.24
N VAL E 247 0.80 13.31 -13.74
CA VAL E 247 1.19 13.92 -12.47
C VAL E 247 1.28 15.43 -12.61
N MET E 248 1.89 15.91 -13.70
CA MET E 248 2.00 17.35 -13.91
C MET E 248 0.63 18.01 -13.95
N MET E 249 -0.30 17.42 -14.70
CA MET E 249 -1.61 18.03 -14.86
C MET E 249 -2.45 17.91 -13.59
N THR E 250 -2.07 17.06 -12.65
CA THR E 250 -2.80 16.93 -11.40
C THR E 250 -2.04 17.51 -10.23
N SER E 251 -0.99 18.27 -10.50
CA SER E 251 -0.31 19.03 -9.47
C SER E 251 -1.14 20.27 -9.10
N THR E 252 -0.77 20.89 -7.99
CA THR E 252 -1.36 22.19 -7.62
C THR E 252 -0.26 23.23 -7.47
N PRO E 253 -0.23 24.29 -8.29
CA PRO E 253 -1.14 24.49 -9.44
C PRO E 253 -0.85 23.49 -10.55
N PRO E 254 -1.82 23.23 -11.41
CA PRO E 254 -1.60 22.27 -12.48
C PRO E 254 -0.59 22.78 -13.50
N LEU E 255 0.19 21.84 -14.04
CA LEU E 255 1.18 22.12 -15.08
C LEU E 255 0.71 21.46 -16.37
N PHE E 256 0.21 22.27 -17.30
CA PHE E 256 -0.26 21.81 -18.61
C PHE E 256 0.78 22.18 -19.66
N TYR E 257 1.74 21.26 -19.89
CA TYR E 257 2.81 21.51 -20.85
C TYR E 257 2.35 21.29 -22.28
N TRP E 258 1.30 20.51 -22.49
CA TRP E 258 0.81 20.21 -23.82
C TRP E 258 0.25 21.46 -24.48
N GLU E 259 0.58 21.63 -25.77
CA GLU E 259 -0.16 22.54 -26.63
C GLU E 259 -1.21 21.76 -27.40
N PRO E 260 -2.20 22.44 -27.99
CA PRO E 260 -3.23 21.67 -28.74
C PRO E 260 -2.63 20.81 -29.83
N VAL E 261 -1.57 21.28 -30.50
CA VAL E 261 -0.98 20.50 -31.55
C VAL E 261 -0.24 19.30 -30.97
N SER E 262 0.32 19.44 -29.76
CA SER E 262 0.87 18.28 -29.04
C SER E 262 -0.12 17.14 -29.04
N LEU E 263 -1.40 17.46 -28.82
CA LEU E 263 -2.44 16.43 -28.81
C LEU E 263 -2.60 15.78 -30.17
N VAL E 264 -2.62 16.58 -31.23
CA VAL E 264 -2.80 16.00 -32.55
C VAL E 264 -1.66 15.02 -32.84
N ILE E 265 -0.42 15.42 -32.54
CA ILE E 265 0.73 14.59 -32.86
C ILE E 265 0.66 13.27 -32.11
N MET E 266 0.40 13.32 -30.80
CA MET E 266 0.33 12.09 -30.02
C MET E 266 -0.70 11.13 -30.61
N LYS E 267 -1.90 11.63 -30.88
CA LYS E 267 -2.93 10.75 -31.44
C LYS E 267 -2.52 10.18 -32.78
N SER E 268 -1.91 11.01 -33.63
CA SER E 268 -1.51 10.58 -34.97
C SER E 268 -0.43 9.51 -34.88
N VAL E 269 0.57 9.72 -34.03
CA VAL E 269 1.68 8.78 -33.91
C VAL E 269 1.16 7.40 -33.57
N ARG E 270 0.27 7.32 -32.57
CA ARG E 270 -0.34 6.05 -32.23
C ARG E 270 -1.07 5.47 -33.43
N GLU E 271 -1.80 6.30 -34.17
CA GLU E 271 -2.50 5.82 -35.36
C GLU E 271 -1.51 5.30 -36.40
N TRP E 272 -0.39 6.01 -36.60
CA TRP E 272 0.57 5.55 -37.59
C TRP E 272 1.10 4.18 -37.23
N ARG E 273 1.44 3.97 -35.96
CA ARG E 273 1.96 2.68 -35.54
C ARG E 273 0.93 1.60 -35.76
N GLU E 274 -0.32 1.86 -35.34
CA GLU E 274 -1.34 0.83 -35.43
C GLU E 274 -1.60 0.42 -36.87
N SER E 275 -1.34 1.31 -37.83
CA SER E 275 -1.56 0.98 -39.23
C SER E 275 -0.27 0.59 -39.95
N GLY E 276 0.79 0.25 -39.22
CA GLY E 276 1.95 -0.38 -39.81
C GLY E 276 3.21 0.44 -39.91
N LEU E 277 3.28 1.65 -39.32
CA LEU E 277 4.51 2.42 -39.33
C LEU E 277 5.12 2.43 -37.93
N PRO E 278 6.24 1.70 -37.68
CA PRO E 278 6.81 1.66 -36.32
C PRO E 278 7.30 3.01 -35.81
N CYS E 279 6.59 3.58 -34.83
CA CYS E 279 7.02 4.83 -34.22
C CYS E 279 6.28 4.99 -32.90
N ALA E 280 6.77 5.92 -32.09
CA ALA E 280 6.21 6.13 -30.76
C ALA E 280 6.58 7.53 -30.30
N TYR E 281 5.71 8.12 -29.48
CA TYR E 281 5.93 9.48 -29.00
C TYR E 281 6.38 9.48 -27.56
N THR E 282 6.96 10.62 -27.16
CA THR E 282 7.26 10.92 -25.77
C THR E 282 7.48 12.42 -25.66
N LEU E 283 7.14 13.00 -24.50
CA LEU E 283 7.23 14.44 -24.29
C LEU E 283 7.90 14.74 -22.96
N ASP E 284 8.71 15.79 -22.95
CA ASP E 284 9.31 16.29 -21.73
C ASP E 284 8.46 17.41 -21.14
N ALA E 285 9.10 18.37 -20.47
CA ALA E 285 8.38 19.46 -19.82
C ALA E 285 8.19 20.61 -20.81
N GLY E 286 7.41 20.31 -21.85
CA GLY E 286 7.13 21.26 -22.91
C GLY E 286 6.30 20.61 -23.99
N PRO E 287 5.89 21.39 -24.99
CA PRO E 287 4.95 20.87 -25.99
C PRO E 287 5.58 20.13 -27.15
N ASN E 288 6.90 20.23 -27.37
CA ASN E 288 7.46 19.50 -28.50
C ASN E 288 7.30 18.00 -28.30
N VAL E 289 7.18 17.29 -29.41
CA VAL E 289 6.93 15.86 -29.37
C VAL E 289 8.11 15.16 -30.01
N HIS E 290 8.76 14.29 -29.25
CA HIS E 290 9.84 13.44 -29.76
C HIS E 290 9.22 12.16 -30.30
N VAL E 291 9.44 11.85 -31.57
CA VAL E 291 8.91 10.64 -32.16
C VAL E 291 10.07 9.67 -32.40
N ILE E 292 10.11 8.59 -31.63
CA ILE E 292 11.14 7.57 -31.74
C ILE E 292 10.73 6.56 -32.80
N CYS E 293 11.65 6.17 -33.68
CA CYS E 293 11.35 5.12 -34.63
C CYS E 293 12.66 4.40 -35.00
N PRO E 294 12.55 3.15 -35.45
CA PRO E 294 13.72 2.54 -36.10
C PRO E 294 14.09 3.36 -37.32
N SER E 295 15.40 3.53 -37.54
CA SER E 295 15.86 4.56 -38.47
C SER E 295 15.38 4.31 -39.90
N GLU E 296 15.16 3.05 -40.28
CA GLU E 296 14.64 2.79 -41.62
C GLU E 296 13.34 3.56 -41.90
N TYR E 297 12.59 3.87 -40.84
CA TYR E 297 11.30 4.52 -41.00
C TYR E 297 11.34 6.02 -40.76
N ALA E 298 12.52 6.57 -40.48
CA ALA E 298 12.59 7.95 -40.03
C ALA E 298 12.07 8.92 -41.07
N GLU E 299 12.34 8.68 -42.36
CA GLU E 299 11.91 9.64 -43.37
C GLU E 299 10.41 9.58 -43.60
N GLU E 300 9.82 8.40 -43.50
CA GLU E 300 8.36 8.32 -43.50
C GLU E 300 7.76 9.05 -42.30
N VAL E 301 8.34 8.85 -41.10
CA VAL E 301 7.81 9.53 -39.92
C VAL E 301 7.95 11.04 -40.04
N ILE E 302 9.09 11.52 -40.53
CA ILE E 302 9.30 12.96 -40.68
C ILE E 302 8.33 13.55 -41.71
N PHE E 303 8.11 12.85 -42.82
CA PHE E 303 7.14 13.31 -43.80
C PHE E 303 5.78 13.54 -43.16
N ARG E 304 5.24 12.51 -42.49
CA ARG E 304 3.93 12.64 -41.88
C ARG E 304 3.91 13.76 -40.85
N LEU E 305 4.95 13.85 -40.01
CA LEU E 305 5.01 14.91 -39.00
C LEU E 305 4.98 16.28 -39.65
N THR E 306 5.81 16.48 -40.68
CA THR E 306 5.89 17.77 -41.34
C THR E 306 4.53 18.20 -41.89
N SER E 307 3.69 17.23 -42.27
CA SER E 307 2.37 17.52 -42.83
C SER E 307 1.35 17.99 -41.79
N ILE E 308 1.67 17.93 -40.50
CA ILE E 308 0.68 18.24 -39.46
C ILE E 308 0.62 19.74 -39.25
N PRO E 309 -0.56 20.37 -39.44
CA PRO E 309 -0.63 21.83 -39.26
C PRO E 309 -0.22 22.20 -37.86
N GLY E 310 0.56 23.29 -37.76
CA GLY E 310 1.09 23.74 -36.50
C GLY E 310 2.49 23.25 -36.20
N VAL E 311 2.97 22.23 -36.91
CA VAL E 311 4.33 21.75 -36.73
C VAL E 311 5.30 22.69 -37.45
N GLN E 312 6.13 23.39 -36.68
CA GLN E 312 7.03 24.38 -37.27
C GLN E 312 8.11 23.71 -38.12
N THR E 313 8.73 22.67 -37.57
CA THR E 313 9.80 21.94 -38.22
C THR E 313 10.04 20.67 -37.42
N VAL E 314 10.78 19.73 -38.02
CA VAL E 314 11.11 18.46 -37.39
C VAL E 314 12.63 18.32 -37.44
N LEU E 315 13.25 18.10 -36.28
CA LEU E 315 14.68 17.78 -36.22
C LEU E 315 14.87 16.28 -36.20
N LYS E 316 15.92 15.83 -36.86
CA LYS E 316 16.26 14.41 -36.94
C LYS E 316 17.52 14.18 -36.11
N ALA E 317 17.48 13.15 -35.25
CA ALA E 317 18.63 12.86 -34.40
C ALA E 317 18.76 11.35 -34.20
N SER E 318 19.99 10.88 -34.17
CA SER E 318 20.31 9.49 -33.93
C SER E 318 21.00 9.35 -32.57
N ALA E 319 21.31 8.11 -32.20
CA ALA E 319 21.89 7.83 -30.89
C ALA E 319 23.32 8.35 -30.83
N GLY E 320 23.61 9.18 -29.81
CA GLY E 320 24.90 9.81 -29.66
C GLY E 320 25.81 9.12 -28.64
N ASP E 321 27.06 9.59 -28.62
CA ASP E 321 28.13 9.01 -27.80
C ASP E 321 28.21 9.67 -26.42
N SER E 322 29.16 9.19 -25.61
CA SER E 322 29.39 9.78 -24.30
C SER E 322 29.93 11.21 -24.44
N ALA E 323 29.90 11.95 -23.34
CA ALA E 323 30.64 13.19 -23.26
C ALA E 323 32.13 12.92 -23.47
N LYS E 324 32.80 13.86 -24.14
CA LYS E 324 34.19 13.67 -24.53
C LYS E 324 34.98 14.97 -24.39
N LEU E 325 36.25 14.83 -24.00
CA LEU E 325 37.17 15.95 -24.04
C LEU E 325 37.70 16.15 -25.46
N ILE E 326 37.82 17.40 -25.88
CA ILE E 326 38.35 17.70 -27.21
C ILE E 326 39.54 18.68 -27.13
N GLY F 4 98.83 -8.43 -12.84
CA GLY F 4 97.80 -7.75 -12.07
C GLY F 4 98.22 -6.37 -11.62
N MET F 5 97.24 -5.46 -11.53
CA MET F 5 97.36 -4.24 -10.74
C MET F 5 96.88 -4.44 -9.31
N GLY F 6 96.44 -5.65 -8.96
CA GLY F 6 95.91 -5.95 -7.65
C GLY F 6 94.85 -7.02 -7.76
N GLN F 7 94.77 -7.94 -6.80
CA GLN F 7 93.74 -8.97 -6.87
C GLN F 7 93.32 -9.38 -5.46
N ALA F 8 92.12 -9.93 -5.36
CA ALA F 8 91.62 -10.40 -4.09
C ALA F 8 90.57 -11.46 -4.32
N THR F 9 90.33 -12.25 -3.29
CA THR F 9 89.34 -13.33 -3.32
C THR F 9 88.43 -13.19 -2.10
N ALA F 10 87.13 -13.35 -2.33
CA ALA F 10 86.10 -13.17 -1.33
C ALA F 10 85.07 -14.30 -1.45
N ILE F 11 84.41 -14.62 -0.32
CA ILE F 11 83.32 -15.59 -0.31
C ILE F 11 82.06 -14.95 0.28
N ALA F 12 80.92 -15.45 -0.14
CA ALA F 12 79.65 -14.91 0.36
C ALA F 12 78.62 -16.02 0.23
N HIS F 13 77.56 -15.92 1.06
CA HIS F 13 76.49 -16.91 1.06
C HIS F 13 75.21 -16.30 0.50
N PRO F 14 74.36 -17.12 -0.10
CA PRO F 14 73.01 -16.66 -0.42
C PRO F 14 72.23 -16.53 0.88
N ASN F 15 71.02 -15.99 0.76
CA ASN F 15 70.19 -15.82 1.93
C ASN F 15 68.75 -16.09 1.57
N ILE F 16 67.96 -16.42 2.58
CA ILE F 16 66.53 -16.65 2.41
C ILE F 16 65.79 -15.55 3.18
N ALA F 17 64.96 -14.79 2.45
CA ALA F 17 64.26 -13.65 3.02
C ALA F 17 63.05 -14.11 3.80
N PHE F 18 62.99 -13.72 5.09
CA PHE F 18 61.79 -13.88 5.91
C PHE F 18 60.75 -12.82 5.59
N ILE F 19 61.20 -11.59 5.37
CA ILE F 19 60.36 -10.52 4.82
C ILE F 19 60.93 -10.20 3.44
N LYS F 20 60.08 -10.28 2.40
CA LYS F 20 60.54 -10.29 1.02
C LYS F 20 60.80 -8.89 0.45
N TYR F 21 61.85 -8.78 -0.35
CA TYR F 21 62.09 -7.64 -1.22
C TYR F 21 61.41 -7.91 -2.56
N TRP F 22 60.49 -7.02 -2.96
CA TRP F 22 59.78 -7.19 -4.23
C TRP F 22 59.27 -5.82 -4.65
N GLY F 23 59.89 -5.27 -5.69
CA GLY F 23 59.58 -3.94 -6.18
C GLY F 23 60.69 -2.97 -5.85
N LYS F 24 61.13 -2.20 -6.85
CA LYS F 24 62.20 -1.23 -6.69
C LYS F 24 61.62 0.18 -6.68
N ARG F 25 62.03 0.97 -5.70
CA ARG F 25 61.75 2.40 -5.76
C ARG F 25 62.65 3.13 -6.75
N ASP F 26 63.89 2.68 -6.89
CA ASP F 26 64.87 3.24 -7.83
C ASP F 26 65.50 2.08 -8.58
N ALA F 27 65.24 2.01 -9.89
CA ALA F 27 65.65 0.83 -10.64
C ALA F 27 67.17 0.75 -10.76
N VAL F 28 67.82 1.87 -11.10
CA VAL F 28 69.26 1.82 -11.35
C VAL F 28 70.04 1.63 -10.05
N LEU F 29 69.60 2.29 -8.96
CA LEU F 29 70.29 2.13 -7.69
C LEU F 29 69.84 0.90 -6.91
N ARG F 30 68.73 0.28 -7.30
CA ARG F 30 68.17 -0.87 -6.58
C ARG F 30 67.88 -0.50 -5.12
N ILE F 31 67.31 0.69 -4.94
CA ILE F 31 66.61 1.03 -3.70
C ILE F 31 65.25 0.36 -3.73
N PRO F 32 64.90 -0.43 -2.72
CA PRO F 32 63.64 -1.20 -2.75
C PRO F 32 62.46 -0.39 -2.24
N GLU F 33 61.26 -0.82 -2.64
CA GLU F 33 60.05 -0.18 -2.12
C GLU F 33 59.84 -0.47 -0.64
N ASN F 34 60.41 -1.53 -0.10
CA ASN F 34 60.17 -1.88 1.28
C ASN F 34 61.41 -2.59 1.83
N GLY F 35 61.53 -2.57 3.15
CA GLY F 35 62.61 -3.29 3.81
C GLY F 35 62.41 -4.79 3.81
N SER F 36 63.49 -5.50 4.13
CA SER F 36 63.44 -6.95 4.16
C SER F 36 64.37 -7.45 5.26
N ILE F 37 64.21 -8.74 5.58
CA ILE F 37 64.95 -9.45 6.60
C ILE F 37 65.24 -10.85 6.07
N SER F 38 66.48 -11.30 6.18
CA SER F 38 66.89 -12.56 5.60
C SER F 38 67.88 -13.25 6.53
N MET F 39 68.12 -14.53 6.28
CA MET F 39 69.12 -15.30 7.00
C MET F 39 70.14 -15.87 6.03
N ASN F 40 71.43 -15.64 6.30
CA ASN F 40 72.47 -16.25 5.47
C ASN F 40 72.43 -17.77 5.56
N LEU F 41 72.73 -18.42 4.44
CA LEU F 41 72.78 -19.88 4.38
C LEU F 41 74.23 -20.34 4.40
N ALA F 42 74.61 -21.11 5.43
CA ALA F 42 76.04 -21.35 5.67
C ALA F 42 76.63 -22.33 4.66
N GLU F 43 75.87 -23.34 4.26
CA GLU F 43 76.42 -24.43 3.47
C GLU F 43 76.48 -24.14 1.98
N LEU F 44 76.07 -22.96 1.56
CA LEU F 44 76.15 -22.55 0.16
C LEU F 44 77.04 -21.33 0.09
N THR F 45 78.05 -21.38 -0.80
CA THR F 45 79.04 -20.31 -0.89
C THR F 45 79.37 -20.04 -2.35
N VAL F 46 79.55 -18.77 -2.67
CA VAL F 46 80.15 -18.33 -3.93
C VAL F 46 81.52 -17.77 -3.60
N LYS F 47 82.53 -18.20 -4.35
CA LYS F 47 83.90 -17.71 -4.18
C LYS F 47 84.30 -16.98 -5.45
N THR F 48 84.80 -15.76 -5.29
CA THR F 48 85.09 -14.91 -6.44
C THR F 48 86.45 -14.28 -6.28
N THR F 49 87.24 -14.32 -7.35
CA THR F 49 88.54 -13.67 -7.42
C THR F 49 88.48 -12.58 -8.48
N VAL F 50 88.99 -11.40 -8.15
CA VAL F 50 89.05 -10.27 -9.08
C VAL F 50 90.52 -9.92 -9.28
N ILE F 51 90.95 -9.90 -10.54
CA ILE F 51 92.33 -9.56 -10.89
C ILE F 51 92.27 -8.36 -11.82
N PHE F 52 92.65 -7.19 -11.31
CA PHE F 52 92.72 -6.02 -12.16
C PHE F 52 93.97 -6.10 -13.04
N GLU F 53 93.79 -5.81 -14.34
CA GLU F 53 94.82 -6.04 -15.34
C GLU F 53 95.39 -4.73 -15.83
N LYS F 54 96.71 -4.71 -16.04
CA LYS F 54 97.38 -3.54 -16.57
C LYS F 54 96.92 -3.25 -18.00
N HIS F 55 96.91 -4.28 -18.86
CA HIS F 55 96.66 -4.13 -20.30
C HIS F 55 95.47 -5.01 -20.71
N SER F 56 94.27 -4.54 -20.42
CA SER F 56 93.04 -5.23 -20.81
C SER F 56 92.00 -4.19 -21.18
N ARG F 57 91.34 -4.38 -22.32
CA ARG F 57 90.36 -3.42 -22.80
C ARG F 57 88.93 -3.75 -22.38
N GLU F 58 88.66 -4.98 -21.97
CA GLU F 58 87.34 -5.38 -21.51
C GLU F 58 87.49 -6.28 -20.30
N ASP F 59 86.45 -6.30 -19.46
CA ASP F 59 86.42 -7.27 -18.38
C ASP F 59 86.19 -8.66 -18.95
N THR F 60 86.64 -9.68 -18.21
CA THR F 60 86.38 -11.06 -18.56
C THR F 60 85.84 -11.80 -17.34
N LEU F 61 85.08 -12.86 -17.59
CA LEU F 61 84.44 -13.60 -16.51
C LEU F 61 84.52 -15.09 -16.77
N ILE F 62 84.91 -15.85 -15.74
CA ILE F 62 84.91 -17.31 -15.74
C ILE F 62 83.93 -17.79 -14.68
N LEU F 63 82.99 -18.65 -15.06
CA LEU F 63 82.01 -19.21 -14.15
C LEU F 63 82.21 -20.71 -14.02
N ASN F 64 82.52 -21.17 -12.81
CA ASN F 64 82.66 -22.59 -12.49
C ASN F 64 83.64 -23.29 -13.44
N GLY F 65 84.63 -22.55 -13.93
CA GLY F 65 85.65 -23.13 -14.77
C GLY F 65 85.42 -22.97 -16.25
N ALA F 66 84.34 -22.31 -16.66
CA ALA F 66 84.01 -22.15 -18.07
C ALA F 66 83.74 -20.69 -18.37
N LEU F 67 84.08 -20.28 -19.59
CA LEU F 67 83.84 -18.92 -20.04
C LEU F 67 82.38 -18.56 -19.82
N ALA F 68 82.13 -17.34 -19.33
CA ALA F 68 80.77 -16.97 -19.01
C ALA F 68 80.01 -16.53 -20.25
N ASP F 69 78.67 -16.67 -20.19
CA ASP F 69 77.83 -16.15 -21.26
C ASP F 69 77.77 -14.63 -21.18
N GLU F 70 77.29 -14.01 -22.27
CA GLU F 70 77.40 -12.56 -22.44
C GLU F 70 76.51 -11.80 -21.48
N PRO F 71 75.30 -12.27 -21.19
CA PRO F 71 74.51 -11.58 -20.16
C PRO F 71 75.19 -11.57 -18.81
N ALA F 72 75.78 -12.71 -18.41
CA ALA F 72 76.51 -12.76 -17.15
C ALA F 72 77.68 -11.79 -17.15
N LEU F 73 78.49 -11.80 -18.21
CA LEU F 73 79.60 -10.87 -18.29
C LEU F 73 79.13 -9.42 -18.30
N LYS F 74 78.02 -9.15 -18.98
CA LYS F 74 77.48 -7.78 -19.01
C LYS F 74 77.16 -7.30 -17.61
N ARG F 75 76.40 -8.10 -16.86
CA ARG F 75 76.06 -7.75 -15.48
C ARG F 75 77.31 -7.45 -14.65
N VAL F 76 78.32 -8.33 -14.72
CA VAL F 76 79.52 -8.15 -13.91
C VAL F 76 80.29 -6.93 -14.35
N SER F 77 80.35 -6.67 -15.67
CA SER F 77 81.11 -5.55 -16.17
C SER F 77 80.48 -4.21 -15.77
N HIS F 78 79.14 -4.09 -15.92
CA HIS F 78 78.48 -2.88 -15.45
C HIS F 78 78.70 -2.67 -13.95
N PHE F 79 78.72 -3.75 -13.18
CA PHE F 79 79.02 -3.63 -11.75
C PHE F 79 80.43 -3.13 -11.54
N LEU F 80 81.39 -3.64 -12.29
CA LEU F 80 82.77 -3.17 -12.13
C LEU F 80 82.92 -1.71 -12.55
N ASP F 81 82.14 -1.24 -13.52
CA ASP F 81 82.05 0.19 -13.78
C ASP F 81 81.70 0.96 -12.51
N ARG F 82 80.71 0.49 -11.76
CA ARG F 82 80.37 1.13 -10.49
C ARG F 82 81.58 1.13 -9.55
N VAL F 83 82.39 0.07 -9.58
CA VAL F 83 83.55 0.02 -8.70
C VAL F 83 84.63 0.98 -9.18
N ARG F 84 84.85 1.06 -10.49
CA ARG F 84 85.88 1.96 -11.03
C ARG F 84 85.56 3.42 -10.70
N GLU F 85 84.31 3.83 -10.92
CA GLU F 85 83.86 5.15 -10.48
C GLU F 85 84.19 5.36 -9.02
N PHE F 86 83.61 4.53 -8.16
CA PHE F 86 83.86 4.63 -6.73
C PHE F 86 85.34 4.77 -6.41
N ALA F 87 86.21 4.19 -7.22
CA ALA F 87 87.64 4.18 -6.94
C ALA F 87 88.44 5.12 -7.82
N GLY F 88 87.82 5.79 -8.78
CA GLY F 88 88.55 6.64 -9.68
C GLY F 88 89.72 5.91 -10.31
N ILE F 89 89.44 4.78 -10.96
CA ILE F 89 90.45 3.94 -11.60
C ILE F 89 89.86 3.39 -12.89
N SER F 90 90.74 3.07 -13.84
CA SER F 90 90.32 2.71 -15.18
C SER F 90 90.55 1.25 -15.54
N TRP F 91 91.24 0.48 -14.70
CA TRP F 91 91.64 -0.88 -15.07
C TRP F 91 90.44 -1.78 -15.30
N HIS F 92 90.57 -2.67 -16.28
CA HIS F 92 89.61 -3.75 -16.46
C HIS F 92 90.10 -4.98 -15.72
N ALA F 93 89.19 -5.94 -15.53
CA ALA F 93 89.45 -7.04 -14.61
C ALA F 93 89.12 -8.38 -15.23
N HIS F 94 89.89 -9.38 -14.80
CA HIS F 94 89.54 -10.78 -15.00
C HIS F 94 88.88 -11.28 -13.72
N VAL F 95 87.67 -11.80 -13.84
CA VAL F 95 86.91 -12.27 -12.69
C VAL F 95 86.75 -13.78 -12.81
N ILE F 96 87.06 -14.47 -11.72
CA ILE F 96 86.95 -15.92 -11.62
C ILE F 96 86.05 -16.24 -10.46
N SER F 97 84.96 -16.94 -10.73
CA SER F 97 83.99 -17.24 -9.68
C SER F 97 83.58 -18.71 -9.76
N GLU F 98 83.32 -19.29 -8.60
CA GLU F 98 82.78 -20.64 -8.52
C GLU F 98 81.91 -20.76 -7.29
N ASN F 99 80.95 -21.69 -7.33
CA ASN F 99 80.06 -21.91 -6.21
C ASN F 99 79.90 -23.41 -6.03
N ASN F 100 79.35 -23.79 -4.88
CA ASN F 100 79.10 -25.18 -4.54
C ASN F 100 77.61 -25.51 -4.57
N PHE F 101 76.85 -24.75 -5.36
CA PHE F 101 75.40 -24.93 -5.44
C PHE F 101 75.10 -26.22 -6.18
N PRO F 102 74.35 -27.16 -5.59
CA PRO F 102 74.04 -28.41 -6.32
C PRO F 102 73.37 -28.11 -7.65
N THR F 103 73.79 -28.85 -8.68
CA THR F 103 73.37 -28.57 -10.05
C THR F 103 71.88 -28.85 -10.25
N GLY F 104 71.26 -28.05 -11.11
CA GLY F 104 69.84 -28.18 -11.42
C GLY F 104 68.89 -27.78 -10.32
N ALA F 105 69.40 -27.46 -9.12
CA ALA F 105 68.52 -27.13 -7.99
C ALA F 105 67.86 -25.77 -8.14
N GLY F 106 68.38 -24.89 -8.99
CA GLY F 106 67.76 -23.59 -9.20
C GLY F 106 67.83 -22.65 -8.02
N ILE F 107 68.86 -22.78 -7.19
CA ILE F 107 69.09 -21.82 -6.11
C ILE F 107 69.70 -20.56 -6.71
N ALA F 108 69.06 -19.42 -6.49
CA ALA F 108 69.57 -18.17 -7.03
C ALA F 108 70.92 -17.84 -6.41
N SER F 109 71.85 -17.38 -7.24
CA SER F 109 73.18 -17.03 -6.76
C SER F 109 73.48 -15.53 -6.83
N SER F 110 72.52 -14.68 -7.22
CA SER F 110 72.88 -13.29 -7.46
C SER F 110 73.26 -12.58 -6.16
N ALA F 111 72.61 -12.91 -5.05
CA ALA F 111 72.95 -12.27 -3.79
C ALA F 111 74.38 -12.62 -3.38
N ALA F 112 74.67 -13.91 -3.28
CA ALA F 112 76.02 -14.33 -2.92
C ALA F 112 77.05 -13.83 -3.94
N ALA F 113 76.72 -13.91 -5.23
CA ALA F 113 77.66 -13.52 -6.26
C ALA F 113 78.03 -12.04 -6.15
N PHE F 114 77.04 -11.16 -6.04
CA PHE F 114 77.42 -9.76 -6.04
C PHE F 114 77.95 -9.30 -4.68
N ALA F 115 77.59 -9.98 -3.59
CA ALA F 115 78.26 -9.73 -2.32
C ALA F 115 79.75 -10.08 -2.42
N ALA F 116 80.07 -11.31 -2.84
CA ALA F 116 81.47 -11.70 -2.98
C ALA F 116 82.21 -10.77 -3.94
N LEU F 117 81.57 -10.40 -5.04
CA LEU F 117 82.22 -9.54 -6.03
C LEU F 117 82.48 -8.14 -5.46
N ALA F 118 81.51 -7.59 -4.73
CA ALA F 118 81.73 -6.27 -4.12
C ALA F 118 82.95 -6.28 -3.22
N LEU F 119 83.09 -7.32 -2.39
CA LEU F 119 84.22 -7.37 -1.46
C LEU F 119 85.52 -7.67 -2.18
N ALA F 120 85.50 -8.64 -3.11
CA ALA F 120 86.71 -8.98 -3.84
C ALA F 120 87.18 -7.81 -4.71
N ALA F 121 86.26 -7.15 -5.42
CA ALA F 121 86.72 -6.10 -6.32
C ALA F 121 87.29 -4.92 -5.55
N THR F 122 86.65 -4.50 -4.45
CA THR F 122 87.16 -3.33 -3.72
C THR F 122 88.46 -3.67 -2.97
N SER F 123 88.54 -4.87 -2.39
CA SER F 123 89.81 -5.27 -1.76
C SER F 123 90.93 -5.44 -2.78
N ALA F 124 90.62 -5.90 -3.99
CA ALA F 124 91.66 -6.01 -5.02
C ALA F 124 92.25 -4.66 -5.36
N ILE F 125 91.48 -3.60 -5.18
CA ILE F 125 91.95 -2.22 -5.38
C ILE F 125 92.64 -1.66 -4.14
N GLY F 126 92.54 -2.33 -3.00
CA GLY F 126 93.14 -1.81 -1.80
C GLY F 126 92.25 -0.91 -0.96
N LEU F 127 90.96 -0.85 -1.24
CA LEU F 127 90.02 -0.16 -0.35
C LEU F 127 89.61 -1.09 0.79
N HIS F 128 89.20 -0.48 1.91
CA HIS F 128 88.65 -1.23 3.04
C HIS F 128 87.32 -0.57 3.45
N LEU F 129 86.30 -0.77 2.62
CA LEU F 129 84.99 -0.20 2.89
C LEU F 129 84.41 -0.72 4.20
N SER F 130 83.60 0.12 4.85
CA SER F 130 82.78 -0.34 5.97
C SER F 130 81.80 -1.41 5.49
N GLU F 131 81.33 -2.23 6.43
CA GLU F 131 80.28 -3.18 6.10
C GLU F 131 79.09 -2.48 5.46
N ARG F 132 78.74 -1.29 5.99
CA ARG F 132 77.63 -0.52 5.44
C ARG F 132 77.93 -0.07 4.00
N ASP F 133 79.15 0.40 3.74
CA ASP F 133 79.47 0.80 2.37
C ASP F 133 79.59 -0.41 1.44
N LEU F 134 80.06 -1.54 1.95
CA LEU F 134 80.06 -2.76 1.16
C LEU F 134 78.63 -3.19 0.83
N SER F 135 77.74 -3.12 1.82
CA SER F 135 76.34 -3.46 1.58
C SER F 135 75.74 -2.58 0.50
N ARG F 136 76.01 -1.28 0.55
CA ARG F 136 75.47 -0.34 -0.43
C ARG F 136 76.03 -0.61 -1.83
N LEU F 137 77.31 -0.98 -1.90
CA LEU F 137 77.90 -1.30 -3.20
C LEU F 137 77.29 -2.58 -3.78
N ALA F 138 77.24 -3.65 -2.97
CA ALA F 138 76.67 -4.91 -3.43
C ALA F 138 75.22 -4.75 -3.88
N ARG F 139 74.47 -3.88 -3.19
CA ARG F 139 73.07 -3.61 -3.55
C ARG F 139 72.94 -3.19 -5.01
N LYS F 140 73.90 -2.41 -5.53
CA LYS F 140 73.81 -1.96 -6.92
C LYS F 140 74.04 -3.08 -7.93
N GLY F 141 74.59 -4.21 -7.50
CA GLY F 141 74.67 -5.35 -8.40
C GLY F 141 73.38 -6.14 -8.36
N SER F 142 72.95 -6.48 -7.14
CA SER F 142 71.70 -7.20 -6.94
C SER F 142 71.17 -6.82 -5.57
N GLY F 143 69.90 -6.39 -5.52
CA GLY F 143 69.37 -5.87 -4.27
C GLY F 143 69.59 -6.80 -3.11
N SER F 144 69.17 -8.06 -3.25
CA SER F 144 69.34 -9.03 -2.18
C SER F 144 70.81 -9.27 -1.83
N ALA F 145 71.75 -8.88 -2.70
CA ALA F 145 73.17 -9.04 -2.35
C ALA F 145 73.57 -8.15 -1.18
N CYS F 146 72.88 -7.04 -0.99
CA CYS F 146 73.27 -6.19 0.14
C CYS F 146 72.99 -6.87 1.46
N ARG F 147 72.10 -7.87 1.47
CA ARG F 147 71.83 -8.64 2.68
C ARG F 147 72.81 -9.78 2.90
N SER F 148 73.65 -10.11 1.92
CA SER F 148 74.66 -11.15 2.10
C SER F 148 76.02 -10.59 2.52
N ILE F 149 76.12 -9.29 2.73
CA ILE F 149 77.36 -8.67 3.16
C ILE F 149 77.49 -8.83 4.67
N PRO F 150 76.48 -8.47 5.46
CA PRO F 150 76.53 -8.78 6.90
C PRO F 150 76.22 -10.25 7.15
N GLY F 151 76.45 -10.66 8.39
CA GLY F 151 76.29 -12.05 8.77
C GLY F 151 75.02 -12.32 9.57
N GLY F 152 74.61 -13.58 9.56
CA GLY F 152 73.58 -14.03 10.48
C GLY F 152 72.20 -13.65 9.98
N PHE F 153 71.43 -13.01 10.86
CA PHE F 153 70.11 -12.51 10.52
C PHE F 153 70.24 -11.02 10.19
N VAL F 154 69.78 -10.63 9.02
CA VAL F 154 70.15 -9.36 8.43
C VAL F 154 68.90 -8.59 8.05
N GLU F 155 68.91 -7.29 8.31
CA GLU F 155 67.83 -6.41 7.91
C GLU F 155 68.32 -5.40 6.89
N TRP F 156 67.60 -5.32 5.78
CA TRP F 156 67.85 -4.31 4.75
C TRP F 156 66.97 -3.11 5.07
N ILE F 157 67.59 -2.00 5.48
CA ILE F 157 66.87 -0.75 5.73
C ILE F 157 66.59 -0.14 4.37
N PRO F 158 65.32 0.05 3.99
CA PRO F 158 65.03 0.42 2.59
C PRO F 158 65.56 1.78 2.19
N GLY F 159 65.36 2.80 3.04
CA GLY F 159 65.80 4.15 2.75
C GLY F 159 65.19 4.71 1.47
N GLU F 160 65.60 5.91 1.11
CA GLU F 160 65.15 6.54 -0.13
C GLU F 160 66.29 7.11 -0.93
N THR F 161 67.54 6.82 -0.54
CA THR F 161 68.71 7.31 -1.24
C THR F 161 69.77 6.21 -1.25
N ASP F 162 70.72 6.35 -2.17
CA ASP F 162 71.89 5.46 -2.18
C ASP F 162 72.49 5.34 -0.79
N GLU F 163 72.63 6.47 -0.09
CA GLU F 163 73.28 6.47 1.21
C GLU F 163 72.48 5.72 2.26
N ASP F 164 71.17 5.73 2.19
CA ASP F 164 70.29 5.23 3.28
C ASP F 164 69.85 3.78 3.09
N SER F 165 70.08 3.22 1.93
CA SER F 165 69.59 1.87 1.63
C SER F 165 70.74 0.88 1.80
N TYR F 166 70.76 0.19 2.93
CA TYR F 166 71.85 -0.72 3.25
C TYR F 166 71.32 -1.77 4.22
N ALA F 167 72.10 -2.83 4.41
CA ALA F 167 71.72 -3.89 5.34
C ALA F 167 72.69 -3.93 6.51
N VAL F 168 72.17 -4.41 7.65
CA VAL F 168 72.93 -4.55 8.89
C VAL F 168 72.52 -5.87 9.50
N SER F 169 73.42 -6.48 10.27
CA SER F 169 73.05 -7.69 10.98
C SER F 169 72.17 -7.35 12.18
N ILE F 170 71.06 -8.05 12.33
CA ILE F 170 70.27 -7.85 13.54
C ILE F 170 70.55 -8.93 14.59
N ALA F 171 71.18 -10.05 14.22
CA ALA F 171 71.68 -10.99 15.20
C ALA F 171 72.71 -11.90 14.54
N PRO F 172 73.69 -12.38 15.27
CA PRO F 172 74.72 -13.24 14.69
C PRO F 172 74.18 -14.65 14.48
N PRO F 173 74.86 -15.45 13.65
CA PRO F 173 74.32 -16.77 13.31
C PRO F 173 73.98 -17.61 14.54
N GLU F 174 74.87 -17.61 15.53
CA GLU F 174 74.75 -18.43 16.75
C GLU F 174 73.62 -17.99 17.66
N HIS F 175 72.95 -16.89 17.33
CA HIS F 175 71.89 -16.38 18.20
C HIS F 175 70.68 -17.31 18.19
N TRP F 176 70.39 -17.96 17.06
CA TRP F 176 69.20 -18.80 16.97
C TRP F 176 69.48 -19.94 15.99
N ALA F 177 69.35 -21.17 16.47
CA ALA F 177 69.64 -22.35 15.67
C ALA F 177 68.42 -22.64 14.80
N LEU F 178 68.38 -21.98 13.65
CA LEU F 178 67.33 -22.19 12.66
C LEU F 178 67.91 -22.93 11.46
N THR F 179 67.16 -23.87 10.92
CA THR F 179 67.56 -24.58 9.72
C THR F 179 66.57 -24.30 8.61
N ASP F 180 67.08 -24.19 7.38
CA ASP F 180 66.27 -24.05 6.18
C ASP F 180 66.38 -25.31 5.32
N CYS F 181 65.29 -26.08 5.26
CA CYS F 181 65.21 -27.27 4.42
C CYS F 181 64.54 -26.90 3.11
N ILE F 182 65.30 -26.93 2.02
CA ILE F 182 64.85 -26.44 0.72
C ILE F 182 64.38 -27.62 -0.10
N ALA F 183 63.07 -27.72 -0.31
CA ALA F 183 62.52 -28.73 -1.23
C ALA F 183 62.74 -28.24 -2.65
N ILE F 184 63.54 -28.99 -3.40
CA ILE F 184 63.87 -28.65 -4.78
C ILE F 184 62.81 -29.24 -5.68
N LEU F 185 62.11 -28.39 -6.44
CA LEU F 185 60.94 -28.84 -7.20
C LEU F 185 61.32 -29.03 -8.66
N SER F 186 61.51 -30.31 -9.01
CA SER F 186 61.77 -30.77 -10.37
C SER F 186 60.75 -30.24 -11.35
N THR F 187 61.04 -29.06 -11.92
CA THR F 187 60.01 -28.41 -12.72
C THR F 187 60.60 -27.28 -13.52
N GLN F 188 60.23 -27.22 -14.80
CA GLN F 188 60.85 -26.25 -15.68
C GLN F 188 59.80 -25.62 -16.61
N HIS F 189 60.30 -24.94 -17.66
CA HIS F 189 59.98 -23.54 -17.86
C HIS F 189 60.91 -22.84 -16.88
N LYS F 190 62.07 -22.38 -17.32
CA LYS F 190 62.90 -21.60 -16.40
C LYS F 190 62.12 -20.32 -16.09
N PRO F 191 61.80 -20.05 -14.83
CA PRO F 191 60.87 -18.96 -14.52
C PRO F 191 61.43 -17.60 -14.93
N ILE F 192 60.51 -16.65 -15.12
CA ILE F 192 60.91 -15.26 -15.35
C ILE F 192 61.75 -14.79 -14.16
N GLY F 193 62.87 -14.13 -14.45
CA GLY F 193 63.78 -13.74 -13.40
C GLY F 193 63.19 -12.72 -12.45
N SER F 194 63.79 -12.65 -11.25
CA SER F 194 63.31 -11.74 -10.22
C SER F 194 63.31 -10.29 -10.70
N THR F 195 64.35 -9.87 -11.43
CA THR F 195 64.42 -8.48 -11.88
C THR F 195 63.26 -8.13 -12.80
N GLN F 196 63.09 -8.91 -13.86
CA GLN F 196 62.01 -8.63 -14.79
C GLN F 196 60.65 -8.78 -14.11
N GLY F 197 60.52 -9.77 -13.22
CA GLY F 197 59.23 -10.02 -12.60
C GLY F 197 58.82 -8.91 -11.65
N MET F 198 59.77 -8.40 -10.88
CA MET F 198 59.39 -7.37 -9.92
C MET F 198 59.25 -6.00 -10.59
N ALA F 199 59.81 -5.82 -11.79
CA ALA F 199 59.49 -4.63 -12.55
C ALA F 199 58.01 -4.54 -12.91
N LEU F 200 57.29 -5.67 -12.79
CA LEU F 200 55.86 -5.70 -13.04
C LEU F 200 55.04 -5.48 -11.78
N ALA F 201 55.67 -5.42 -10.61
CA ALA F 201 54.87 -5.28 -9.38
C ALA F 201 53.94 -4.08 -9.45
N SER F 202 54.37 -2.99 -10.10
CA SER F 202 53.51 -1.82 -10.14
C SER F 202 52.26 -2.01 -11.00
N THR F 203 52.18 -3.07 -11.80
CA THR F 203 50.91 -3.34 -12.47
C THR F 203 49.89 -4.00 -11.57
N SER F 204 50.29 -4.45 -10.38
CA SER F 204 49.36 -5.13 -9.51
C SER F 204 48.56 -4.12 -8.70
N PRO F 205 47.23 -4.21 -8.68
CA PRO F 205 46.44 -3.31 -7.83
C PRO F 205 46.79 -3.42 -6.34
N LEU F 206 47.48 -4.49 -5.94
CA LEU F 206 47.67 -4.80 -4.52
C LEU F 206 49.05 -4.44 -4.00
N GLN F 207 49.93 -3.97 -4.86
CA GLN F 207 51.32 -3.75 -4.44
C GLN F 207 51.46 -2.57 -3.48
N PRO F 208 50.79 -1.44 -3.74
CA PRO F 208 50.92 -0.32 -2.79
C PRO F 208 50.52 -0.70 -1.37
N ALA F 209 49.42 -1.44 -1.21
CA ALA F 209 49.00 -1.88 0.12
C ALA F 209 49.99 -2.87 0.73
N ARG F 210 50.49 -3.80 -0.08
CA ARG F 210 51.54 -4.69 0.41
C ARG F 210 52.72 -3.88 0.92
N VAL F 211 53.15 -2.88 0.15
CA VAL F 211 54.33 -2.11 0.50
C VAL F 211 54.09 -1.28 1.76
N ALA F 212 52.94 -0.61 1.85
CA ALA F 212 52.69 0.25 3.02
C ALA F 212 52.62 -0.56 4.30
N ASP F 213 52.17 -1.81 4.22
CA ASP F 213 52.01 -2.66 5.39
C ASP F 213 53.34 -3.24 5.88
N THR F 214 54.43 -3.08 5.13
CA THR F 214 55.66 -3.81 5.48
C THR F 214 56.18 -3.47 6.88
N PRO F 215 56.07 -2.24 7.40
CA PRO F 215 56.58 -1.98 8.77
C PRO F 215 55.98 -2.87 9.84
N ARG F 216 54.71 -3.23 9.74
CA ARG F 216 54.15 -4.16 10.70
C ARG F 216 54.84 -5.52 10.61
N ARG F 217 55.07 -5.99 9.39
CA ARG F 217 55.62 -7.34 9.21
C ARG F 217 57.09 -7.38 9.63
N LEU F 218 57.86 -6.35 9.26
CA LEU F 218 59.24 -6.26 9.73
C LEU F 218 59.31 -6.25 11.24
N GLU F 219 58.39 -5.54 11.90
CA GLU F 219 58.39 -5.48 13.37
C GLU F 219 58.19 -6.87 13.97
N ILE F 220 57.24 -7.63 13.45
CA ILE F 220 56.94 -8.95 14.02
C ILE F 220 58.12 -9.89 13.84
N VAL F 221 58.76 -9.86 12.67
CA VAL F 221 59.87 -10.77 12.42
C VAL F 221 61.11 -10.34 13.21
N ARG F 222 61.41 -9.04 13.23
CA ARG F 222 62.52 -8.53 14.03
C ARG F 222 62.39 -9.00 15.47
N ARG F 223 61.21 -8.80 16.06
CA ARG F 223 61.02 -9.17 17.46
C ARG F 223 61.03 -10.67 17.66
N ALA F 224 60.57 -11.43 16.66
CA ALA F 224 60.62 -12.89 16.76
C ALA F 224 62.06 -13.39 16.82
N ILE F 225 62.93 -12.79 16.02
CA ILE F 225 64.34 -13.20 16.03
C ILE F 225 64.99 -12.82 17.35
N LEU F 226 64.77 -11.59 17.80
CA LEU F 226 65.33 -11.12 19.06
C LEU F 226 64.94 -12.05 20.21
N GLU F 227 63.67 -12.44 20.27
CA GLU F 227 63.15 -13.27 21.35
C GLU F 227 63.19 -14.76 21.05
N ARG F 228 63.64 -15.16 19.86
CA ARG F 228 63.64 -16.56 19.44
C ARG F 228 62.25 -17.18 19.56
N ASP F 229 61.25 -16.45 19.07
CA ASP F 229 59.85 -16.85 19.13
C ASP F 229 59.47 -17.45 17.78
N PHE F 230 59.56 -18.78 17.67
CA PHE F 230 59.39 -19.39 16.35
C PHE F 230 57.96 -19.30 15.85
N LEU F 231 56.97 -19.47 16.73
CA LEU F 231 55.59 -19.41 16.24
C LEU F 231 55.28 -18.06 15.60
N SER F 232 55.67 -16.97 16.25
CA SER F 232 55.46 -15.65 15.66
C SER F 232 56.17 -15.54 14.30
N LEU F 233 57.44 -15.95 14.26
CA LEU F 233 58.17 -15.99 13.00
C LEU F 233 57.43 -16.80 11.94
N ALA F 234 57.01 -18.02 12.30
CA ALA F 234 56.43 -18.92 11.30
C ALA F 234 55.22 -18.29 10.64
N GLU F 235 54.26 -17.83 11.44
CA GLU F 235 53.03 -17.33 10.87
C GLU F 235 53.28 -16.14 9.97
N MET F 236 54.28 -15.34 10.29
CA MET F 236 54.51 -14.13 9.52
C MET F 236 55.31 -14.40 8.25
N ILE F 237 56.27 -15.35 8.28
CA ILE F 237 56.99 -15.58 7.03
C ILE F 237 56.07 -16.21 6.00
N GLU F 238 55.10 -17.03 6.42
CA GLU F 238 54.14 -17.57 5.46
C GLU F 238 53.24 -16.46 4.92
N HIS F 239 52.71 -15.62 5.81
CA HIS F 239 51.92 -14.45 5.40
C HIS F 239 52.69 -13.56 4.43
N ASP F 240 53.93 -13.19 4.78
CA ASP F 240 54.69 -12.31 3.91
C ASP F 240 54.99 -12.97 2.56
N SER F 241 55.34 -14.26 2.57
CA SER F 241 55.54 -14.96 1.31
C SER F 241 54.27 -14.92 0.46
N ASN F 242 53.11 -15.14 1.07
CA ASN F 242 51.87 -15.11 0.30
C ASN F 242 51.54 -13.71 -0.18
N LEU F 243 51.86 -12.67 0.59
CA LEU F 243 51.66 -11.31 0.10
C LEU F 243 52.46 -11.05 -1.16
N MET F 244 53.72 -11.50 -1.21
CA MET F 244 54.51 -11.30 -2.43
C MET F 244 53.90 -12.07 -3.60
N HIS F 245 53.54 -13.34 -3.38
CA HIS F 245 53.02 -14.11 -4.49
C HIS F 245 51.63 -13.62 -4.90
N ALA F 246 50.91 -13.02 -3.96
CA ALA F 246 49.66 -12.35 -4.31
C ALA F 246 49.88 -11.21 -5.31
N VAL F 247 50.91 -10.40 -5.08
CA VAL F 247 51.23 -9.34 -6.04
C VAL F 247 51.71 -9.93 -7.36
N MET F 248 52.58 -10.95 -7.29
CA MET F 248 53.05 -11.63 -8.50
C MET F 248 51.87 -12.14 -9.32
N MET F 249 50.95 -12.86 -8.67
CA MET F 249 49.85 -13.47 -9.39
C MET F 249 48.84 -12.46 -9.89
N THR F 250 48.88 -11.22 -9.41
CA THR F 250 47.94 -10.20 -9.87
C THR F 250 48.62 -9.11 -10.71
N SER F 251 49.89 -9.31 -11.07
CA SER F 251 50.54 -8.47 -12.06
C SER F 251 50.03 -8.79 -13.45
N THR F 252 50.42 -7.96 -14.40
CA THR F 252 50.07 -8.13 -15.82
C THR F 252 51.36 -8.11 -16.63
N PRO F 253 51.73 -9.21 -17.31
CA PRO F 253 51.02 -10.49 -17.23
C PRO F 253 51.24 -11.14 -15.87
N PRO F 254 50.36 -12.07 -15.49
CA PRO F 254 50.48 -12.68 -14.16
C PRO F 254 51.71 -13.56 -14.04
N LEU F 255 52.25 -13.62 -12.82
CA LEU F 255 53.47 -14.36 -12.50
C LEU F 255 53.10 -15.48 -11.55
N PHE F 256 52.98 -16.69 -12.07
CA PHE F 256 52.66 -17.87 -11.28
C PHE F 256 53.93 -18.71 -11.14
N TYR F 257 54.67 -18.49 -10.06
CA TYR F 257 55.90 -19.25 -9.80
C TYR F 257 55.63 -20.59 -9.15
N TRP F 258 54.51 -20.75 -8.47
CA TRP F 258 54.21 -22.01 -7.80
C TRP F 258 54.03 -23.12 -8.82
N GLU F 259 54.51 -24.28 -8.47
CA GLU F 259 54.14 -25.53 -9.11
C GLU F 259 53.09 -26.24 -8.29
N PRO F 260 52.40 -27.21 -8.89
CA PRO F 260 51.42 -27.98 -8.09
C PRO F 260 52.01 -28.50 -6.78
N VAL F 261 53.23 -29.02 -6.80
CA VAL F 261 53.84 -29.58 -5.60
C VAL F 261 54.22 -28.48 -4.60
N SER F 262 54.55 -27.29 -5.11
CA SER F 262 54.71 -26.13 -4.24
C SER F 262 53.52 -25.97 -3.32
N LEU F 263 52.31 -26.07 -3.89
CA LEU F 263 51.08 -25.97 -3.11
C LEU F 263 50.95 -27.12 -2.11
N VAL F 264 51.21 -28.35 -2.56
CA VAL F 264 51.13 -29.51 -1.66
C VAL F 264 51.95 -29.25 -0.40
N ILE F 265 53.19 -28.77 -0.58
CA ILE F 265 54.11 -28.58 0.54
C ILE F 265 53.60 -27.49 1.47
N MET F 266 53.18 -26.37 0.90
CA MET F 266 52.71 -25.26 1.74
C MET F 266 51.60 -25.72 2.66
N LYS F 267 50.58 -26.37 2.11
CA LYS F 267 49.50 -26.85 2.97
C LYS F 267 50.02 -27.85 3.98
N SER F 268 50.91 -28.75 3.57
CA SER F 268 51.44 -29.75 4.49
C SER F 268 52.14 -29.09 5.68
N VAL F 269 53.02 -28.12 5.40
CA VAL F 269 53.81 -27.48 6.45
C VAL F 269 52.90 -26.82 7.48
N ARG F 270 51.86 -26.13 7.01
CA ARG F 270 50.91 -25.55 7.95
C ARG F 270 50.27 -26.63 8.83
N GLU F 271 49.86 -27.75 8.21
CA GLU F 271 49.30 -28.84 9.00
C GLU F 271 50.29 -29.34 10.05
N TRP F 272 51.53 -29.62 9.62
CA TRP F 272 52.54 -30.13 10.56
C TRP F 272 52.72 -29.20 11.74
N ARG F 273 52.83 -27.90 11.49
CA ARG F 273 52.98 -26.97 12.60
C ARG F 273 51.77 -27.02 13.53
N GLU F 274 50.57 -27.02 12.94
CA GLU F 274 49.37 -27.01 13.76
C GLU F 274 49.29 -28.28 14.61
N SER F 275 49.78 -29.41 14.08
CA SER F 275 49.75 -30.67 14.80
C SER F 275 50.95 -30.86 15.72
N GLY F 276 51.85 -29.88 15.82
CA GLY F 276 52.89 -29.89 16.84
C GLY F 276 54.33 -29.88 16.35
N LEU F 277 54.62 -29.83 15.06
CA LEU F 277 56.00 -29.82 14.60
C LEU F 277 56.37 -28.42 14.11
N PRO F 278 57.16 -27.64 14.87
CA PRO F 278 57.42 -26.25 14.50
C PRO F 278 58.21 -26.13 13.21
N CYS F 279 57.60 -25.54 12.20
CA CYS F 279 58.20 -25.30 10.89
C CYS F 279 57.32 -24.31 10.15
N ALA F 280 57.86 -23.69 9.10
CA ALA F 280 57.11 -22.71 8.33
C ALA F 280 57.70 -22.62 6.93
N TYR F 281 56.86 -22.26 5.95
CA TYR F 281 57.29 -22.22 4.57
C TYR F 281 57.54 -20.79 4.09
N THR F 282 58.41 -20.66 3.08
CA THR F 282 58.55 -19.39 2.40
C THR F 282 59.06 -19.67 0.98
N LEU F 283 58.57 -18.92 0.00
CA LEU F 283 58.94 -19.14 -1.40
C LEU F 283 59.44 -17.84 -2.00
N ASP F 284 60.43 -17.95 -2.89
CA ASP F 284 60.92 -16.81 -3.66
C ASP F 284 60.31 -16.87 -5.06
N ALA F 285 61.03 -16.36 -6.06
CA ALA F 285 60.49 -16.31 -7.42
C ALA F 285 60.75 -17.62 -8.15
N GLY F 286 60.16 -18.69 -7.61
CA GLY F 286 60.28 -20.01 -8.16
C GLY F 286 59.50 -21.02 -7.35
N PRO F 287 59.45 -22.27 -7.81
CA PRO F 287 58.61 -23.27 -7.14
C PRO F 287 59.26 -23.89 -5.92
N ASN F 288 60.57 -23.75 -5.73
CA ASN F 288 61.22 -24.34 -4.56
C ASN F 288 60.60 -23.81 -3.28
N VAL F 289 60.43 -24.69 -2.30
CA VAL F 289 59.84 -24.29 -1.03
C VAL F 289 60.92 -24.36 0.04
N HIS F 290 61.17 -23.23 0.70
CA HIS F 290 62.08 -23.16 1.83
C HIS F 290 61.29 -23.38 3.10
N VAL F 291 61.59 -24.44 3.83
CA VAL F 291 60.90 -24.74 5.08
C VAL F 291 61.85 -24.43 6.22
N ILE F 292 61.52 -23.42 7.02
CA ILE F 292 62.33 -22.97 8.15
C ILE F 292 61.86 -23.70 9.40
N CYS F 293 62.79 -24.07 10.27
CA CYS F 293 62.43 -24.76 11.50
C CYS F 293 63.56 -24.60 12.50
N PRO F 294 63.26 -24.71 13.80
CA PRO F 294 64.33 -24.87 14.78
C PRO F 294 65.19 -26.07 14.41
N SER F 295 66.50 -25.95 14.59
CA SER F 295 67.39 -26.98 14.07
C SER F 295 67.11 -28.34 14.69
N GLU F 296 66.65 -28.37 15.93
CA GLU F 296 66.38 -29.67 16.55
C GLU F 296 65.30 -30.46 15.82
N TYR F 297 64.52 -29.80 14.95
CA TYR F 297 63.41 -30.46 14.25
C TYR F 297 63.73 -30.74 12.79
N ALA F 298 64.89 -30.33 12.31
CA ALA F 298 65.15 -30.39 10.87
C ALA F 298 65.01 -31.80 10.33
N GLU F 299 65.53 -32.80 11.02
CA GLU F 299 65.45 -34.15 10.46
C GLU F 299 64.01 -34.61 10.37
N GLU F 300 63.20 -34.35 11.40
CA GLU F 300 61.78 -34.69 11.33
C GLU F 300 61.10 -33.98 10.15
N VAL F 301 61.43 -32.71 9.94
CA VAL F 301 60.89 -31.94 8.81
C VAL F 301 61.35 -32.54 7.48
N ILE F 302 62.65 -32.84 7.37
CA ILE F 302 63.14 -33.41 6.13
C ILE F 302 62.53 -34.78 5.88
N PHE F 303 62.25 -35.55 6.93
CA PHE F 303 61.56 -36.82 6.74
C PHE F 303 60.18 -36.59 6.15
N ARG F 304 59.38 -35.73 6.79
CA ARG F 304 58.03 -35.49 6.29
C ARG F 304 58.06 -34.89 4.89
N LEU F 305 59.04 -34.02 4.61
CA LEU F 305 59.13 -33.43 3.27
C LEU F 305 59.39 -34.50 2.22
N THR F 306 60.35 -35.39 2.48
CA THR F 306 60.72 -36.38 1.49
C THR F 306 59.63 -37.42 1.26
N SER F 307 58.74 -37.62 2.24
CA SER F 307 57.59 -38.52 2.07
C SER F 307 56.49 -37.93 1.18
N ILE F 308 56.60 -36.67 0.79
CA ILE F 308 55.59 -36.04 -0.08
C ILE F 308 55.87 -36.42 -1.53
N PRO F 309 54.88 -36.94 -2.26
CA PRO F 309 55.13 -37.33 -3.65
C PRO F 309 55.48 -36.12 -4.49
N GLY F 310 56.51 -36.28 -5.33
CA GLY F 310 56.98 -35.22 -6.18
C GLY F 310 58.14 -34.42 -5.62
N VAL F 311 58.41 -34.54 -4.31
CA VAL F 311 59.50 -33.83 -3.68
C VAL F 311 60.80 -34.56 -4.03
N GLN F 312 61.67 -33.89 -4.79
CA GLN F 312 62.91 -34.48 -5.28
C GLN F 312 63.98 -34.51 -4.19
N THR F 313 64.86 -33.52 -4.20
CA THR F 313 65.89 -33.34 -3.20
C THR F 313 65.41 -32.37 -2.13
N VAL F 314 65.95 -32.53 -0.92
CA VAL F 314 65.80 -31.54 0.13
C VAL F 314 67.21 -31.13 0.57
N LEU F 315 67.56 -29.86 0.37
CA LEU F 315 68.83 -29.33 0.84
C LEU F 315 68.66 -28.82 2.26
N LYS F 316 69.72 -28.94 3.08
CA LYS F 316 69.67 -28.55 4.48
C LYS F 316 70.74 -27.49 4.73
N ALA F 317 70.33 -26.31 5.20
CA ALA F 317 71.25 -25.20 5.43
C ALA F 317 70.99 -24.59 6.80
N SER F 318 72.05 -24.16 7.47
CA SER F 318 71.97 -23.47 8.75
C SER F 318 72.38 -22.01 8.57
N ALA F 319 72.29 -21.23 9.64
CA ALA F 319 72.56 -19.80 9.57
C ALA F 319 74.05 -19.56 9.28
N GLY F 320 74.31 -18.71 8.28
CA GLY F 320 75.67 -18.45 7.83
C GLY F 320 76.22 -17.11 8.30
N ASP F 321 77.51 -16.94 8.04
CA ASP F 321 78.27 -15.77 8.47
C ASP F 321 78.33 -14.73 7.36
N SER F 322 79.05 -13.65 7.64
CA SER F 322 79.15 -12.52 6.72
C SER F 322 80.03 -12.89 5.53
N ALA F 323 79.97 -12.06 4.49
CA ALA F 323 80.91 -12.22 3.39
C ALA F 323 82.31 -11.99 3.91
N LYS F 324 83.28 -12.75 3.40
CA LYS F 324 84.64 -12.70 3.93
C LYS F 324 85.67 -12.54 2.81
N LEU F 325 86.71 -11.77 3.09
CA LEU F 325 87.89 -11.68 2.25
C LEU F 325 88.84 -12.79 2.67
N ILE F 326 89.19 -13.67 1.74
CA ILE F 326 90.12 -14.76 2.06
C ILE F 326 91.52 -14.55 1.50
N GLU F 327 91.71 -13.64 0.55
CA GLU F 327 93.04 -13.38 0.00
C GLU F 327 93.08 -11.99 -0.61
N GLN F 328 94.21 -11.29 -0.43
CA GLN F 328 94.43 -10.00 -1.06
C GLN F 328 95.91 -9.85 -1.41
N SER F 329 96.18 -9.44 -2.66
CA SER F 329 97.54 -9.26 -3.16
C SER F 329 97.56 -8.01 -4.02
N LEU F 330 98.16 -6.94 -3.52
CA LEU F 330 98.16 -5.65 -4.23
C LEU F 330 99.45 -5.39 -5.03
C3A DP6 G . -17.69 10.11 -17.63
O1A DP6 G . -23.15 6.44 -16.42
O2A DP6 G . -22.44 6.53 -18.82
O3A DP6 G . -19.89 10.98 -17.45
O1B DP6 G . -23.69 3.62 -18.15
O2B DP6 G . -22.76 2.88 -15.99
O3B DP6 G . -21.55 2.31 -18.03
PB DP6 G . -22.41 3.37 -17.39
O6 DP6 G . -21.57 4.68 -17.29
PA DP6 G . -22.03 6.20 -17.40
O5 DP6 G . -20.69 6.97 -17.04
C5 DP6 G . -20.53 8.34 -17.35
C4 DP6 G . -19.41 8.83 -16.44
C3 DP6 G . -18.91 10.23 -16.76
C2 DP6 G . -18.54 10.93 -15.47
C1 DP6 G . -19.71 11.11 -14.53
O1 DP6 G . -20.86 11.47 -14.96
O2 DP6 G . -19.56 10.88 -13.30
H3A1 DP6 G . -16.98 9.66 -17.13
H3A2 DP6 G . -17.40 11.01 -17.90
H3A3 DP6 G . -17.92 9.59 -18.43
HO3A DP6 G . -19.99 11.77 -17.06
H51 DP6 G . -21.35 8.84 -17.16
H52 DP6 G . -20.28 8.46 -18.29
H41 DP6 G . -19.74 8.82 -15.52
H42 DP6 G . -18.66 8.21 -16.52
H21 DP6 G . -17.86 10.39 -15.00
H22 DP6 G . -18.16 11.80 -15.67
C3A DP6 H . 32.97 -16.94 -4.18
O1A DP6 H . 26.61 -15.55 -2.14
O2A DP6 H . 27.68 -17.63 -1.26
O3A DP6 H . 30.90 -17.36 -5.23
O1B DP6 H . 25.62 -16.26 1.03
O2B DP6 H . 26.11 -13.83 0.91
O3B DP6 H . 27.32 -15.25 2.49
PB DP6 H . 26.71 -15.20 1.11
O6 DP6 H . 27.86 -15.49 0.06
PA DP6 H . 27.80 -16.12 -1.39
O5 DP6 H . 29.16 -15.68 -2.10
C5 DP6 H . 29.69 -16.38 -3.20
C4 DP6 H . 30.98 -15.65 -3.54
C3 DP6 H . 31.69 -16.33 -4.70
C2 DP6 H . 31.97 -15.32 -5.79
C1 DP6 H . 30.70 -14.81 -6.41
O1 DP6 H . 29.77 -15.61 -6.78
O2 DP6 H . 30.58 -13.57 -6.58
H3A1 DP6 H . 33.51 -16.24 -3.77
H3A2 DP6 H . 33.46 -17.34 -4.93
H3A3 DP6 H . 32.76 -17.63 -3.52
HO3A DP6 H . 31.32 -17.72 -5.92
H51 DP6 H . 29.07 -16.36 -3.95
H52 DP6 H . 29.88 -17.32 -2.95
H41 DP6 H . 30.76 -14.74 -3.81
H42 DP6 H . 31.57 -15.65 -2.76
H21 DP6 H . 32.46 -14.57 -5.39
H22 DP6 H . 32.52 -15.75 -6.47
C3A DP6 I . -29.94 4.64 21.58
O1A DP6 I . -24.20 3.09 22.57
O2A DP6 I . -23.42 3.59 20.28
O3A DP6 I . -28.15 6.23 21.71
O1B DP6 I . -23.17 -1.04 21.29
O2B DP6 I . -22.50 0.31 19.33
O3B DP6 I . -21.76 0.98 21.59
PB DP6 I . -22.87 0.35 20.78
O6 DP6 I . -24.20 1.20 20.89
PA DP6 I . -24.36 2.75 21.12
O5 DP6 I . -25.86 3.05 20.71
C5 DP6 I . -26.48 4.28 21.04
C4 DP6 I . -27.84 4.21 20.39
C3 DP6 I . -28.80 5.29 20.87
C2 DP6 I . -29.38 5.97 19.65
C1 DP6 I . -28.33 6.69 18.83
O1 DP6 I . -28.43 6.65 17.57
O2 DP6 I . -27.38 7.30 19.40
H3A1 DP6 I . -30.49 4.14 20.94
H3A2 DP6 I . -30.49 5.32 22.02
H3A3 DP6 I . -29.59 4.02 22.26
HO3A DP6 I . -28.21 7.04 21.35
H51 DP6 I . -25.96 5.04 20.69
H52 DP6 I . -26.57 4.37 22.01
H41 DP6 I . -27.73 4.31 19.42
H42 DP6 I . -28.25 3.34 20.58
H21 DP6 I . -29.81 5.30 19.09
H22 DP6 I . -30.05 6.63 19.94
C3A DP6 J . -58.65 -1.20 22.17
O1A DP6 J . -64.86 -2.14 19.61
O2A DP6 J . -64.49 0.15 20.53
O3A DP6 J . -60.60 -2.13 23.19
O1B DP6 J . -66.52 0.26 18.05
O2B DP6 J . -65.55 -1.19 16.33
O3B DP6 J . -64.99 1.21 16.33
PB DP6 J . -65.30 0.01 17.18
O6 DP6 J . -64.04 -0.24 18.09
PA DP6 J . -64.03 -0.88 19.53
O5 DP6 J . -62.49 -1.21 19.78
C5 DP6 J . -62.02 -1.64 21.05
C4 DP6 J . -60.58 -2.03 20.82
C3 DP6 J . -59.77 -2.24 22.07
C2 DP6 J . -59.12 -3.60 21.97
C1 DP6 J . -60.15 -4.72 22.00
O1 DP6 J . -61.17 -4.62 22.76
O2 DP6 J . -59.96 -5.74 21.28
H3A1 DP6 J . -57.93 -1.45 21.56
H3A2 DP6 J . -58.32 -1.17 23.09
H3A3 DP6 J . -59.00 -0.32 21.92
HO3A DP6 J . -60.17 -2.44 23.91
H51 DP6 J . -62.54 -2.40 21.37
H52 DP6 J . -62.07 -0.90 21.70
H41 DP6 J . -60.57 -2.86 20.31
H42 DP6 J . -60.15 -1.32 20.29
H21 DP6 J . -58.62 -3.66 21.12
H22 DP6 J . -58.50 -3.71 22.72
C3A DP6 K . 11.11 16.42 -17.94
O1A DP6 K . 15.93 19.51 -16.00
O2A DP6 K . 17.22 17.45 -15.50
O3A DP6 K . 13.14 16.30 -19.20
O1B DP6 K . 16.16 20.11 -11.73
O2B DP6 K . 17.60 18.17 -11.90
O3B DP6 K . 17.86 20.05 -13.53
PB DP6 K . 16.89 19.25 -12.69
O6 DP6 K . 15.80 18.61 -13.66
PA DP6 K . 15.98 18.25 -15.20
O5 DP6 K . 14.72 17.32 -15.53
C5 DP6 K . 14.37 17.06 -16.87
C4 DP6 K . 13.24 16.05 -16.76
C3 DP6 K . 12.48 15.79 -18.05
C2 DP6 K . 12.33 14.28 -18.14
C1 DP6 K . 13.66 13.55 -18.21
O1 DP6 K . 13.85 12.50 -17.50
O2 DP6 K . 14.58 13.97 -18.96
H3A1 DP6 K . 10.46 15.76 -17.64
H3A2 DP6 K . 10.85 16.78 -18.81
H3A3 DP6 K . 11.15 17.16 -17.29
HO3A DP6 K . 12.88 15.83 -19.92
H51 DP6 K . 15.13 16.68 -17.36
H52 DP6 K . 14.07 17.87 -17.32
H41 DP6 K . 13.61 15.21 -16.46
H42 DP6 K . 12.60 16.39 -16.11
H21 DP6 K . 11.84 13.97 -17.34
H22 DP6 K . 11.81 14.06 -18.93
C3A DP6 L . 62.15 -13.03 -4.61
O1A DP6 L . 67.22 -11.09 -7.35
O2A DP6 L . 67.87 -9.59 -5.50
O3A DP6 L . 64.33 -13.44 -3.74
O1B DP6 L . 66.92 -7.18 -9.42
O2B DP6 L . 67.79 -6.47 -7.26
O3B DP6 L . 68.85 -8.40 -8.38
PB DP6 L . 67.53 -7.67 -8.14
O6 DP6 L . 66.51 -8.66 -7.46
PA DP6 L . 66.80 -9.92 -6.51
O5 DP6 L . 65.39 -10.20 -5.83
C5 DP6 L . 65.21 -11.26 -4.92
C4 DP6 L . 63.76 -11.18 -4.46
C3 DP6 L . 63.30 -12.48 -3.82
C2 DP6 L . 62.82 -12.12 -2.44
C1 DP6 L . 63.98 -11.74 -1.55
O1 DP6 L . 63.85 -10.71 -0.84
O2 DP6 L . 65.05 -12.42 -1.54
H3A1 DP6 L . 61.37 -12.43 -4.53
H3A2 DP6 L . 61.91 -13.92 -4.25
H3A3 DP6 L . 62.40 -13.12 -5.54
HO3A DP6 L . 64.12 -14.06 -3.13
H51 DP6 L . 65.81 -11.16 -4.16
H52 DP6 L . 65.38 -12.12 -5.37
H41 DP6 L . 63.68 -10.46 -3.81
H42 DP6 L . 63.20 -11.00 -5.24
H21 DP6 L . 62.20 -11.37 -2.50
H22 DP6 L . 62.37 -12.90 -2.05
#